data_4KZT
#
_entry.id   4KZT
#
_cell.length_a   165.829
_cell.length_b   110.823
_cell.length_c   117.196
_cell.angle_alpha   90.000
_cell.angle_beta   91.020
_cell.angle_gamma   90.000
#
_symmetry.space_group_name_H-M   'C 1 2 1'
#
loop_
_entity.id
_entity.type
_entity.pdbx_description
1 polymer 'N-acetylglutamate kinase / N-acetylglutamate synthase'
2 non-polymer ARGININE
3 non-polymer DI(HYDROXYETHYL)ETHER
4 water water
#
_entity_poly.entity_id   1
_entity_poly.type   'polypeptide(L)'
_entity_poly.pdbx_seq_one_letter_code
;MGSSHHHHHHSSGLVPRGSHMNPNAPGVRQTIVQLLSHMRDGKEIREYLHRFSGIDQERFAVIKVGGAVIQDDLPGLASA
LAFLQTVGLTPVVVHGGGPQLDAALEAADIPTERVDGLRVTRDEAMPIIRDTLTQANLALVDAIRDAGGRAAAVPRGVFE
ADIVDADKLGRVGEPRHIHLDLVGSAARAGQAAILACLGETPDGTLVNINADVAVRALVHALQPYKVVFLTGTGGLLDED
GDILSSINLATDFGDLMQADWVNGGMRLKLEEIKRLLDDLPLSSSVSITRPSELARELFTHAGSGTLIRRGERMVATDDK
SSLDLGRLDNLVKAAFGRPAVEGYWDRLRVDRAFVTESYRAAAITTRLDGWVYLDKFAVLDDARGEGLGRTVWNRMVDYA
PQLIWRSRTNNPVNGFYFEECDGAVRRDEWTVFWRGEMGPVEVADVVEKAFALPPTLEAPQ
;
_entity_poly.pdbx_strand_id   A,B,X,Y
#
# COMPACT_ATOMS: atom_id res chain seq x y z
N ARG A 29 6.44 4.14 4.30
CA ARG A 29 7.20 3.98 5.54
C ARG A 29 8.44 3.12 5.28
N GLN A 30 8.19 1.82 5.08
CA GLN A 30 9.22 0.85 4.71
C GLN A 30 9.87 1.24 3.38
N THR A 31 9.05 1.78 2.47
CA THR A 31 9.52 2.18 1.14
C THR A 31 10.27 3.51 1.20
N ILE A 32 11.10 3.70 2.23
CA ILE A 32 11.78 4.98 2.45
C ILE A 32 13.24 4.88 2.95
N VAL A 33 13.55 3.84 3.72
CA VAL A 33 14.89 3.61 4.29
C VAL A 33 16.03 3.77 3.29
N GLN A 34 15.66 3.79 2.02
CA GLN A 34 16.59 4.08 0.96
C GLN A 34 15.87 5.08 0.03
N LEU A 35 16.55 6.19 -0.31
CA LEU A 35 16.01 7.35 -1.04
C LEU A 35 17.10 8.42 -0.98
N LEU A 36 17.95 8.19 0.00
CA LEU A 36 18.59 9.23 0.76
C LEU A 36 20.06 8.89 0.96
N SER A 37 20.33 7.63 1.28
CA SER A 37 21.70 7.16 1.45
C SER A 37 22.50 7.31 0.15
N HIS A 38 21.80 7.58 -0.95
CA HIS A 38 22.45 7.86 -2.22
C HIS A 38 22.54 9.39 -2.47
N MET A 39 21.94 10.20 -1.58
CA MET A 39 21.91 11.66 -1.78
C MET A 39 23.27 12.29 -1.86
N ARG A 40 23.29 13.57 -2.20
CA ARG A 40 24.55 14.29 -2.35
C ARG A 40 25.36 14.33 -1.06
N ASP A 41 24.71 14.02 0.07
CA ASP A 41 25.38 13.92 1.38
C ASP A 41 25.21 12.53 2.03
N GLY A 42 24.28 11.74 1.48
CA GLY A 42 23.73 10.54 2.11
C GLY A 42 24.51 9.72 3.13
N LYS A 43 25.13 10.38 4.10
CA LYS A 43 25.94 9.68 5.10
C LYS A 43 25.72 10.24 6.50
N GLU A 44 25.56 11.56 6.59
CA GLU A 44 25.25 12.25 7.84
C GLU A 44 23.74 12.32 7.98
N ILE A 45 23.04 11.88 6.92
CA ILE A 45 21.60 11.91 6.88
C ILE A 45 21.02 10.76 7.68
N ARG A 46 21.70 9.62 7.64
CA ARG A 46 21.34 8.45 8.45
C ARG A 46 21.23 8.87 9.90
N GLU A 47 22.19 9.69 10.38
CA GLU A 47 22.23 10.12 11.78
C GLU A 47 20.99 10.85 12.24
N TYR A 48 20.61 11.91 11.54
CA TYR A 48 19.48 12.73 11.99
C TYR A 48 18.18 11.95 11.89
N LEU A 49 18.09 11.06 10.91
CA LEU A 49 16.97 10.12 10.80
C LEU A 49 16.85 9.32 12.11
N HIS A 50 17.97 8.69 12.53
CA HIS A 50 18.06 7.91 13.76
C HIS A 50 17.66 8.77 14.96
N ARG A 51 18.14 10.01 14.96
CA ARG A 51 17.90 11.00 15.99
C ARG A 51 16.42 11.42 16.07
N PHE A 52 15.80 11.61 14.91
CA PHE A 52 14.45 12.13 14.87
C PHE A 52 13.45 11.00 15.12
N SER A 53 13.88 9.77 14.86
CA SER A 53 13.12 8.53 15.16
C SER A 53 13.33 8.01 16.61
N GLY A 54 13.42 8.90 17.58
CA GLY A 54 13.33 8.54 18.98
C GLY A 54 11.94 9.08 19.27
N ILE A 55 10.94 8.30 18.87
CA ILE A 55 9.54 8.70 18.70
C ILE A 55 8.78 9.21 19.90
N ASP A 56 8.65 8.33 20.91
CA ASP A 56 7.67 8.49 21.98
C ASP A 56 6.26 8.74 21.46
N GLN A 57 6.16 9.58 20.43
CA GLN A 57 4.93 10.00 19.75
C GLN A 57 5.26 11.21 18.88
N GLU A 58 4.77 12.37 19.33
CA GLU A 58 4.98 13.62 18.64
C GLU A 58 6.01 14.45 19.35
N ARG A 59 7.12 13.82 19.72
CA ARG A 59 8.19 14.54 20.39
C ARG A 59 9.34 14.84 19.42
N PHE A 60 9.12 14.57 18.13
CA PHE A 60 10.15 14.90 17.14
C PHE A 60 10.24 16.40 17.02
N ALA A 61 9.11 17.04 16.72
CA ALA A 61 9.16 18.47 16.47
C ALA A 61 7.88 19.18 16.76
N VAL A 62 8.00 20.46 17.07
CA VAL A 62 6.88 21.38 17.08
C VAL A 62 7.24 22.45 16.05
N ILE A 63 6.34 22.68 15.09
CA ILE A 63 6.61 23.60 13.98
C ILE A 63 5.57 24.69 14.00
N LYS A 64 5.93 25.86 14.54
CA LYS A 64 5.04 27.00 14.41
C LYS A 64 5.14 27.49 12.97
N VAL A 65 4.00 27.90 12.41
CA VAL A 65 3.96 28.54 11.09
C VAL A 65 2.93 29.67 11.10
N GLY A 66 3.41 30.89 10.90
CA GLY A 66 2.60 32.09 10.98
C GLY A 66 1.49 32.15 9.94
N GLY A 67 0.48 32.97 10.20
CA GLY A 67 -0.63 33.13 9.27
C GLY A 67 -0.23 33.59 7.88
N ALA A 68 0.76 34.47 7.83
CA ALA A 68 1.19 35.05 6.57
C ALA A 68 1.74 33.98 5.63
N VAL A 69 2.13 32.84 6.20
CA VAL A 69 2.80 31.79 5.44
C VAL A 69 1.80 30.84 4.80
N ILE A 70 0.68 30.60 5.48
CA ILE A 70 -0.36 29.74 4.91
C ILE A 70 -1.08 30.42 3.74
N GLN A 71 -1.12 31.75 3.76
CA GLN A 71 -1.81 32.50 2.74
C GLN A 71 -0.98 32.64 1.48
N ASP A 72 0.31 33.00 1.65
CA ASP A 72 1.17 33.37 0.53
C ASP A 72 2.00 32.24 -0.11
N ASP A 73 2.03 31.08 0.54
CA ASP A 73 2.85 29.96 0.06
C ASP A 73 2.33 28.64 0.61
N LEU A 74 1.01 28.46 0.57
CA LEU A 74 0.35 27.23 1.04
C LEU A 74 0.89 25.91 0.40
N PRO A 75 1.08 25.88 -0.94
CA PRO A 75 1.64 24.65 -1.55
C PRO A 75 3.04 24.27 -1.03
N GLY A 76 3.96 25.23 -1.03
CA GLY A 76 5.32 24.94 -0.60
C GLY A 76 5.39 24.49 0.83
N LEU A 77 4.68 25.20 1.69
CA LEU A 77 4.56 24.82 3.08
C LEU A 77 4.07 23.38 3.21
N ALA A 78 3.13 22.98 2.34
CA ALA A 78 2.56 21.62 2.40
C ALA A 78 3.49 20.51 1.86
N SER A 79 4.27 20.80 0.82
CA SER A 79 5.25 19.85 0.30
C SER A 79 6.34 19.59 1.33
N ALA A 80 6.73 20.66 2.03
CA ALA A 80 7.72 20.57 3.09
C ALA A 80 7.27 19.57 4.17
N LEU A 81 6.11 19.85 4.79
CA LEU A 81 5.57 19.00 5.85
C LEU A 81 5.17 17.62 5.33
N ALA A 82 4.82 17.51 4.04
CA ALA A 82 4.47 16.21 3.48
C ALA A 82 5.71 15.35 3.37
N PHE A 83 6.79 15.95 2.89
CA PHE A 83 8.06 15.24 2.79
C PHE A 83 8.39 14.53 4.12
N LEU A 84 8.35 15.28 5.23
CA LEU A 84 8.59 14.72 6.58
C LEU A 84 7.78 13.49 6.84
N GLN A 85 6.49 13.60 6.55
CA GLN A 85 5.58 12.50 6.78
C GLN A 85 6.07 11.28 5.98
N THR A 86 6.44 11.45 4.71
CA THR A 86 6.83 10.28 3.92
C THR A 86 8.09 9.65 4.53
N VAL A 87 8.93 10.48 5.12
CA VAL A 87 10.16 9.97 5.70
C VAL A 87 9.91 9.28 7.06
N GLY A 88 8.70 9.40 7.58
CA GLY A 88 8.34 8.64 8.77
C GLY A 88 8.22 9.47 10.02
N LEU A 89 8.27 10.79 9.87
CA LEU A 89 8.18 11.70 11.01
C LEU A 89 6.85 12.43 10.98
N THR A 90 6.41 12.87 12.15
CA THR A 90 5.10 13.47 12.28
C THR A 90 5.21 14.68 13.20
N PRO A 91 5.38 15.87 12.61
CA PRO A 91 5.52 17.05 13.45
C PRO A 91 4.19 17.48 13.97
N VAL A 92 4.18 18.20 15.08
CA VAL A 92 2.99 18.85 15.61
C VAL A 92 3.06 20.28 15.13
N VAL A 93 2.09 20.68 14.32
CA VAL A 93 2.14 22.02 13.78
C VAL A 93 1.19 22.97 14.51
N VAL A 94 1.61 24.21 14.65
CA VAL A 94 0.76 25.25 15.23
C VAL A 94 0.75 26.45 14.35
N HIS A 95 -0.42 26.74 13.81
CA HIS A 95 -0.55 27.83 12.88
C HIS A 95 -1.31 28.99 13.53
N GLY A 96 -0.97 30.20 13.12
CA GLY A 96 -1.66 31.39 13.58
C GLY A 96 -2.60 31.88 12.50
N GLY A 97 -2.96 33.15 12.57
CA GLY A 97 -3.86 33.75 11.60
C GLY A 97 -3.62 35.23 11.39
N GLY A 98 -2.37 35.59 11.06
CA GLY A 98 -2.03 36.97 10.79
C GLY A 98 -2.92 37.61 9.74
N PRO A 99 -2.49 37.56 8.47
CA PRO A 99 -3.23 38.11 7.32
C PRO A 99 -4.60 37.46 7.01
N GLN A 100 -5.11 36.63 7.93
CA GLN A 100 -6.45 36.05 7.82
C GLN A 100 -7.43 36.79 8.74
N LEU A 101 -7.63 36.27 9.95
CA LEU A 101 -8.61 36.86 10.88
C LEU A 101 -8.25 38.26 11.37
N ASP A 102 -6.95 38.51 11.53
CA ASP A 102 -6.48 39.80 12.02
C ASP A 102 -6.38 40.76 10.84
N ALA A 103 -7.24 40.52 9.86
CA ALA A 103 -7.30 41.31 8.64
C ALA A 103 -8.53 40.87 7.86
N ALA A 104 -8.30 39.99 6.88
CA ALA A 104 -9.32 39.49 5.94
C ALA A 104 -10.76 39.43 6.47
N LEU A 105 -10.99 38.66 7.52
CA LEU A 105 -12.35 38.43 7.98
C LEU A 105 -12.81 39.41 9.08
N GLU A 106 -12.11 40.54 9.21
CA GLU A 106 -12.51 41.56 10.19
C GLU A 106 -12.14 43.00 9.80
N ALA A 107 -11.85 43.22 8.52
CA ALA A 107 -11.60 44.57 8.02
C ALA A 107 -12.79 45.03 7.17
N ALA A 108 -13.64 44.07 6.83
CA ALA A 108 -14.92 44.35 6.18
C ALA A 108 -16.03 43.89 7.12
N ASP A 109 -15.71 43.84 8.42
CA ASP A 109 -16.63 43.33 9.43
C ASP A 109 -16.91 44.36 10.53
N ILE A 110 -16.29 45.53 10.41
CA ILE A 110 -16.24 46.55 11.48
C ILE A 110 -16.20 46.07 12.95
N PRO A 111 -15.13 45.37 13.36
CA PRO A 111 -14.84 45.30 14.80
C PRO A 111 -13.58 46.10 15.13
N THR A 112 -12.83 46.50 14.10
CA THR A 112 -11.58 47.26 14.21
C THR A 112 -10.49 46.55 15.01
N GLU A 113 -9.38 46.26 14.35
CA GLU A 113 -8.29 45.48 14.92
C GLU A 113 -7.76 46.08 16.21
N ARG A 114 -8.38 45.69 17.31
CA ARG A 114 -7.96 46.13 18.63
C ARG A 114 -6.67 45.44 19.01
N VAL A 115 -5.62 46.23 19.22
CA VAL A 115 -4.35 45.71 19.74
C VAL A 115 -3.87 46.56 20.91
N ASP A 116 -3.96 46.00 22.12
CA ASP A 116 -3.61 46.73 23.34
C ASP A 116 -2.55 46.01 24.18
N GLY A 117 -3.00 45.10 25.04
CA GLY A 117 -2.11 44.22 25.78
C GLY A 117 -1.12 43.60 24.81
N LEU A 118 -1.61 42.67 24.00
CA LEU A 118 -0.88 42.18 22.82
C LEU A 118 -1.82 41.51 21.78
N ARG A 119 -3.06 41.22 22.17
CA ARG A 119 -4.01 40.52 21.29
C ARG A 119 -5.44 40.48 21.86
N VAL A 120 -6.26 41.50 21.59
CA VAL A 120 -7.59 41.56 22.22
C VAL A 120 -8.71 41.05 21.32
N THR A 121 -9.66 40.31 21.93
CA THR A 121 -10.82 39.77 21.23
C THR A 121 -12.06 39.87 22.10
N ARG A 122 -13.02 40.71 21.71
CA ARG A 122 -14.27 40.80 22.46
C ARG A 122 -15.14 39.54 22.29
N ASP A 123 -16.26 39.49 23.01
CA ASP A 123 -17.13 38.31 22.99
C ASP A 123 -17.82 38.13 21.63
N GLU A 124 -18.21 39.24 21.02
CA GLU A 124 -18.88 39.19 19.73
C GLU A 124 -17.98 38.65 18.62
N ALA A 125 -16.70 39.03 18.65
CA ALA A 125 -15.79 38.69 17.57
C ALA A 125 -15.13 37.33 17.80
N MET A 126 -15.77 36.50 18.61
CA MET A 126 -15.22 35.19 18.93
C MET A 126 -15.66 34.13 17.92
N PRO A 127 -16.94 34.13 17.51
CA PRO A 127 -17.27 33.12 16.51
C PRO A 127 -16.70 33.44 15.13
N ILE A 128 -16.20 34.66 14.93
CA ILE A 128 -15.49 34.96 13.69
C ILE A 128 -14.18 34.20 13.71
N ILE A 129 -13.47 34.29 14.84
CA ILE A 129 -12.20 33.63 15.06
C ILE A 129 -12.31 32.12 14.87
N ARG A 130 -13.32 31.53 15.52
CA ARG A 130 -13.59 30.10 15.48
C ARG A 130 -13.59 29.53 14.05
N ASP A 131 -14.38 30.14 13.18
CA ASP A 131 -14.58 29.59 11.84
C ASP A 131 -13.48 30.03 10.88
N THR A 132 -12.72 31.05 11.28
CA THR A 132 -11.59 31.54 10.48
C THR A 132 -10.37 30.64 10.61
N LEU A 133 -9.98 30.35 11.85
CA LEU A 133 -8.82 29.50 12.10
C LEU A 133 -9.05 28.06 11.66
N THR A 134 -10.29 27.60 11.80
CA THR A 134 -10.65 26.25 11.42
C THR A 134 -10.57 26.10 9.90
N GLN A 135 -10.98 27.14 9.19
CA GLN A 135 -10.97 27.13 7.73
C GLN A 135 -9.51 27.09 7.32
N ALA A 136 -8.71 27.94 7.96
CA ALA A 136 -7.26 27.95 7.81
C ALA A 136 -6.72 26.55 8.12
N ASN A 137 -7.19 26.00 9.23
CA ASN A 137 -6.76 24.68 9.67
C ASN A 137 -7.00 23.61 8.63
N LEU A 138 -8.20 23.57 8.05
CA LEU A 138 -8.49 22.56 7.04
C LEU A 138 -7.83 22.84 5.70
N ALA A 139 -7.65 24.13 5.38
CA ALA A 139 -6.90 24.50 4.17
C ALA A 139 -5.51 23.89 4.27
N LEU A 140 -4.90 23.96 5.47
CA LEU A 140 -3.60 23.33 5.71
C LEU A 140 -3.63 21.79 5.68
N VAL A 141 -4.63 21.18 6.32
CA VAL A 141 -4.73 19.74 6.42
C VAL A 141 -4.92 19.12 5.03
N ASP A 142 -5.80 19.72 4.23
CA ASP A 142 -6.07 19.17 2.93
C ASP A 142 -4.87 19.36 2.02
N ALA A 143 -4.26 20.54 2.07
CA ALA A 143 -3.06 20.84 1.28
C ALA A 143 -1.96 19.83 1.57
N ILE A 144 -1.82 19.46 2.83
CA ILE A 144 -0.81 18.48 3.22
C ILE A 144 -1.14 17.12 2.65
N ARG A 145 -2.42 16.76 2.73
CA ARG A 145 -2.91 15.51 2.16
C ARG A 145 -2.75 15.49 0.65
N ASP A 146 -3.04 16.62 0.00
CA ASP A 146 -2.88 16.80 -1.45
C ASP A 146 -1.43 16.56 -1.93
N ALA A 147 -0.46 17.03 -1.14
CA ALA A 147 0.94 16.92 -1.52
C ALA A 147 1.51 15.53 -1.22
N GLY A 148 0.64 14.64 -0.71
CA GLY A 148 1.01 13.25 -0.54
C GLY A 148 1.19 12.83 0.91
N GLY A 149 1.07 13.78 1.83
CA GLY A 149 1.35 13.50 3.22
C GLY A 149 0.10 13.22 4.02
N ARG A 150 0.30 12.78 5.25
CA ARG A 150 -0.81 12.47 6.14
C ARG A 150 -0.92 13.55 7.23
N ALA A 151 -2.11 14.07 7.43
CA ALA A 151 -2.33 15.09 8.45
C ALA A 151 -3.69 14.91 9.13
N ALA A 152 -3.89 15.64 10.24
CA ALA A 152 -5.09 15.52 11.04
C ALA A 152 -5.48 16.88 11.60
N ALA A 153 -6.70 17.31 11.28
CA ALA A 153 -7.25 18.59 11.73
C ALA A 153 -7.50 18.59 13.24
N VAL A 154 -6.76 19.41 13.97
CA VAL A 154 -7.04 19.57 15.40
C VAL A 154 -7.32 21.04 15.71
N PRO A 155 -8.44 21.57 15.18
CA PRO A 155 -8.78 22.99 15.33
C PRO A 155 -8.93 23.41 16.78
N ARG A 156 -9.44 22.52 17.62
CA ARG A 156 -9.58 22.83 19.03
C ARG A 156 -9.55 21.59 19.92
N GLY A 157 -9.44 21.82 21.22
CA GLY A 157 -9.52 20.73 22.17
C GLY A 157 -8.17 20.29 22.68
N VAL A 158 -7.13 20.98 22.25
CA VAL A 158 -5.82 20.72 22.80
C VAL A 158 -5.59 21.66 23.98
N PHE A 159 -5.82 22.95 23.76
CA PHE A 159 -5.52 23.98 24.75
C PHE A 159 -6.61 24.27 25.80
N GLU A 160 -6.47 23.75 27.02
CA GLU A 160 -7.32 24.16 28.15
C GLU A 160 -6.69 25.43 28.73
N ALA A 161 -7.45 26.53 28.78
CA ALA A 161 -6.84 27.82 29.07
C ALA A 161 -7.61 28.63 30.09
N ASP A 162 -6.90 29.53 30.78
CA ASP A 162 -7.49 30.41 31.78
C ASP A 162 -7.74 31.81 31.24
N ILE A 163 -8.95 32.32 31.48
CA ILE A 163 -9.36 33.62 30.98
C ILE A 163 -8.80 34.75 31.86
N VAL A 164 -7.49 34.99 31.78
CA VAL A 164 -6.87 36.01 32.61
C VAL A 164 -6.74 37.35 31.88
N ASP A 165 -7.74 38.21 32.07
CA ASP A 165 -7.79 39.59 31.57
C ASP A 165 -9.12 40.26 31.88
N ALA A 166 -10.17 39.44 31.98
CA ALA A 166 -11.53 39.90 32.29
C ALA A 166 -12.09 40.88 31.25
N ASP A 167 -12.17 42.14 31.64
CA ASP A 167 -12.73 43.18 30.78
C ASP A 167 -11.63 43.97 30.08
N LYS A 168 -10.39 43.80 30.56
CA LYS A 168 -9.27 44.56 30.04
C LYS A 168 -8.90 44.14 28.60
N LEU A 169 -9.11 42.86 28.27
CA LEU A 169 -8.77 42.34 26.94
C LEU A 169 -9.97 41.70 26.24
N GLY A 170 -10.79 40.99 27.01
CA GLY A 170 -11.94 40.30 26.44
C GLY A 170 -11.78 38.80 26.61
N ARG A 171 -11.90 38.06 25.51
CA ARG A 171 -11.94 36.61 25.56
C ARG A 171 -10.62 35.93 25.15
N VAL A 172 -9.54 36.29 25.83
CA VAL A 172 -8.22 35.73 25.51
C VAL A 172 -7.72 34.88 26.69
N GLY A 173 -7.16 33.71 26.40
CA GLY A 173 -6.78 32.76 27.43
C GLY A 173 -5.32 32.36 27.59
N GLU A 174 -5.03 31.78 28.75
CA GLU A 174 -3.67 31.34 29.10
C GLU A 174 -3.63 29.86 29.49
N PRO A 175 -2.92 29.05 28.68
CA PRO A 175 -2.82 27.58 28.78
C PRO A 175 -2.40 27.03 30.13
N ARG A 176 -3.35 26.42 30.84
CA ARG A 176 -3.11 25.72 32.10
C ARG A 176 -2.70 24.29 31.88
N HIS A 177 -3.31 23.65 30.87
CA HIS A 177 -3.08 22.24 30.63
C HIS A 177 -3.02 21.94 29.13
N ILE A 178 -2.20 20.96 28.75
CA ILE A 178 -2.12 20.54 27.36
C ILE A 178 -2.62 19.11 27.24
N HIS A 179 -3.80 18.98 26.64
CA HIS A 179 -4.40 17.69 26.37
C HIS A 179 -3.84 17.12 25.07
N LEU A 180 -2.97 16.12 25.19
CA LEU A 180 -2.31 15.47 24.06
C LEU A 180 -3.08 14.26 23.55
N ASP A 181 -4.38 14.23 23.82
CA ASP A 181 -5.22 13.13 23.39
C ASP A 181 -5.17 12.93 21.88
N LEU A 182 -5.58 13.98 21.17
CA LEU A 182 -5.75 13.95 19.72
C LEU A 182 -4.40 13.86 19.04
N VAL A 183 -3.44 14.61 19.57
CA VAL A 183 -2.06 14.59 19.10
C VAL A 183 -1.42 13.19 19.13
N GLY A 184 -1.54 12.50 20.25
CA GLY A 184 -0.99 11.16 20.32
C GLY A 184 -1.57 10.26 19.27
N SER A 185 -2.90 10.29 19.09
CA SER A 185 -3.54 9.42 18.11
C SER A 185 -3.13 9.78 16.66
N ALA A 186 -2.95 11.08 16.38
CA ALA A 186 -2.49 11.55 15.06
C ALA A 186 -1.14 10.92 14.79
N ALA A 187 -0.19 11.22 15.66
CA ALA A 187 1.14 10.63 15.64
C ALA A 187 1.12 9.15 15.38
N ARG A 188 0.31 8.40 16.12
CA ARG A 188 0.26 6.95 15.98
C ARG A 188 -0.18 6.56 14.56
N ALA A 189 -0.97 7.42 13.94
CA ALA A 189 -1.48 7.11 12.60
C ALA A 189 -0.53 7.62 11.53
N GLY A 190 0.61 8.17 11.97
CA GLY A 190 1.59 8.71 11.06
C GLY A 190 1.09 10.04 10.52
N GLN A 191 0.46 10.82 11.37
CA GLN A 191 -0.10 12.07 10.88
C GLN A 191 0.53 13.30 11.53
N ALA A 192 0.61 14.36 10.74
CA ALA A 192 0.97 15.65 11.26
C ALA A 192 -0.24 16.16 12.00
N ALA A 193 -0.08 16.44 13.28
CA ALA A 193 -1.18 17.05 14.03
C ALA A 193 -1.19 18.55 13.74
N ILE A 194 -2.21 19.03 13.04
CA ILE A 194 -2.27 20.45 12.72
C ILE A 194 -3.09 21.25 13.71
N LEU A 195 -2.44 21.83 14.72
CA LEU A 195 -3.19 22.50 15.77
C LEU A 195 -3.46 23.94 15.42
N ALA A 196 -4.55 24.46 15.96
CA ALA A 196 -4.89 25.84 15.76
C ALA A 196 -4.91 26.45 17.14
N CYS A 197 -4.85 27.77 17.20
CA CYS A 197 -4.74 28.44 18.48
C CYS A 197 -6.09 28.76 19.14
N LEU A 198 -6.92 27.74 19.27
CA LEU A 198 -8.19 27.88 19.96
C LEU A 198 -8.19 27.02 21.21
N GLY A 199 -8.73 27.55 22.29
CA GLY A 199 -8.72 26.84 23.55
C GLY A 199 -10.00 26.91 24.34
N GLU A 200 -10.12 25.99 25.29
CA GLU A 200 -11.26 25.93 26.21
C GLU A 200 -10.96 26.62 27.54
N THR A 201 -11.83 26.40 28.52
CA THR A 201 -11.60 26.85 29.89
C THR A 201 -11.92 25.67 30.80
N PRO A 202 -11.74 25.84 32.11
CA PRO A 202 -12.25 24.79 32.99
C PRO A 202 -13.72 24.40 32.71
N ASP A 203 -14.57 25.36 32.34
CA ASP A 203 -16.01 25.06 32.17
C ASP A 203 -16.52 25.19 30.72
N GLY A 204 -15.64 24.92 29.77
CA GLY A 204 -16.07 24.77 28.39
C GLY A 204 -15.84 25.95 27.48
N THR A 205 -16.22 27.15 27.95
CA THR A 205 -16.24 28.36 27.13
C THR A 205 -15.07 28.49 26.15
N LEU A 206 -15.37 28.54 24.86
CA LEU A 206 -14.34 28.67 23.83
C LEU A 206 -13.62 30.02 23.94
N VAL A 207 -12.30 29.99 23.93
CA VAL A 207 -11.49 31.18 24.20
C VAL A 207 -10.29 31.29 23.22
N ASN A 208 -9.88 32.53 22.92
CA ASN A 208 -8.78 32.77 21.97
C ASN A 208 -7.39 32.78 22.59
N ILE A 209 -6.45 32.13 21.91
CA ILE A 209 -5.07 32.03 22.35
C ILE A 209 -4.11 32.54 21.28
N ASN A 210 -3.21 33.47 21.65
CA ASN A 210 -2.27 33.98 20.65
C ASN A 210 -1.21 32.92 20.39
N ALA A 211 -0.72 32.88 19.16
CA ALA A 211 0.13 31.79 18.70
C ALA A 211 1.37 31.53 19.58
N ASP A 212 2.05 32.59 20.00
CA ASP A 212 3.33 32.43 20.69
C ASP A 212 3.21 31.75 22.07
N VAL A 213 2.25 32.15 22.89
CA VAL A 213 2.06 31.48 24.19
C VAL A 213 1.63 30.03 24.00
N ALA A 214 0.93 29.78 22.90
CA ALA A 214 0.51 28.42 22.55
C ALA A 214 1.75 27.57 22.30
N VAL A 215 2.65 28.08 21.47
CA VAL A 215 3.86 27.35 21.13
C VAL A 215 4.72 27.15 22.37
N ARG A 216 4.70 28.13 23.27
CA ARG A 216 5.49 28.04 24.49
C ARG A 216 4.93 26.92 25.36
N ALA A 217 3.62 26.97 25.63
CA ALA A 217 3.02 25.96 26.48
C ALA A 217 3.01 24.58 25.83
N LEU A 218 3.14 24.56 24.52
CA LEU A 218 3.08 23.29 23.78
C LEU A 218 4.45 22.61 23.83
N VAL A 219 5.48 23.44 23.63
CA VAL A 219 6.84 22.97 23.66
C VAL A 219 7.17 22.42 25.03
N HIS A 220 6.64 23.10 26.05
CA HIS A 220 6.88 22.76 27.48
C HIS A 220 6.27 21.42 27.80
N ALA A 221 5.13 21.16 27.16
CA ALA A 221 4.39 19.91 27.36
C ALA A 221 5.03 18.80 26.55
N LEU A 222 5.35 19.10 25.30
CA LEU A 222 5.85 18.05 24.41
C LEU A 222 7.35 17.78 24.56
N GLN A 223 8.09 18.75 25.09
CA GLN A 223 9.56 18.65 25.17
C GLN A 223 10.16 18.09 23.89
N PRO A 224 9.93 18.76 22.75
CA PRO A 224 10.38 18.20 21.49
C PRO A 224 11.89 18.25 21.27
N TYR A 225 12.40 17.33 20.47
CA TYR A 225 13.83 17.35 20.11
C TYR A 225 14.18 18.62 19.28
N LYS A 226 13.16 19.23 18.67
CA LYS A 226 13.33 20.26 17.66
C LYS A 226 12.13 21.21 17.67
N VAL A 227 12.36 22.51 17.81
CA VAL A 227 11.33 23.50 17.55
C VAL A 227 11.72 24.19 16.25
N VAL A 228 10.76 24.35 15.34
CA VAL A 228 11.02 24.90 14.01
C VAL A 228 10.09 26.06 13.74
N PHE A 229 10.65 27.19 13.32
CA PHE A 229 9.84 28.32 12.88
C PHE A 229 9.89 28.42 11.38
N LEU A 230 8.72 28.37 10.74
CA LEU A 230 8.61 28.56 9.27
C LEU A 230 8.08 29.95 8.97
N THR A 231 8.94 30.75 8.35
CA THR A 231 8.56 32.08 7.88
C THR A 231 9.04 32.19 6.44
N GLY A 232 8.57 33.19 5.70
CA GLY A 232 9.05 33.40 4.35
C GLY A 232 10.45 34.00 4.31
N THR A 233 10.77 34.78 5.34
CA THR A 233 12.07 35.43 5.45
C THR A 233 13.27 34.46 5.37
N GLY A 234 13.07 33.22 5.81
CA GLY A 234 14.03 32.15 5.58
C GLY A 234 15.17 31.98 6.58
N GLY A 235 15.14 32.78 7.64
CA GLY A 235 16.18 32.72 8.66
C GLY A 235 16.29 34.04 9.39
N LEU A 236 17.34 34.18 10.19
CA LEU A 236 17.59 35.42 10.90
C LEU A 236 18.76 36.15 10.24
N LEU A 237 18.79 37.48 10.35
CA LEU A 237 19.75 38.25 9.56
C LEU A 237 20.94 38.79 10.36
N ASP A 238 22.12 38.75 9.74
CA ASP A 238 23.29 39.28 10.40
C ASP A 238 23.51 40.76 10.06
N GLU A 239 24.59 41.31 10.58
CA GLU A 239 24.94 42.71 10.43
C GLU A 239 24.82 43.20 8.99
N ASP A 240 25.37 42.44 8.04
CA ASP A 240 25.34 42.83 6.63
C ASP A 240 24.22 42.20 5.80
N GLY A 241 23.14 41.80 6.46
CA GLY A 241 21.96 41.32 5.75
C GLY A 241 21.96 39.86 5.32
N ASP A 242 23.11 39.19 5.42
CA ASP A 242 23.18 37.75 5.15
C ASP A 242 22.39 36.95 6.21
N ILE A 243 22.16 35.67 5.94
CA ILE A 243 21.51 34.81 6.92
C ILE A 243 22.49 34.27 7.97
N LEU A 244 22.19 34.55 9.23
CA LEU A 244 22.95 34.06 10.36
C LEU A 244 22.76 32.55 10.54
N SER A 245 23.77 31.76 10.24
CA SER A 245 23.66 30.30 10.24
C SER A 245 23.37 29.68 11.59
N SER A 246 24.15 30.08 12.59
CA SER A 246 24.06 29.48 13.92
C SER A 246 24.08 30.53 15.01
N ILE A 247 23.42 30.22 16.10
CA ILE A 247 23.52 30.99 17.33
C ILE A 247 23.73 30.02 18.48
N ASN A 248 24.75 30.32 19.28
CA ASN A 248 25.11 29.56 20.46
C ASN A 248 24.86 30.49 21.64
N LEU A 249 23.70 30.37 22.29
CA LEU A 249 23.28 31.32 23.30
C LEU A 249 24.31 31.51 24.40
N ALA A 250 25.01 30.42 24.74
CA ALA A 250 26.02 30.44 25.79
C ALA A 250 26.96 31.60 25.58
N THR A 251 27.53 31.72 24.38
CA THR A 251 28.52 32.75 24.10
C THR A 251 27.91 34.00 23.43
N ASP A 252 26.87 33.79 22.63
CA ASP A 252 26.35 34.82 21.74
C ASP A 252 25.20 35.68 22.26
N PHE A 253 24.50 35.23 23.30
CA PHE A 253 23.29 35.91 23.74
C PHE A 253 23.55 37.32 24.24
N GLY A 254 24.47 37.45 25.21
CA GLY A 254 24.87 38.75 25.69
C GLY A 254 25.37 39.65 24.57
N ASP A 255 26.25 39.12 23.73
CA ASP A 255 26.79 39.86 22.58
C ASP A 255 25.69 40.44 21.67
N LEU A 256 24.63 39.67 21.44
CA LEU A 256 23.60 40.04 20.48
C LEU A 256 22.59 41.07 21.01
N MET A 257 22.31 41.04 22.31
CA MET A 257 21.31 41.94 22.88
C MET A 257 21.90 43.36 23.01
N GLN A 258 23.21 43.45 23.24
CA GLN A 258 23.86 44.77 23.39
C GLN A 258 24.44 45.21 22.05
N ALA A 259 24.08 44.48 21.00
CA ALA A 259 24.48 44.87 19.66
C ALA A 259 23.49 45.90 19.16
N ASP A 260 24.02 46.99 18.62
CA ASP A 260 23.17 48.08 18.15
C ASP A 260 22.53 47.75 16.81
N TRP A 261 23.18 46.87 16.04
CA TRP A 261 22.65 46.46 14.76
C TRP A 261 21.46 45.50 14.86
N VAL A 262 21.36 44.77 15.97
CA VAL A 262 20.22 43.86 16.21
C VAL A 262 19.00 44.66 16.62
N ASN A 263 18.02 44.73 15.71
CA ASN A 263 16.86 45.60 15.92
C ASN A 263 15.95 45.14 17.05
N GLY A 264 15.15 46.09 17.56
CA GLY A 264 14.31 45.85 18.73
C GLY A 264 13.35 44.69 18.64
N GLY A 265 13.00 44.31 17.41
CA GLY A 265 12.10 43.20 17.21
C GLY A 265 12.84 41.89 17.17
N MET A 266 14.06 41.92 16.62
CA MET A 266 14.88 40.71 16.55
C MET A 266 15.33 40.36 17.96
N ARG A 267 15.43 41.38 18.80
CA ARG A 267 15.82 41.22 20.20
C ARG A 267 14.68 40.63 21.00
N LEU A 268 13.49 40.57 20.41
CA LEU A 268 12.35 40.02 21.12
C LEU A 268 12.27 38.53 20.82
N LYS A 269 12.38 38.18 19.54
CA LYS A 269 12.38 36.77 19.12
C LYS A 269 13.44 35.98 19.90
N LEU A 270 14.65 36.55 20.00
CA LEU A 270 15.75 35.89 20.68
C LEU A 270 15.38 35.64 22.14
N GLU A 271 14.83 36.65 22.79
CA GLU A 271 14.40 36.55 24.17
C GLU A 271 13.44 35.36 24.34
N GLU A 272 12.41 35.31 23.51
CA GLU A 272 11.44 34.20 23.58
C GLU A 272 12.07 32.85 23.23
N ILE A 273 13.01 32.87 22.29
CA ILE A 273 13.69 31.66 21.87
C ILE A 273 14.54 31.11 23.03
N LYS A 274 15.12 32.00 23.84
CA LYS A 274 15.86 31.56 25.02
C LYS A 274 14.90 30.87 25.96
N ARG A 275 13.77 31.53 26.20
CA ARG A 275 12.79 31.03 27.15
C ARG A 275 12.31 29.64 26.78
N LEU A 276 12.15 29.37 25.49
CA LEU A 276 11.78 28.03 25.03
C LEU A 276 12.93 27.06 25.31
N LEU A 277 14.14 27.46 24.93
CA LEU A 277 15.26 26.54 25.00
C LEU A 277 15.72 26.29 26.44
N ASP A 278 15.42 27.22 27.36
CA ASP A 278 15.83 27.07 28.76
C ASP A 278 14.94 26.05 29.48
N ASP A 279 13.81 25.72 28.83
CA ASP A 279 12.83 24.79 29.37
C ASP A 279 12.91 23.47 28.62
N LEU A 280 13.91 23.33 27.75
CA LEU A 280 14.10 22.08 27.01
C LEU A 280 15.46 21.48 27.32
N PRO A 281 15.65 20.20 27.00
CA PRO A 281 16.99 19.61 27.14
C PRO A 281 18.02 20.32 26.26
N LEU A 282 19.29 20.02 26.51
CA LEU A 282 20.37 20.63 25.78
C LEU A 282 20.39 20.12 24.36
N SER A 283 19.71 19.01 24.11
CA SER A 283 19.72 18.40 22.77
C SER A 283 18.69 19.06 21.90
N SER A 284 17.80 19.84 22.51
CA SER A 284 16.72 20.46 21.77
C SER A 284 17.17 21.78 21.15
N SER A 285 17.22 21.79 19.83
CA SER A 285 17.60 22.98 19.11
C SER A 285 16.38 23.69 18.53
N VAL A 286 16.56 24.93 18.13
CA VAL A 286 15.54 25.66 17.36
C VAL A 286 16.04 26.06 15.97
N SER A 287 15.21 25.86 14.94
CA SER A 287 15.54 26.33 13.58
C SER A 287 14.56 27.37 13.10
N ILE A 288 15.05 28.32 12.32
CA ILE A 288 14.18 29.25 11.62
C ILE A 288 14.45 29.17 10.12
N THR A 289 13.41 28.88 9.34
CA THR A 289 13.58 28.66 7.89
C THR A 289 12.37 29.03 7.08
N ARG A 290 12.51 28.76 5.79
CA ARG A 290 11.40 28.75 4.86
C ARG A 290 11.17 27.28 4.47
N PRO A 291 9.93 26.96 4.10
CA PRO A 291 9.55 25.59 3.77
C PRO A 291 10.51 24.88 2.81
N SER A 292 10.95 25.56 1.76
CA SER A 292 11.81 24.95 0.74
C SER A 292 13.17 24.46 1.29
N GLU A 293 13.57 24.91 2.47
CA GLU A 293 14.89 24.56 2.97
C GLU A 293 14.77 23.63 4.16
N LEU A 294 13.53 23.27 4.50
CA LEU A 294 13.27 22.48 5.70
C LEU A 294 14.03 21.16 5.73
N ALA A 295 14.07 20.44 4.60
CA ALA A 295 14.80 19.17 4.54
C ALA A 295 16.29 19.36 4.78
N ARG A 296 16.92 20.23 4.00
CA ARG A 296 18.32 20.58 4.22
C ARG A 296 18.64 21.02 5.66
N GLU A 297 17.76 21.83 6.23
CA GLU A 297 17.95 22.33 7.58
C GLU A 297 17.95 21.17 8.59
N LEU A 298 17.04 20.21 8.44
CA LEU A 298 16.95 19.11 9.39
C LEU A 298 17.96 17.96 9.18
N PHE A 299 18.24 17.57 7.93
CA PHE A 299 19.02 16.35 7.69
C PHE A 299 20.49 16.55 7.30
N THR A 300 21.00 17.77 7.44
CA THR A 300 22.41 18.00 7.15
C THR A 300 23.08 18.80 8.29
N HIS A 301 24.41 18.71 8.41
CA HIS A 301 25.10 19.47 9.44
C HIS A 301 25.10 20.96 9.10
N ALA A 302 25.49 21.25 7.87
CA ALA A 302 25.58 22.60 7.33
C ALA A 302 24.33 23.42 7.57
N GLY A 303 23.17 22.75 7.51
CA GLY A 303 21.90 23.42 7.68
C GLY A 303 21.45 24.21 6.47
N SER A 304 20.45 25.05 6.68
CA SER A 304 19.92 25.96 5.66
C SER A 304 18.99 26.98 6.29
N GLY A 305 19.46 27.69 7.31
CA GLY A 305 18.64 28.67 8.01
C GLY A 305 19.39 29.21 9.20
N THR A 306 18.68 29.42 10.31
CA THR A 306 19.28 29.91 11.54
C THR A 306 19.04 28.95 12.70
N LEU A 307 20.07 28.19 13.07
CA LEU A 307 20.04 27.33 14.26
C LEU A 307 20.31 28.15 15.53
N ILE A 308 19.62 27.80 16.61
CA ILE A 308 19.82 28.44 17.91
C ILE A 308 19.82 27.38 19.02
N ARG A 309 20.97 27.19 19.67
CA ARG A 309 21.04 26.23 20.76
C ARG A 309 21.44 26.94 22.03
N ARG A 310 21.32 26.24 23.16
CA ARG A 310 21.84 26.79 24.41
C ARG A 310 23.35 26.63 24.35
N GLY A 311 23.78 25.52 23.77
CA GLY A 311 25.17 25.29 23.45
C GLY A 311 26.06 25.20 24.64
N GLU A 312 27.23 25.83 24.55
CA GLU A 312 28.20 25.75 25.64
C GLU A 312 29.20 26.89 25.64
N ARG A 313 29.83 27.06 26.79
CA ARG A 313 30.83 28.11 26.99
C ARG A 313 32.10 27.88 26.18
N MET A 314 32.90 28.92 26.05
CA MET A 314 34.14 28.76 25.31
C MET A 314 35.26 29.48 26.03
N VAL A 315 36.42 28.84 26.13
CA VAL A 315 37.58 29.51 26.71
C VAL A 315 38.43 30.06 25.56
N ALA A 316 39.04 31.23 25.77
CA ALA A 316 40.04 31.74 24.86
C ALA A 316 41.25 31.95 25.73
N THR A 317 42.32 31.23 25.44
CA THR A 317 43.53 31.33 26.24
C THR A 317 44.82 31.39 25.40
N ASP A 318 45.85 32.05 25.94
CA ASP A 318 47.16 32.11 25.31
C ASP A 318 48.13 31.25 26.09
N ASP A 319 47.73 30.94 27.32
CA ASP A 319 48.45 30.04 28.23
C ASP A 319 48.15 28.58 27.91
N LYS A 320 49.16 27.84 27.48
CA LYS A 320 48.96 26.45 27.11
C LYS A 320 48.63 25.60 28.34
N SER A 321 49.18 25.97 29.50
CA SER A 321 48.98 25.17 30.72
C SER A 321 47.53 25.17 31.22
N SER A 322 46.75 26.15 30.79
CA SER A 322 45.34 26.25 31.19
C SER A 322 44.48 25.35 30.33
N LEU A 323 45.12 24.49 29.56
CA LEU A 323 44.40 23.59 28.68
C LEU A 323 44.63 22.15 29.10
N ASP A 324 43.83 21.28 28.51
CA ASP A 324 43.90 19.85 28.77
C ASP A 324 44.43 19.19 27.51
N LEU A 325 45.75 19.10 27.40
CA LEU A 325 46.38 18.61 26.17
C LEU A 325 46.01 17.15 25.88
N GLY A 326 45.58 16.44 26.92
CA GLY A 326 45.09 15.08 26.74
C GLY A 326 43.81 15.15 25.92
N ARG A 327 42.89 16.00 26.36
CA ARG A 327 41.58 16.11 25.72
C ARG A 327 41.66 16.69 24.32
N LEU A 328 42.56 17.63 24.08
CA LEU A 328 42.79 18.14 22.74
C LEU A 328 43.40 17.05 21.88
N ASP A 329 44.26 16.22 22.46
CA ASP A 329 44.90 15.17 21.69
C ASP A 329 43.83 14.21 21.19
N ASN A 330 42.81 13.99 22.00
CA ASN A 330 41.68 13.18 21.57
C ASN A 330 40.84 13.84 20.49
N LEU A 331 40.50 15.11 20.71
CA LEU A 331 39.70 15.88 19.76
C LEU A 331 40.31 15.85 18.37
N VAL A 332 41.56 16.28 18.29
CA VAL A 332 42.34 16.25 17.05
C VAL A 332 42.35 14.88 16.37
N LYS A 333 42.66 13.84 17.14
CA LYS A 333 42.69 12.48 16.63
C LYS A 333 41.33 12.11 16.01
N ALA A 334 40.27 12.48 16.70
CA ALA A 334 38.91 12.15 16.28
C ALA A 334 38.42 12.98 15.10
N ALA A 335 38.97 14.19 14.96
CA ALA A 335 38.52 15.13 13.94
C ALA A 335 39.20 14.83 12.60
N PHE A 336 40.47 14.46 12.66
CA PHE A 336 41.24 14.23 11.46
C PHE A 336 41.29 12.75 11.06
N GLY A 337 40.96 11.87 12.00
CA GLY A 337 41.01 10.43 11.74
C GLY A 337 42.43 9.89 11.86
N ARG A 338 43.36 10.81 12.05
CA ARG A 338 44.76 10.47 12.21
C ARG A 338 45.26 11.09 13.51
N PRO A 339 46.33 10.53 14.08
CA PRO A 339 46.77 11.06 15.37
C PRO A 339 47.89 12.08 15.21
N ALA A 340 48.00 13.02 16.15
CA ALA A 340 49.04 14.02 16.09
C ALA A 340 50.37 13.33 16.27
N VAL A 341 51.39 13.80 15.57
CA VAL A 341 52.69 13.14 15.65
C VAL A 341 53.32 13.25 17.04
N GLU A 342 54.28 12.38 17.31
CA GLU A 342 54.89 12.26 18.64
C GLU A 342 55.52 13.57 19.14
N GLY A 343 55.24 13.91 20.40
CA GLY A 343 55.80 15.08 21.05
C GLY A 343 55.30 16.43 20.56
N TYR A 344 54.31 16.41 19.67
CA TYR A 344 53.74 17.62 19.06
C TYR A 344 53.22 18.63 20.09
N TRP A 345 52.65 18.13 21.17
CA TRP A 345 52.02 18.97 22.16
C TRP A 345 53.00 19.70 23.08
N ASP A 346 53.96 18.96 23.63
CA ASP A 346 54.95 19.57 24.51
C ASP A 346 55.73 20.67 23.79
N ARG A 347 55.82 20.51 22.46
CA ARG A 347 56.63 21.36 21.59
C ARG A 347 55.81 22.52 21.01
N LEU A 348 54.50 22.41 21.09
CA LEU A 348 53.59 23.38 20.49
C LEU A 348 53.78 24.80 21.00
N ARG A 349 53.71 25.75 20.07
CA ARG A 349 53.90 27.15 20.39
C ARG A 349 52.71 27.69 21.20
N VAL A 350 51.66 28.05 20.45
CA VAL A 350 50.41 28.62 20.96
C VAL A 350 50.45 30.11 21.18
N ASP A 351 49.84 30.83 20.23
CA ASP A 351 49.58 32.25 20.35
C ASP A 351 48.27 32.44 21.08
N ARG A 352 47.24 31.76 20.57
CA ARG A 352 45.93 31.76 21.20
C ARG A 352 45.24 30.47 20.88
N ALA A 353 44.64 29.86 21.91
CA ALA A 353 43.85 28.66 21.74
C ALA A 353 42.39 28.99 22.02
N PHE A 354 41.50 28.48 21.17
CA PHE A 354 40.06 28.68 21.37
C PHE A 354 39.40 27.31 21.45
N VAL A 355 39.06 26.88 22.65
CA VAL A 355 38.48 25.57 22.84
C VAL A 355 37.18 25.69 23.62
N THR A 356 36.18 24.93 23.20
CA THR A 356 34.85 25.02 23.78
C THR A 356 34.74 24.08 24.98
N GLU A 357 33.91 24.44 25.95
CA GLU A 357 33.85 23.80 27.28
C GLU A 357 33.90 22.25 27.28
N SER A 358 33.47 21.64 26.19
CA SER A 358 33.37 20.17 26.12
C SER A 358 34.43 19.54 25.23
N TYR A 359 35.36 20.37 24.74
CA TYR A 359 36.49 19.94 23.90
C TYR A 359 36.06 19.18 22.63
N ARG A 360 34.99 19.64 22.00
CA ARG A 360 34.54 19.00 20.76
C ARG A 360 34.88 19.89 19.57
N ALA A 361 35.29 21.12 19.86
CA ALA A 361 35.65 22.03 18.80
C ALA A 361 36.76 22.96 19.33
N ALA A 362 37.86 23.07 18.58
CA ALA A 362 38.98 23.91 18.99
C ALA A 362 39.71 24.50 17.81
N ALA A 363 40.26 25.71 18.00
CA ALA A 363 41.22 26.29 17.05
C ALA A 363 42.42 26.72 17.81
N ILE A 364 43.59 26.37 17.29
CA ILE A 364 44.84 26.76 17.94
C ILE A 364 45.69 27.56 16.97
N THR A 365 45.96 28.81 17.28
CA THR A 365 46.81 29.62 16.41
C THR A 365 48.25 29.53 16.89
N THR A 366 49.19 29.45 15.96
CA THR A 366 50.60 29.60 16.34
C THR A 366 51.12 30.87 15.70
N ARG A 367 52.43 30.99 15.57
CA ARG A 367 53.02 32.13 14.87
C ARG A 367 53.93 31.66 13.75
N LEU A 368 53.96 32.45 12.69
CA LEU A 368 54.78 32.14 11.53
C LEU A 368 55.20 33.43 10.86
N ASP A 369 56.47 33.82 11.04
CA ASP A 369 57.02 35.05 10.48
C ASP A 369 56.19 36.28 10.87
N GLY A 370 55.72 36.31 12.10
CA GLY A 370 54.97 37.45 12.59
C GLY A 370 53.49 37.31 12.38
N TRP A 371 53.13 36.58 11.32
CA TRP A 371 51.74 36.31 10.97
C TRP A 371 51.11 35.29 11.91
N VAL A 372 49.83 35.50 12.22
CA VAL A 372 49.07 34.49 12.97
C VAL A 372 48.73 33.32 12.04
N TYR A 373 49.07 32.12 12.46
CA TYR A 373 48.87 30.95 11.63
C TYR A 373 47.98 29.96 12.39
N LEU A 374 47.07 29.29 11.69
CA LEU A 374 46.13 28.32 12.29
C LEU A 374 46.70 26.92 12.07
N ASP A 375 47.18 26.32 13.15
CA ASP A 375 47.92 25.07 13.10
C ASP A 375 46.94 23.92 13.02
N LYS A 376 45.89 24.07 13.84
CA LYS A 376 44.84 23.08 13.99
C LYS A 376 43.47 23.74 14.08
N PHE A 377 42.55 23.25 13.26
CA PHE A 377 41.15 23.54 13.44
C PHE A 377 40.52 22.17 13.51
N ALA A 378 40.02 21.81 14.68
CA ALA A 378 39.46 20.47 14.84
C ALA A 378 37.99 20.59 15.26
N VAL A 379 37.06 20.19 14.39
CA VAL A 379 35.67 20.18 14.82
C VAL A 379 35.07 18.82 14.56
N LEU A 380 34.44 18.27 15.59
CA LEU A 380 33.73 17.01 15.49
C LEU A 380 32.38 17.18 14.79
N ASP A 381 31.95 16.11 14.14
CA ASP A 381 30.70 16.07 13.38
C ASP A 381 29.54 16.68 14.16
N ASP A 382 29.23 16.11 15.32
CA ASP A 382 28.14 16.67 16.11
C ASP A 382 28.38 18.15 16.41
N ALA A 383 29.63 18.52 16.71
CA ALA A 383 29.93 19.90 17.08
C ALA A 383 29.73 20.80 15.88
N ARG A 384 30.13 20.32 14.71
CA ARG A 384 29.90 21.07 13.47
C ARG A 384 28.42 21.36 13.31
N GLY A 385 27.57 20.37 13.61
CA GLY A 385 26.13 20.51 13.49
C GLY A 385 25.42 21.30 14.59
N GLU A 386 26.07 21.50 15.74
CA GLU A 386 25.49 22.36 16.78
C GLU A 386 25.93 23.84 16.62
N GLY A 387 26.77 24.06 15.61
CA GLY A 387 27.23 25.39 15.27
C GLY A 387 28.38 25.81 16.14
N LEU A 388 29.06 24.83 16.75
CA LEU A 388 30.20 25.05 17.66
C LEU A 388 31.48 25.34 16.92
N GLY A 389 31.68 24.63 15.81
CA GLY A 389 32.75 24.96 14.88
C GLY A 389 32.66 26.41 14.41
N ARG A 390 31.44 26.87 14.16
CA ARG A 390 31.27 28.25 13.71
C ARG A 390 31.64 29.16 14.85
N THR A 391 31.13 28.85 16.03
CA THR A 391 31.43 29.58 17.26
C THR A 391 32.94 29.78 17.50
N VAL A 392 33.70 28.69 17.44
CA VAL A 392 35.15 28.76 17.58
C VAL A 392 35.84 29.57 16.48
N TRP A 393 35.51 29.25 15.23
CA TRP A 393 36.07 29.95 14.11
C TRP A 393 35.86 31.45 14.22
N ASN A 394 34.62 31.84 14.47
CA ASN A 394 34.29 33.25 14.57
C ASN A 394 35.04 33.98 15.69
N ARG A 395 35.24 33.30 16.81
CA ARG A 395 35.95 33.93 17.89
C ARG A 395 37.45 33.98 17.53
N MET A 396 37.89 33.00 16.74
CA MET A 396 39.28 32.95 16.31
C MET A 396 39.54 34.08 15.29
N VAL A 397 38.73 34.21 14.23
CA VAL A 397 38.94 35.28 13.26
C VAL A 397 38.63 36.71 13.75
N ASP A 398 38.02 36.86 14.92
CA ASP A 398 37.81 38.19 15.49
C ASP A 398 39.05 38.63 16.25
N TYR A 399 39.86 37.64 16.62
CA TYR A 399 41.12 37.89 17.28
C TYR A 399 42.21 37.99 16.23
N ALA A 400 42.03 37.28 15.13
CA ALA A 400 43.03 37.26 14.07
C ALA A 400 42.44 37.67 12.72
N PRO A 401 42.18 38.99 12.53
CA PRO A 401 41.64 39.53 11.26
C PRO A 401 42.54 39.18 10.07
N GLN A 402 43.85 39.12 10.33
CA GLN A 402 44.82 38.74 9.33
C GLN A 402 45.31 37.36 9.73
N LEU A 403 44.98 36.35 8.94
CA LEU A 403 45.19 34.95 9.29
C LEU A 403 45.74 34.13 8.13
N ILE A 404 46.64 33.21 8.39
CA ILE A 404 47.15 32.30 7.36
C ILE A 404 46.94 30.87 7.82
N TRP A 405 46.65 29.96 6.88
CA TRP A 405 46.46 28.55 7.25
C TRP A 405 46.51 27.63 6.03
N ARG A 406 46.54 26.33 6.28
CA ARG A 406 46.67 25.37 5.18
C ARG A 406 45.71 24.23 5.41
N SER A 407 45.58 23.35 4.43
CA SER A 407 44.57 22.29 4.44
C SER A 407 44.87 21.35 3.29
N ARG A 408 44.83 20.04 3.53
CA ARG A 408 45.11 19.10 2.45
C ARG A 408 44.08 19.29 1.34
N THR A 409 44.42 18.97 0.11
CA THR A 409 43.51 19.29 -0.99
C THR A 409 42.24 18.45 -1.04
N ASN A 410 42.16 17.40 -0.22
CA ASN A 410 40.94 16.59 -0.23
C ASN A 410 40.12 16.77 1.05
N ASN A 411 40.53 17.71 1.89
CA ASN A 411 39.74 18.09 3.06
C ASN A 411 38.41 18.69 2.62
N PRO A 412 37.28 18.10 3.04
CA PRO A 412 35.95 18.62 2.65
C PRO A 412 35.59 19.95 3.32
N VAL A 413 36.36 20.28 4.36
CA VAL A 413 36.23 21.58 5.01
C VAL A 413 36.74 22.67 4.05
N ASN A 414 37.51 22.27 3.03
CA ASN A 414 37.99 23.19 2.01
C ASN A 414 36.94 24.16 1.47
N GLY A 415 35.73 23.66 1.17
CA GLY A 415 34.66 24.53 0.71
C GLY A 415 34.36 25.67 1.67
N PHE A 416 34.36 25.36 2.97
CA PHE A 416 34.07 26.34 4.01
C PHE A 416 35.23 27.32 4.16
N TYR A 417 36.46 26.79 4.07
CA TYR A 417 37.66 27.61 4.21
C TYR A 417 37.60 28.62 3.05
N PHE A 418 37.33 28.11 1.85
CA PHE A 418 37.22 28.92 0.64
C PHE A 418 36.18 30.03 0.75
N GLU A 419 35.03 29.74 1.36
CA GLU A 419 34.05 30.81 1.52
C GLU A 419 34.51 31.85 2.55
N GLU A 420 35.55 31.52 3.33
CA GLU A 420 36.01 32.42 4.37
C GLU A 420 37.30 33.14 4.06
N CYS A 421 38.05 32.62 3.12
CA CYS A 421 39.34 33.19 2.78
C CYS A 421 39.21 34.42 1.88
N ASP A 422 40.29 35.18 1.75
CA ASP A 422 40.37 36.28 0.83
C ASP A 422 41.32 35.92 -0.29
N GLY A 423 41.99 34.78 -0.14
CA GLY A 423 42.86 34.27 -1.19
C GLY A 423 43.29 32.85 -0.92
N ALA A 424 43.87 32.20 -1.90
CA ALA A 424 44.28 30.81 -1.76
C ALA A 424 45.30 30.50 -2.84
N VAL A 425 46.24 29.61 -2.53
CA VAL A 425 47.21 29.10 -3.50
C VAL A 425 47.13 27.58 -3.43
N ARG A 426 47.17 26.90 -4.58
CA ARG A 426 46.98 25.45 -4.58
C ARG A 426 48.11 24.64 -5.22
N ARG A 427 48.73 23.74 -4.46
CA ARG A 427 49.60 22.70 -5.02
C ARG A 427 48.91 21.37 -4.83
N ASP A 428 49.50 20.28 -5.33
CA ASP A 428 48.84 18.97 -5.27
C ASP A 428 48.42 18.47 -3.90
N GLU A 429 49.36 18.42 -2.95
CA GLU A 429 49.04 17.82 -1.67
C GLU A 429 48.42 18.82 -0.68
N TRP A 430 48.94 20.02 -0.63
CA TRP A 430 48.38 21.05 0.25
C TRP A 430 47.75 22.25 -0.47
N THR A 431 47.09 23.12 0.30
CA THR A 431 46.57 24.40 -0.20
C THR A 431 46.69 25.44 0.93
N VAL A 432 47.16 26.63 0.65
CA VAL A 432 47.27 27.66 1.68
C VAL A 432 46.22 28.72 1.47
N PHE A 433 45.58 29.12 2.55
CA PHE A 433 44.57 30.18 2.51
C PHE A 433 45.07 31.37 3.28
N TRP A 434 44.46 32.53 3.10
CA TRP A 434 44.77 33.64 3.98
C TRP A 434 43.57 34.52 4.14
N ARG A 435 43.63 35.49 5.03
CA ARG A 435 42.43 36.23 5.31
C ARG A 435 42.76 37.64 5.80
N GLY A 436 41.92 38.60 5.43
CA GLY A 436 42.15 39.97 5.79
C GLY A 436 42.85 40.78 4.70
N GLU A 437 42.24 40.92 3.52
CA GLU A 437 42.69 41.84 2.45
C GLU A 437 44.04 42.55 2.62
N MET A 438 45.08 41.94 2.07
CA MET A 438 46.43 42.45 2.24
C MET A 438 47.38 42.21 1.06
N GLY A 439 47.03 42.77 -0.11
CA GLY A 439 47.90 42.82 -1.28
C GLY A 439 48.81 41.63 -1.57
N PRO A 440 48.27 40.61 -2.27
CA PRO A 440 48.83 39.30 -2.63
C PRO A 440 50.32 39.24 -2.99
N VAL A 441 51.10 40.27 -2.70
CA VAL A 441 52.53 40.22 -2.95
C VAL A 441 53.35 40.02 -1.66
N GLU A 442 52.77 40.37 -0.53
CA GLU A 442 53.51 40.34 0.72
C GLU A 442 53.22 39.03 1.43
N VAL A 443 52.15 38.39 0.97
CA VAL A 443 51.71 37.10 1.49
C VAL A 443 52.39 35.95 0.73
N ALA A 444 53.05 36.28 -0.39
CA ALA A 444 53.75 35.26 -1.18
C ALA A 444 54.86 34.60 -0.37
N ASP A 445 55.41 35.33 0.60
CA ASP A 445 56.50 34.84 1.45
C ASP A 445 56.04 33.84 2.52
N VAL A 446 55.03 34.25 3.28
CA VAL A 446 54.55 33.44 4.41
C VAL A 446 53.79 32.19 3.90
N VAL A 447 53.33 32.24 2.66
CA VAL A 447 52.71 31.08 2.02
C VAL A 447 53.76 29.97 1.86
N GLU A 448 54.91 30.32 1.31
CA GLU A 448 55.97 29.33 1.12
C GLU A 448 56.39 28.65 2.41
N LYS A 449 56.53 29.43 3.47
CA LYS A 449 56.87 28.87 4.77
C LYS A 449 55.81 27.89 5.24
N ALA A 450 54.58 28.10 4.76
CA ALA A 450 53.47 27.27 5.21
C ALA A 450 53.45 25.94 4.48
N PHE A 451 53.78 25.96 3.20
CA PHE A 451 53.90 24.73 2.44
C PHE A 451 55.11 23.96 2.93
N ALA A 452 56.12 24.71 3.35
CA ALA A 452 57.38 24.11 3.74
C ALA A 452 57.17 23.29 4.99
N LEU A 453 56.38 23.83 5.92
CA LEU A 453 56.19 23.25 7.25
C LEU A 453 56.00 21.74 7.23
N PRO A 454 56.68 21.06 8.17
CA PRO A 454 56.51 19.63 8.37
C PRO A 454 55.08 19.39 8.78
N PRO A 455 54.52 18.22 8.43
CA PRO A 455 53.18 17.83 8.90
C PRO A 455 53.21 17.72 10.42
N THR A 456 52.04 17.69 11.02
CA THR A 456 51.96 17.51 12.46
C THR A 456 51.03 16.32 12.69
N LEU A 457 50.57 15.75 11.57
CA LEU A 457 49.68 14.59 11.52
C LEU A 457 50.31 13.65 10.48
N GLU A 458 50.00 12.35 10.54
CA GLU A 458 50.64 11.39 9.63
C GLU A 458 49.83 11.09 8.36
N ALA A 459 49.49 9.81 8.18
CA ALA A 459 48.79 9.25 7.01
C ALA A 459 48.25 10.24 5.97
N ARG B 29 -8.51 -1.62 -2.42
CA ARG B 29 -9.62 -1.10 -3.21
C ARG B 29 -9.39 -1.38 -4.71
N GLN B 30 -8.18 -1.11 -5.19
CA GLN B 30 -7.77 -1.55 -6.52
C GLN B 30 -7.73 -3.08 -6.49
N THR B 31 -7.34 -3.64 -5.33
CA THR B 31 -7.45 -5.08 -5.10
C THR B 31 -8.89 -5.48 -4.73
N ILE B 32 -9.85 -4.61 -5.03
CA ILE B 32 -11.29 -4.93 -5.01
C ILE B 32 -11.93 -4.34 -6.27
N VAL B 33 -11.17 -4.41 -7.36
CA VAL B 33 -11.63 -3.99 -8.68
C VAL B 33 -12.41 -5.15 -9.28
N GLN B 34 -11.88 -6.35 -9.11
CA GLN B 34 -12.56 -7.57 -9.53
C GLN B 34 -12.43 -8.61 -8.43
N LEU B 35 -12.67 -8.17 -7.20
CA LEU B 35 -12.80 -9.07 -6.07
C LEU B 35 -14.27 -8.95 -5.69
N LEU B 36 -15.12 -9.13 -6.70
CA LEU B 36 -16.56 -8.92 -6.56
C LEU B 36 -17.38 -9.96 -7.32
N SER B 37 -16.80 -11.15 -7.53
CA SER B 37 -17.41 -12.15 -8.41
C SER B 37 -17.66 -13.55 -7.80
N HIS B 38 -17.10 -13.81 -6.61
CA HIS B 38 -16.98 -15.20 -6.10
C HIS B 38 -17.57 -15.54 -4.70
N MET B 39 -17.73 -14.55 -3.81
CA MET B 39 -18.23 -14.74 -2.44
C MET B 39 -19.56 -15.53 -2.36
N ARG B 40 -19.84 -16.17 -1.22
CA ARG B 40 -21.03 -17.00 -1.02
C ARG B 40 -22.41 -16.42 -1.49
N ASP B 41 -22.37 -15.32 -2.25
CA ASP B 41 -23.57 -14.66 -2.78
C ASP B 41 -23.15 -13.63 -3.84
N GLY B 42 -22.54 -14.08 -4.93
CA GLY B 42 -21.87 -13.16 -5.85
C GLY B 42 -22.61 -12.70 -7.09
N LYS B 43 -23.35 -11.58 -6.98
CA LYS B 43 -23.89 -10.83 -8.12
C LYS B 43 -24.63 -9.55 -7.68
N GLU B 44 -25.20 -9.56 -6.47
CA GLU B 44 -25.96 -8.41 -5.96
C GLU B 44 -25.12 -7.49 -5.06
N ILE B 45 -23.94 -7.97 -4.70
CA ILE B 45 -22.98 -7.16 -3.99
C ILE B 45 -22.53 -6.00 -4.88
N ARG B 46 -22.16 -6.31 -6.13
CA ARG B 46 -21.73 -5.31 -7.12
C ARG B 46 -22.73 -4.17 -7.20
N GLU B 47 -24.01 -4.52 -7.30
CA GLU B 47 -25.06 -3.54 -7.53
C GLU B 47 -25.24 -2.60 -6.34
N TYR B 48 -25.03 -3.11 -5.12
CA TYR B 48 -25.13 -2.25 -3.94
C TYR B 48 -23.94 -1.33 -3.83
N LEU B 49 -22.77 -1.91 -4.11
CA LEU B 49 -21.52 -1.17 -4.18
C LEU B 49 -21.69 0.01 -5.13
N HIS B 50 -22.02 -0.29 -6.39
CA HIS B 50 -22.31 0.76 -7.38
C HIS B 50 -23.64 1.44 -7.10
N ARG B 51 -23.78 2.04 -5.94
CA ARG B 51 -25.01 2.70 -5.57
C ARG B 51 -24.68 3.50 -4.32
N PHE B 52 -23.93 2.88 -3.43
CA PHE B 52 -23.36 3.60 -2.30
C PHE B 52 -22.22 4.51 -2.81
N SER B 53 -21.61 4.15 -3.94
CA SER B 53 -20.56 4.96 -4.54
C SER B 53 -21.05 6.25 -5.22
N GLY B 54 -22.36 6.51 -5.13
CA GLY B 54 -22.94 7.84 -5.33
C GLY B 54 -22.92 8.60 -3.99
N ILE B 55 -21.77 9.22 -3.73
CA ILE B 55 -21.40 9.76 -2.43
C ILE B 55 -21.88 11.20 -2.20
N ASP B 56 -21.72 12.03 -3.23
CA ASP B 56 -21.79 13.51 -3.12
C ASP B 56 -20.66 14.01 -2.22
N GLN B 57 -20.69 13.53 -0.98
CA GLN B 57 -19.65 13.78 0.01
C GLN B 57 -19.78 12.70 1.07
N GLU B 58 -20.25 13.13 2.24
CA GLU B 58 -20.55 12.19 3.30
C GLU B 58 -22.01 11.88 3.38
N ARG B 59 -22.66 11.74 2.23
CA ARG B 59 -24.10 11.49 2.19
C ARG B 59 -24.42 10.01 2.09
N PHE B 60 -23.43 9.14 2.23
CA PHE B 60 -23.67 7.71 2.11
C PHE B 60 -24.44 7.19 3.29
N ALA B 61 -23.87 7.35 4.48
CA ALA B 61 -24.47 6.72 5.64
C ALA B 61 -24.12 7.44 6.92
N VAL B 62 -25.14 7.68 7.71
CA VAL B 62 -24.97 8.09 9.09
C VAL B 62 -25.20 6.88 9.98
N ILE B 63 -24.13 6.42 10.63
CA ILE B 63 -24.17 5.22 11.48
C ILE B 63 -24.13 5.57 12.98
N LYS B 64 -25.20 5.25 13.69
CA LYS B 64 -25.24 5.46 15.12
C LYS B 64 -24.83 4.18 15.83
N VAL B 65 -23.82 4.27 16.69
CA VAL B 65 -23.43 3.16 17.55
C VAL B 65 -23.47 3.59 19.01
N GLY B 66 -24.24 2.89 19.83
CA GLY B 66 -24.39 3.25 21.23
C GLY B 66 -23.12 3.04 22.02
N GLY B 67 -23.01 3.65 23.19
CA GLY B 67 -21.84 3.41 24.01
C GLY B 67 -21.61 1.92 24.27
N ALA B 68 -22.70 1.19 24.49
CA ALA B 68 -22.65 -0.24 24.83
C ALA B 68 -21.80 -1.06 23.87
N VAL B 69 -21.84 -0.68 22.60
CA VAL B 69 -21.15 -1.45 21.58
C VAL B 69 -19.64 -1.26 21.64
N ILE B 70 -19.16 0.01 21.71
CA ILE B 70 -17.70 0.28 21.79
C ILE B 70 -17.08 -0.34 23.02
N GLN B 71 -17.89 -0.57 24.06
CA GLN B 71 -17.42 -1.19 25.31
C GLN B 71 -17.37 -2.72 25.21
N ASP B 72 -18.51 -3.33 24.87
CA ASP B 72 -18.64 -4.78 24.92
C ASP B 72 -18.19 -5.49 23.65
N ASP B 73 -17.87 -4.72 22.61
CA ASP B 73 -17.46 -5.30 21.33
C ASP B 73 -16.77 -4.30 20.38
N LEU B 74 -15.55 -3.90 20.73
CA LEU B 74 -14.83 -2.90 19.94
C LEU B 74 -14.08 -3.45 18.72
N PRO B 75 -13.37 -4.60 18.87
CA PRO B 75 -12.73 -5.18 17.68
C PRO B 75 -13.73 -5.41 16.55
N GLY B 76 -14.81 -6.14 16.83
CA GLY B 76 -15.81 -6.42 15.82
C GLY B 76 -16.42 -5.16 15.24
N LEU B 77 -16.73 -4.17 16.09
CA LEU B 77 -17.25 -2.88 15.60
C LEU B 77 -16.29 -2.25 14.61
N ALA B 78 -15.01 -2.25 14.96
CA ALA B 78 -13.99 -1.64 14.12
C ALA B 78 -13.86 -2.32 12.75
N SER B 79 -13.62 -3.64 12.75
CA SER B 79 -13.49 -4.38 11.49
C SER B 79 -14.70 -4.09 10.59
N ALA B 80 -15.87 -3.99 11.21
CA ALA B 80 -17.09 -3.77 10.47
C ALA B 80 -17.02 -2.41 9.78
N LEU B 81 -16.56 -1.40 10.52
CA LEU B 81 -16.41 -0.05 9.99
C LEU B 81 -15.21 0.10 9.04
N ALA B 82 -14.15 -0.65 9.33
CA ALA B 82 -12.97 -0.57 8.50
C ALA B 82 -13.26 -1.20 7.14
N PHE B 83 -14.17 -2.17 7.10
CA PHE B 83 -14.46 -2.79 5.82
C PHE B 83 -15.11 -1.80 4.87
N LEU B 84 -16.11 -1.08 5.34
CA LEU B 84 -16.74 -0.02 4.56
C LEU B 84 -15.68 0.84 3.95
N GLN B 85 -14.93 1.46 4.84
CA GLN B 85 -13.97 2.45 4.43
C GLN B 85 -12.83 1.91 3.55
N THR B 86 -12.69 0.59 3.39
CA THR B 86 -11.67 0.10 2.44
C THR B 86 -12.26 -0.17 1.08
N VAL B 87 -13.57 -0.29 1.02
CA VAL B 87 -14.23 -0.58 -0.24
C VAL B 87 -14.72 0.72 -0.89
N GLY B 88 -14.28 1.86 -0.33
CA GLY B 88 -14.51 3.15 -0.95
C GLY B 88 -15.42 4.06 -0.13
N LEU B 89 -16.14 3.46 0.81
CA LEU B 89 -17.22 4.12 1.52
C LEU B 89 -16.80 4.88 2.78
N THR B 90 -17.43 6.03 3.00
CA THR B 90 -17.02 6.87 4.09
C THR B 90 -18.23 7.18 4.93
N PRO B 91 -18.49 6.35 5.94
CA PRO B 91 -19.68 6.59 6.74
C PRO B 91 -19.34 7.69 7.75
N VAL B 92 -20.37 8.31 8.32
CA VAL B 92 -20.20 9.31 9.38
C VAL B 92 -20.76 8.69 10.63
N VAL B 93 -19.89 8.38 11.57
CA VAL B 93 -20.34 7.64 12.76
C VAL B 93 -20.62 8.59 13.94
N VAL B 94 -21.74 8.38 14.60
CA VAL B 94 -22.07 9.12 15.83
C VAL B 94 -22.17 8.11 16.96
N HIS B 95 -21.43 8.33 18.04
CA HIS B 95 -21.45 7.42 19.17
C HIS B 95 -21.88 8.15 20.43
N GLY B 96 -22.57 7.43 21.30
CA GLY B 96 -22.92 7.96 22.60
C GLY B 96 -21.90 7.43 23.58
N GLY B 97 -22.22 7.50 24.85
CA GLY B 97 -21.30 7.04 25.85
C GLY B 97 -22.08 6.49 27.02
N GLY B 98 -23.21 5.86 26.71
CA GLY B 98 -24.06 5.23 27.71
C GLY B 98 -23.31 4.65 28.89
N PRO B 99 -22.83 3.41 28.77
CA PRO B 99 -22.00 2.81 29.83
C PRO B 99 -20.78 3.66 30.24
N GLN B 100 -20.13 4.32 29.28
CA GLN B 100 -18.95 5.11 29.58
C GLN B 100 -19.21 6.24 30.56
N LEU B 101 -20.18 7.10 30.24
CA LEU B 101 -20.45 8.27 31.09
C LEU B 101 -21.52 7.97 32.13
N ASP B 102 -22.60 7.30 31.74
CA ASP B 102 -23.70 6.99 32.66
C ASP B 102 -23.26 6.00 33.73
N ALA B 103 -21.95 5.74 33.80
CA ALA B 103 -21.38 4.82 34.78
C ALA B 103 -19.87 5.00 34.87
N ALA B 104 -19.15 4.22 34.05
CA ALA B 104 -17.68 4.05 34.10
C ALA B 104 -16.88 5.20 34.69
N LEU B 105 -17.25 6.43 34.33
CA LEU B 105 -16.59 7.60 34.89
C LEU B 105 -17.59 8.71 35.28
N GLU B 106 -18.70 8.36 35.93
CA GLU B 106 -19.56 9.39 36.51
C GLU B 106 -20.54 8.89 37.59
N ALA B 107 -20.20 7.82 38.26
CA ALA B 107 -20.83 7.48 39.51
C ALA B 107 -19.66 7.61 40.46
N ALA B 108 -18.50 7.78 39.87
CA ALA B 108 -17.22 7.88 40.56
C ALA B 108 -17.18 9.13 41.40
N ASP B 109 -17.51 10.27 40.79
CA ASP B 109 -17.58 11.54 41.54
C ASP B 109 -18.93 11.75 42.23
N ILE B 110 -19.44 10.66 42.83
CA ILE B 110 -20.75 10.59 43.49
C ILE B 110 -21.81 11.60 42.96
N PRO B 111 -22.05 11.61 41.64
CA PRO B 111 -22.97 12.60 41.09
C PRO B 111 -24.40 12.10 40.92
N THR B 112 -24.56 10.79 40.77
CA THR B 112 -25.86 10.15 40.55
C THR B 112 -26.39 10.55 39.16
N GLU B 113 -27.07 9.62 38.51
CA GLU B 113 -27.39 9.77 37.09
C GLU B 113 -28.87 10.14 36.90
N ARG B 114 -29.16 11.43 37.01
CA ARG B 114 -30.52 11.96 36.86
C ARG B 114 -30.92 12.13 35.39
N VAL B 115 -32.20 11.85 35.08
CA VAL B 115 -32.75 11.96 33.71
C VAL B 115 -34.08 12.68 33.73
N ASP B 116 -34.08 14.02 33.58
CA ASP B 116 -35.32 14.79 33.61
C ASP B 116 -36.13 14.55 32.34
N GLY B 117 -36.33 15.62 31.57
CA GLY B 117 -37.02 15.53 30.30
C GLY B 117 -36.61 14.27 29.57
N LEU B 118 -35.30 14.11 29.39
CA LEU B 118 -34.66 12.87 28.91
C LEU B 118 -33.15 12.74 29.26
N ARG B 119 -32.54 13.80 29.82
CA ARG B 119 -31.10 13.81 30.14
C ARG B 119 -30.67 15.12 30.83
N VAL B 120 -30.24 15.11 32.10
CA VAL B 120 -29.71 16.35 32.74
C VAL B 120 -28.23 16.29 33.09
N THR B 121 -27.53 17.41 32.88
CA THR B 121 -26.10 17.51 33.13
C THR B 121 -25.84 18.87 33.75
N ARG B 122 -25.47 18.88 35.02
CA ARG B 122 -25.13 20.11 35.71
C ARG B 122 -23.71 20.55 35.35
N ASP B 123 -23.37 21.80 35.65
CA ASP B 123 -22.07 22.38 35.26
C ASP B 123 -20.86 21.53 35.70
N GLU B 124 -20.99 20.92 36.87
CA GLU B 124 -19.94 20.06 37.41
C GLU B 124 -19.71 18.80 36.55
N ALA B 125 -20.76 18.38 35.87
CA ALA B 125 -20.73 17.12 35.13
C ALA B 125 -20.06 17.30 33.77
N MET B 126 -19.94 18.54 33.32
CA MET B 126 -19.44 18.80 31.98
C MET B 126 -18.02 18.29 31.69
N PRO B 127 -17.05 18.60 32.56
CA PRO B 127 -15.67 18.20 32.21
C PRO B 127 -15.43 16.68 32.20
N ILE B 128 -16.33 15.88 32.76
CA ILE B 128 -16.12 14.45 32.79
C ILE B 128 -16.65 13.81 31.51
N ILE B 129 -17.79 14.32 31.07
CA ILE B 129 -18.44 13.88 29.84
C ILE B 129 -17.50 14.17 28.67
N ARG B 130 -16.95 15.38 28.66
CA ARG B 130 -15.94 15.78 27.68
C ARG B 130 -14.81 14.77 27.59
N ASP B 131 -14.14 14.53 28.71
CA ASP B 131 -12.97 13.66 28.70
C ASP B 131 -13.37 12.21 28.40
N THR B 132 -14.62 11.83 28.67
CA THR B 132 -15.03 10.42 28.55
C THR B 132 -15.72 10.04 27.23
N LEU B 133 -16.34 11.02 26.57
CA LEU B 133 -16.78 10.86 25.19
C LEU B 133 -15.56 10.97 24.28
N THR B 134 -14.67 11.94 24.57
CA THR B 134 -13.43 12.09 23.79
C THR B 134 -12.59 10.83 23.87
N GLN B 135 -12.48 10.25 25.06
CA GLN B 135 -11.69 9.03 25.26
C GLN B 135 -12.33 7.89 24.50
N ALA B 136 -13.66 7.93 24.39
CA ALA B 136 -14.41 6.93 23.64
C ALA B 136 -14.23 7.14 22.16
N ASN B 137 -14.30 8.40 21.72
CA ASN B 137 -14.03 8.77 20.32
C ASN B 137 -12.68 8.23 19.82
N LEU B 138 -11.60 8.52 20.53
CA LEU B 138 -10.29 8.05 20.11
C LEU B 138 -10.21 6.53 20.24
N ALA B 139 -10.90 5.98 21.24
CA ALA B 139 -10.91 4.54 21.42
C ALA B 139 -11.50 3.94 20.15
N LEU B 140 -12.46 4.61 19.57
CA LEU B 140 -13.05 4.09 18.35
C LEU B 140 -12.13 4.32 17.13
N VAL B 141 -11.52 5.50 17.04
CA VAL B 141 -10.65 5.83 15.93
C VAL B 141 -9.46 4.88 15.87
N ASP B 142 -8.75 4.74 16.98
CA ASP B 142 -7.58 3.88 17.07
C ASP B 142 -7.94 2.41 16.75
N ALA B 143 -9.13 1.99 17.19
CA ALA B 143 -9.62 0.62 16.95
C ALA B 143 -9.80 0.34 15.47
N ILE B 144 -10.30 1.34 14.75
CA ILE B 144 -10.55 1.24 13.32
C ILE B 144 -9.24 1.16 12.55
N ARG B 145 -8.32 2.05 12.92
CA ARG B 145 -7.05 2.13 12.27
C ARG B 145 -6.26 0.85 12.53
N ASP B 146 -6.27 0.37 13.78
CA ASP B 146 -5.60 -0.90 14.07
C ASP B 146 -6.23 -2.05 13.27
N ALA B 147 -7.47 -1.86 12.84
CA ALA B 147 -8.22 -2.89 12.13
C ALA B 147 -8.10 -2.79 10.61
N GLY B 148 -7.28 -1.85 10.16
CA GLY B 148 -6.99 -1.72 8.75
C GLY B 148 -7.51 -0.44 8.10
N GLY B 149 -8.57 0.14 8.66
CA GLY B 149 -9.19 1.29 8.02
C GLY B 149 -8.61 2.65 8.37
N ARG B 150 -9.40 3.69 8.11
CA ARG B 150 -8.96 5.06 8.33
C ARG B 150 -10.10 5.87 8.89
N ALA B 151 -9.81 6.66 9.92
CA ALA B 151 -10.85 7.43 10.60
C ALA B 151 -10.37 8.84 10.93
N ALA B 152 -11.31 9.68 11.35
CA ALA B 152 -11.02 11.06 11.67
C ALA B 152 -11.77 11.46 12.93
N ALA B 153 -11.02 11.69 14.00
CA ALA B 153 -11.57 12.07 15.30
C ALA B 153 -12.23 13.44 15.22
N VAL B 154 -13.53 13.47 15.42
CA VAL B 154 -14.24 14.74 15.48
C VAL B 154 -15.09 14.78 16.74
N PRO B 155 -14.43 14.86 17.91
CA PRO B 155 -15.15 14.92 19.18
C PRO B 155 -15.97 16.20 19.25
N ARG B 156 -15.44 17.27 18.69
CA ARG B 156 -16.05 18.58 18.85
C ARG B 156 -15.99 19.45 17.57
N GLY B 157 -16.96 20.36 17.45
CA GLY B 157 -16.94 21.35 16.39
C GLY B 157 -18.02 21.20 15.33
N VAL B 158 -18.78 20.11 15.37
CA VAL B 158 -19.81 19.87 14.37
C VAL B 158 -21.18 20.44 14.79
N PHE B 159 -21.62 20.13 16.01
CA PHE B 159 -22.95 20.53 16.46
C PHE B 159 -22.97 21.90 17.15
N GLU B 160 -23.55 22.91 16.50
CA GLU B 160 -23.77 24.20 17.16
C GLU B 160 -25.17 24.23 17.76
N ALA B 161 -25.27 24.35 19.09
CA ALA B 161 -26.55 24.14 19.77
C ALA B 161 -27.06 25.32 20.59
N ASP B 162 -28.37 25.30 20.90
CA ASP B 162 -28.98 26.25 21.84
C ASP B 162 -29.24 25.60 23.21
N ILE B 163 -29.39 26.43 24.23
CA ILE B 163 -29.31 25.98 25.63
C ILE B 163 -30.65 26.14 26.37
N VAL B 164 -31.64 26.72 25.70
CA VAL B 164 -32.92 27.09 26.33
C VAL B 164 -33.59 25.93 27.06
N ASP B 165 -33.17 25.75 28.32
CA ASP B 165 -33.66 24.73 29.23
C ASP B 165 -32.84 24.82 30.52
N ALA B 166 -32.42 26.05 30.85
CA ALA B 166 -31.40 26.30 31.89
C ALA B 166 -31.53 25.54 33.21
N ASP B 167 -32.47 25.92 34.08
CA ASP B 167 -32.59 25.25 35.39
C ASP B 167 -33.47 24.02 35.27
N LYS B 168 -34.21 23.96 34.17
CA LYS B 168 -35.02 22.81 33.85
C LYS B 168 -34.11 21.62 33.59
N LEU B 169 -33.23 21.76 32.59
CA LEU B 169 -32.42 20.64 32.10
C LEU B 169 -30.91 20.77 32.36
N GLY B 170 -30.44 21.98 32.64
CA GLY B 170 -29.04 22.17 32.93
C GLY B 170 -28.20 22.66 31.76
N ARG B 171 -27.25 21.83 31.35
CA ARG B 171 -26.31 22.17 30.29
C ARG B 171 -26.56 21.29 29.04
N VAL B 172 -27.82 20.94 28.79
CA VAL B 172 -28.13 20.13 27.62
C VAL B 172 -28.57 21.03 26.48
N GLY B 173 -28.25 20.64 25.25
CA GLY B 173 -28.53 21.50 24.11
C GLY B 173 -29.15 20.82 22.91
N GLU B 174 -29.87 21.62 22.11
CA GLU B 174 -30.59 21.14 20.93
C GLU B 174 -30.00 21.85 19.71
N PRO B 175 -29.48 21.07 18.75
CA PRO B 175 -28.78 21.59 17.57
C PRO B 175 -29.50 22.72 16.79
N ARG B 176 -28.79 23.80 16.51
CA ARG B 176 -29.32 24.94 15.74
C ARG B 176 -28.66 25.02 14.37
N HIS B 177 -27.48 24.45 14.25
CA HIS B 177 -26.76 24.44 12.98
C HIS B 177 -25.74 23.29 12.94
N ILE B 178 -25.42 22.82 11.74
CA ILE B 178 -24.44 21.74 11.61
C ILE B 178 -23.25 22.14 10.72
N HIS B 179 -22.09 22.36 11.34
CA HIS B 179 -20.85 22.62 10.64
C HIS B 179 -20.33 21.28 10.13
N LEU B 180 -20.21 21.14 8.81
CA LEU B 180 -19.76 19.88 8.21
C LEU B 180 -18.36 20.03 7.62
N ASP B 181 -17.66 21.08 8.05
CA ASP B 181 -16.33 21.39 7.53
C ASP B 181 -15.41 20.22 7.84
N LEU B 182 -15.45 19.77 9.09
CA LEU B 182 -14.65 18.63 9.53
C LEU B 182 -15.09 17.32 8.85
N VAL B 183 -16.38 17.17 8.61
CA VAL B 183 -16.91 15.93 8.04
C VAL B 183 -16.50 15.77 6.55
N GLY B 184 -16.57 16.86 5.80
CA GLY B 184 -16.19 16.80 4.41
C GLY B 184 -14.71 16.47 4.23
N SER B 185 -13.88 17.01 5.11
CA SER B 185 -12.44 16.75 5.10
C SER B 185 -12.22 15.24 5.26
N ALA B 186 -12.94 14.64 6.20
CA ALA B 186 -12.76 13.23 6.47
C ALA B 186 -13.14 12.44 5.22
N ALA B 187 -14.25 12.82 4.59
CA ALA B 187 -14.70 12.13 3.39
C ALA B 187 -13.65 12.21 2.26
N ARG B 188 -13.18 13.42 1.93
CA ARG B 188 -12.18 13.59 0.89
C ARG B 188 -10.96 12.73 1.12
N ALA B 189 -10.59 12.53 2.38
CA ALA B 189 -9.38 11.78 2.72
C ALA B 189 -9.64 10.29 2.71
N GLY B 190 -10.90 9.92 2.52
CA GLY B 190 -11.30 8.53 2.54
C GLY B 190 -11.40 8.02 3.97
N GLN B 191 -11.76 8.92 4.89
CA GLN B 191 -11.78 8.62 6.32
C GLN B 191 -13.18 8.61 6.91
N ALA B 192 -13.56 7.49 7.50
CA ALA B 192 -14.80 7.46 8.27
C ALA B 192 -14.72 8.54 9.34
N ALA B 193 -15.57 9.54 9.29
CA ALA B 193 -15.58 10.59 10.30
C ALA B 193 -16.28 10.10 11.59
N ILE B 194 -15.61 10.23 12.74
CA ILE B 194 -16.15 9.70 13.99
C ILE B 194 -16.59 10.83 14.93
N LEU B 195 -17.91 11.06 15.01
CA LEU B 195 -18.46 12.19 15.75
C LEU B 195 -18.88 11.84 17.17
N ALA B 196 -18.63 12.75 18.11
CA ALA B 196 -19.12 12.56 19.47
C ALA B 196 -20.17 13.60 19.78
N CYS B 197 -21.12 13.22 20.64
CA CYS B 197 -22.22 14.12 20.96
C CYS B 197 -21.77 15.25 21.89
N LEU B 198 -20.87 16.09 21.43
CA LEU B 198 -20.52 17.26 22.19
C LEU B 198 -20.90 18.47 21.37
N GLY B 199 -21.57 19.43 22.00
CA GLY B 199 -22.05 20.59 21.27
C GLY B 199 -21.46 21.89 21.76
N GLU B 200 -21.70 22.94 20.99
CA GLU B 200 -21.18 24.27 21.28
C GLU B 200 -22.23 25.35 20.96
N THR B 201 -22.42 26.30 21.88
CA THR B 201 -23.37 27.40 21.66
C THR B 201 -22.73 28.53 20.83
N PRO B 202 -23.56 29.47 20.31
CA PRO B 202 -23.04 30.66 19.59
C PRO B 202 -21.81 31.27 20.23
N ASP B 203 -21.77 31.33 21.56
CA ASP B 203 -20.64 31.91 22.27
C ASP B 203 -19.67 30.86 22.85
N GLY B 204 -19.54 29.72 22.17
CA GLY B 204 -18.47 28.78 22.49
C GLY B 204 -18.69 27.86 23.67
N THR B 205 -19.73 28.13 24.46
CA THR B 205 -20.04 27.32 25.63
C THR B 205 -20.21 25.85 25.28
N LEU B 206 -19.59 24.97 26.07
CA LEU B 206 -19.73 23.54 25.84
C LEU B 206 -21.15 23.11 26.20
N VAL B 207 -21.54 21.90 25.79
CA VAL B 207 -22.90 21.43 26.02
C VAL B 207 -23.04 19.92 25.77
N ASN B 208 -23.94 19.27 26.50
CA ASN B 208 -24.18 17.85 26.27
C ASN B 208 -25.38 17.64 25.37
N ILE B 209 -25.14 17.01 24.24
CA ILE B 209 -26.18 16.72 23.27
C ILE B 209 -26.58 15.26 23.35
N ASN B 210 -27.89 15.01 23.40
CA ASN B 210 -28.38 13.64 23.45
C ASN B 210 -28.10 12.91 22.15
N ALA B 211 -27.78 11.62 22.20
CA ALA B 211 -27.34 10.92 21.00
C ALA B 211 -28.48 10.78 19.96
N ASP B 212 -29.71 10.72 20.44
CA ASP B 212 -30.85 10.60 19.54
C ASP B 212 -31.16 11.94 18.85
N VAL B 213 -31.22 13.03 19.60
CA VAL B 213 -31.47 14.35 18.98
C VAL B 213 -30.39 14.76 17.98
N ALA B 214 -29.17 14.25 18.16
CA ALA B 214 -28.01 14.56 17.30
C ALA B 214 -28.11 13.83 15.98
N VAL B 215 -28.32 12.51 16.06
CA VAL B 215 -28.59 11.72 14.86
C VAL B 215 -29.73 12.38 14.08
N ARG B 216 -30.77 12.81 14.78
CA ARG B 216 -31.90 13.45 14.12
C ARG B 216 -31.38 14.66 13.38
N ALA B 217 -30.53 15.41 14.05
CA ALA B 217 -29.98 16.65 13.52
C ALA B 217 -29.01 16.42 12.39
N LEU B 218 -28.28 15.31 12.49
CA LEU B 218 -27.23 15.04 11.51
C LEU B 218 -27.82 14.49 10.22
N VAL B 219 -28.80 13.60 10.37
CA VAL B 219 -29.49 13.03 9.22
C VAL B 219 -30.17 14.13 8.43
N HIS B 220 -30.78 15.09 9.12
CA HIS B 220 -31.42 16.21 8.47
C HIS B 220 -30.43 16.93 7.57
N ALA B 221 -29.25 17.22 8.11
CA ALA B 221 -28.25 18.02 7.42
C ALA B 221 -27.55 17.24 6.33
N LEU B 222 -27.31 15.96 6.56
CA LEU B 222 -26.57 15.17 5.57
C LEU B 222 -27.45 14.52 4.50
N GLN B 223 -28.69 14.19 4.86
CA GLN B 223 -29.64 13.45 4.01
C GLN B 223 -29.07 12.15 3.45
N PRO B 224 -28.59 11.27 4.35
CA PRO B 224 -27.91 10.03 3.94
C PRO B 224 -28.77 9.02 3.15
N TYR B 225 -28.09 8.20 2.36
CA TYR B 225 -28.78 7.15 1.65
C TYR B 225 -29.17 6.01 2.60
N LYS B 226 -28.52 6.01 3.75
CA LYS B 226 -28.59 4.89 4.68
C LYS B 226 -28.47 5.45 6.08
N VAL B 227 -29.32 5.01 7.01
CA VAL B 227 -29.06 5.32 8.41
C VAL B 227 -28.94 3.97 9.10
N VAL B 228 -27.79 3.71 9.74
CA VAL B 228 -27.56 2.40 10.36
C VAL B 228 -27.42 2.57 11.87
N PHE B 229 -28.14 1.73 12.62
CA PHE B 229 -27.99 1.62 14.06
C PHE B 229 -27.29 0.30 14.37
N LEU B 230 -26.05 0.37 14.87
CA LEU B 230 -25.31 -0.81 15.28
C LEU B 230 -25.56 -1.09 16.78
N THR B 231 -26.28 -2.17 17.07
CA THR B 231 -26.55 -2.54 18.47
C THR B 231 -26.02 -3.93 18.72
N GLY B 232 -26.00 -4.33 20.01
CA GLY B 232 -25.47 -5.63 20.40
C GLY B 232 -26.44 -6.79 20.15
N THR B 233 -27.74 -6.50 20.23
CA THR B 233 -28.79 -7.49 19.99
C THR B 233 -28.85 -7.89 18.51
N GLY B 234 -28.95 -6.89 17.63
CA GLY B 234 -28.84 -7.15 16.21
C GLY B 234 -30.09 -7.02 15.35
N GLY B 235 -31.00 -6.12 15.74
CA GLY B 235 -32.19 -5.91 14.94
C GLY B 235 -33.42 -6.12 15.78
N LEU B 236 -34.51 -5.44 15.42
CA LEU B 236 -35.80 -5.60 16.05
C LEU B 236 -36.33 -7.05 16.02
N LEU B 237 -37.18 -7.42 16.99
CA LEU B 237 -37.73 -8.77 17.10
C LEU B 237 -39.24 -8.87 16.78
N ASP B 238 -39.65 -10.01 16.22
CA ASP B 238 -41.08 -10.27 15.95
C ASP B 238 -41.76 -10.98 17.12
N GLU B 239 -43.05 -11.26 16.97
CA GLU B 239 -43.84 -11.90 18.03
C GLU B 239 -43.29 -13.27 18.44
N ASP B 240 -42.58 -13.93 17.53
CA ASP B 240 -42.10 -15.29 17.74
C ASP B 240 -40.70 -15.38 18.35
N GLY B 241 -40.00 -14.25 18.41
CA GLY B 241 -38.65 -14.23 18.95
C GLY B 241 -37.58 -14.03 17.88
N ASP B 242 -37.93 -14.26 16.61
CA ASP B 242 -37.00 -14.14 15.51
C ASP B 242 -36.67 -12.67 15.20
N ILE B 243 -35.62 -12.44 14.43
CA ILE B 243 -35.34 -11.09 13.97
C ILE B 243 -36.30 -10.68 12.85
N LEU B 244 -36.99 -9.57 13.06
CA LEU B 244 -37.85 -8.97 12.05
C LEU B 244 -37.05 -8.35 10.86
N SER B 245 -36.99 -9.04 9.73
CA SER B 245 -36.24 -8.54 8.59
C SER B 245 -36.77 -7.22 8.01
N SER B 246 -38.02 -7.16 7.58
CA SER B 246 -38.50 -5.94 6.92
C SER B 246 -39.60 -5.31 7.75
N ILE B 247 -39.67 -3.97 7.74
CA ILE B 247 -40.85 -3.21 8.16
C ILE B 247 -41.19 -2.21 7.04
N ASN B 248 -42.42 -2.25 6.52
CA ASN B 248 -42.87 -1.40 5.41
C ASN B 248 -43.83 -0.37 6.03
N LEU B 249 -43.27 0.76 6.45
CA LEU B 249 -44.02 1.73 7.27
C LEU B 249 -45.37 2.13 6.69
N ALA B 250 -45.50 2.16 5.36
CA ALA B 250 -46.79 2.50 4.72
C ALA B 250 -47.86 1.49 5.10
N THR B 251 -47.45 0.22 5.25
CA THR B 251 -48.38 -0.86 5.57
C THR B 251 -48.23 -1.39 6.99
N ASP B 252 -47.01 -1.39 7.52
CA ASP B 252 -46.77 -2.07 8.81
C ASP B 252 -46.81 -1.19 10.08
N PHE B 253 -46.69 0.13 9.96
CA PHE B 253 -46.54 0.98 11.15
C PHE B 253 -47.70 0.90 12.14
N GLY B 254 -48.88 1.33 11.70
CA GLY B 254 -50.10 1.27 12.47
C GLY B 254 -50.28 -0.13 13.01
N ASP B 255 -50.04 -1.14 12.18
CA ASP B 255 -50.26 -2.50 12.65
C ASP B 255 -49.35 -2.89 13.81
N LEU B 256 -48.12 -2.38 13.82
CA LEU B 256 -47.12 -2.69 14.85
C LEU B 256 -47.38 -1.94 16.18
N MET B 257 -47.42 -0.61 16.12
CA MET B 257 -47.75 0.25 17.27
C MET B 257 -48.91 -0.30 18.16
N GLN B 258 -49.99 -0.64 17.48
CA GLN B 258 -51.21 -1.18 18.04
C GLN B 258 -51.05 -2.56 18.68
N ALA B 259 -50.03 -3.32 18.24
CA ALA B 259 -49.94 -4.74 18.61
C ALA B 259 -49.62 -5.01 20.09
N ASP B 260 -50.04 -6.18 20.56
CA ASP B 260 -49.92 -6.53 21.96
C ASP B 260 -48.52 -7.04 22.29
N TRP B 261 -47.88 -7.63 21.30
CA TRP B 261 -46.56 -8.23 21.46
C TRP B 261 -45.48 -7.17 21.21
N VAL B 262 -45.87 -5.95 20.87
CA VAL B 262 -44.86 -4.88 20.74
C VAL B 262 -44.78 -4.07 22.02
N ASN B 263 -43.62 -4.13 22.68
CA ASN B 263 -43.42 -3.41 23.95
C ASN B 263 -43.09 -1.95 23.75
N GLY B 264 -43.20 -1.15 24.82
CA GLY B 264 -42.93 0.27 24.74
C GLY B 264 -41.58 0.65 24.11
N GLY B 265 -40.56 -0.20 24.27
CA GLY B 265 -39.24 0.16 23.80
C GLY B 265 -39.18 0.00 22.29
N MET B 266 -39.93 -0.97 21.78
CA MET B 266 -39.97 -1.18 20.35
C MET B 266 -40.79 -0.04 19.76
N ARG B 267 -41.74 0.46 20.51
CA ARG B 267 -42.56 1.55 19.97
C ARG B 267 -41.76 2.83 19.83
N LEU B 268 -40.94 3.15 20.83
CA LEU B 268 -40.12 4.38 20.77
C LEU B 268 -39.12 4.40 19.61
N LYS B 269 -38.51 3.25 19.30
CA LYS B 269 -37.63 3.11 18.15
C LYS B 269 -38.42 3.39 16.89
N LEU B 270 -39.50 2.64 16.69
CA LEU B 270 -40.36 2.80 15.51
C LEU B 270 -40.83 4.25 15.36
N GLU B 271 -41.19 4.90 16.46
CA GLU B 271 -41.62 6.27 16.31
C GLU B 271 -40.44 7.12 15.83
N GLU B 272 -39.25 6.85 16.38
CA GLU B 272 -38.08 7.67 16.07
C GLU B 272 -37.62 7.41 14.65
N ILE B 273 -37.42 6.13 14.35
CA ILE B 273 -37.06 5.72 13.00
C ILE B 273 -37.97 6.31 11.94
N LYS B 274 -39.27 6.28 12.17
CA LYS B 274 -40.19 6.86 11.23
C LYS B 274 -39.95 8.37 11.14
N ARG B 275 -39.62 8.99 12.26
CA ARG B 275 -39.39 10.42 12.31
C ARG B 275 -38.21 10.79 11.46
N LEU B 276 -37.27 9.86 11.32
CA LEU B 276 -36.08 10.05 10.48
C LEU B 276 -36.36 9.92 8.98
N LEU B 277 -36.94 8.79 8.60
CA LEU B 277 -37.22 8.49 7.20
C LEU B 277 -38.17 9.49 6.58
N ASP B 278 -39.00 10.09 7.41
CA ASP B 278 -39.98 11.07 6.97
C ASP B 278 -39.26 12.36 6.68
N ASP B 279 -37.95 12.37 6.88
CA ASP B 279 -37.17 13.58 6.66
C ASP B 279 -36.15 13.29 5.57
N LEU B 280 -36.26 12.09 5.00
CA LEU B 280 -35.42 11.65 3.89
C LEU B 280 -36.26 11.28 2.66
N PRO B 281 -35.64 11.36 1.47
CA PRO B 281 -36.25 10.91 0.21
C PRO B 281 -36.67 9.47 0.35
N LEU B 282 -37.60 9.03 -0.50
CA LEU B 282 -38.13 7.68 -0.45
C LEU B 282 -37.08 6.60 -0.56
N SER B 283 -35.97 6.97 -1.16
CA SER B 283 -34.90 6.02 -1.46
C SER B 283 -34.07 5.67 -0.24
N SER B 284 -34.15 6.47 0.81
CA SER B 284 -33.40 6.20 2.03
C SER B 284 -34.00 5.03 2.82
N SER B 285 -33.16 4.37 3.60
CA SER B 285 -33.61 3.29 4.46
C SER B 285 -32.91 3.34 5.83
N VAL B 286 -33.43 2.58 6.79
CA VAL B 286 -32.69 2.39 8.04
C VAL B 286 -32.45 0.89 8.19
N SER B 287 -31.25 0.51 8.62
CA SER B 287 -30.96 -0.86 8.99
C SER B 287 -30.58 -0.87 10.44
N ILE B 288 -30.94 -1.95 11.12
CA ILE B 288 -30.54 -2.18 12.50
C ILE B 288 -29.88 -3.55 12.55
N THR B 289 -28.55 -3.58 12.58
CA THR B 289 -27.83 -4.84 12.70
C THR B 289 -26.80 -4.71 13.79
N ARG B 290 -26.02 -5.76 13.91
CA ARG B 290 -24.89 -5.78 14.80
C ARG B 290 -23.66 -5.72 13.88
N PRO B 291 -22.54 -5.22 14.40
CA PRO B 291 -21.35 -5.00 13.57
C PRO B 291 -21.03 -6.22 12.71
N SER B 292 -21.12 -7.42 13.30
CA SER B 292 -20.76 -8.65 12.59
C SER B 292 -21.65 -8.88 11.37
N GLU B 293 -22.89 -8.38 11.42
CA GLU B 293 -23.80 -8.52 10.30
C GLU B 293 -23.70 -7.40 9.27
N LEU B 294 -23.22 -6.24 9.66
CA LEU B 294 -23.27 -5.03 8.82
C LEU B 294 -22.97 -5.19 7.32
N ALA B 295 -21.95 -5.96 6.96
CA ALA B 295 -21.72 -6.15 5.53
C ALA B 295 -22.88 -6.89 4.87
N ARG B 296 -23.19 -8.11 5.32
CA ARG B 296 -24.37 -8.87 4.84
C ARG B 296 -25.58 -7.94 4.72
N GLU B 297 -25.75 -7.07 5.70
CA GLU B 297 -26.89 -6.17 5.73
C GLU B 297 -26.95 -5.19 4.56
N LEU B 298 -25.81 -4.57 4.23
CA LEU B 298 -25.74 -3.53 3.20
C LEU B 298 -25.54 -4.11 1.81
N PHE B 299 -24.98 -5.30 1.70
CA PHE B 299 -24.53 -5.74 0.39
C PHE B 299 -25.27 -6.95 -0.17
N THR B 300 -26.29 -7.41 0.53
CA THR B 300 -27.16 -8.43 -0.06
C THR B 300 -28.60 -7.96 -0.01
N HIS B 301 -29.44 -8.60 -0.82
CA HIS B 301 -30.85 -8.27 -0.81
C HIS B 301 -31.46 -8.71 0.53
N ALA B 302 -31.19 -9.96 0.91
CA ALA B 302 -31.78 -10.54 2.12
C ALA B 302 -31.43 -9.77 3.40
N GLY B 303 -30.25 -9.17 3.42
CA GLY B 303 -29.86 -8.43 4.61
C GLY B 303 -29.47 -9.37 5.74
N SER B 304 -29.28 -8.80 6.94
CA SER B 304 -28.96 -9.59 8.12
C SER B 304 -29.30 -8.85 9.41
N GLY B 305 -30.49 -8.28 9.45
CA GLY B 305 -30.98 -7.51 10.57
C GLY B 305 -32.35 -7.01 10.16
N THR B 306 -32.77 -5.87 10.73
CA THR B 306 -34.09 -5.31 10.48
C THR B 306 -34.00 -4.10 9.57
N LEU B 307 -34.59 -4.17 8.38
CA LEU B 307 -34.64 -3.01 7.47
C LEU B 307 -35.96 -2.31 7.57
N ILE B 308 -35.94 -0.96 7.50
CA ILE B 308 -37.18 -0.14 7.66
C ILE B 308 -37.31 1.01 6.62
N ARG B 309 -38.28 0.93 5.70
CA ARG B 309 -38.51 2.03 4.72
C ARG B 309 -39.85 2.70 4.85
N ARG B 310 -39.99 3.88 4.25
CA ARG B 310 -41.32 4.48 4.19
C ARG B 310 -42.17 3.57 3.31
N GLY B 311 -41.55 2.99 2.29
CA GLY B 311 -42.20 1.94 1.51
C GLY B 311 -43.34 2.43 0.64
N GLU B 312 -44.19 1.52 0.21
CA GLU B 312 -45.31 1.94 -0.61
C GLU B 312 -46.57 1.17 -0.26
N ARG B 313 -47.72 1.85 -0.42
CA ARG B 313 -49.02 1.25 -0.16
C ARG B 313 -49.27 0.07 -1.10
N MET B 314 -50.38 -0.62 -0.87
CA MET B 314 -50.66 -1.87 -1.58
C MET B 314 -52.12 -1.94 -2.03
N VAL B 315 -52.37 -2.68 -3.10
CA VAL B 315 -53.73 -3.01 -3.51
C VAL B 315 -54.05 -4.49 -3.21
N ALA B 316 -55.11 -4.72 -2.43
CA ALA B 316 -55.67 -6.05 -2.26
C ALA B 316 -57.05 -6.00 -2.86
N THR B 317 -57.21 -6.62 -4.03
CA THR B 317 -58.50 -6.57 -4.71
C THR B 317 -58.88 -7.93 -5.28
N ASP B 318 -60.16 -8.12 -5.58
CA ASP B 318 -60.58 -9.35 -6.26
C ASP B 318 -61.14 -9.03 -7.65
N ASP B 319 -61.18 -7.74 -7.98
CA ASP B 319 -61.62 -7.28 -9.29
C ASP B 319 -60.44 -7.31 -10.27
N LYS B 320 -60.42 -8.32 -11.13
CA LYS B 320 -59.32 -8.42 -12.09
C LYS B 320 -59.27 -7.22 -13.06
N SER B 321 -60.43 -6.60 -13.32
CA SER B 321 -60.44 -5.48 -14.25
C SER B 321 -59.47 -4.39 -13.81
N SER B 322 -59.56 -4.02 -12.53
CA SER B 322 -58.78 -2.93 -11.97
C SER B 322 -57.25 -3.09 -12.06
N LEU B 323 -56.74 -4.31 -11.94
CA LEU B 323 -55.30 -4.58 -12.06
C LEU B 323 -54.77 -4.21 -13.44
N ASP B 324 -53.53 -3.74 -13.50
CA ASP B 324 -52.88 -3.42 -14.78
C ASP B 324 -52.19 -4.68 -15.31
N LEU B 325 -52.91 -5.44 -16.12
CA LEU B 325 -52.39 -6.72 -16.58
C LEU B 325 -51.18 -6.54 -17.48
N GLY B 326 -51.02 -5.36 -18.06
CA GLY B 326 -49.82 -5.08 -18.84
C GLY B 326 -48.65 -5.09 -17.87
N ARG B 327 -48.75 -4.24 -16.85
CA ARG B 327 -47.69 -4.12 -15.89
C ARG B 327 -47.41 -5.42 -15.12
N LEU B 328 -48.42 -6.29 -15.00
CA LEU B 328 -48.23 -7.59 -14.34
C LEU B 328 -47.49 -8.60 -15.22
N ASP B 329 -47.79 -8.60 -16.51
CA ASP B 329 -47.06 -9.47 -17.44
C ASP B 329 -45.59 -9.12 -17.41
N ASN B 330 -45.29 -7.82 -17.41
CA ASN B 330 -43.91 -7.36 -17.29
C ASN B 330 -43.26 -7.88 -16.01
N LEU B 331 -43.99 -7.79 -14.90
CA LEU B 331 -43.45 -8.23 -13.61
C LEU B 331 -43.11 -9.72 -13.62
N VAL B 332 -44.06 -10.55 -14.05
CA VAL B 332 -43.80 -12.00 -14.10
C VAL B 332 -42.61 -12.28 -15.01
N LYS B 333 -42.59 -11.65 -16.18
CA LYS B 333 -41.49 -11.83 -17.14
C LYS B 333 -40.11 -11.46 -16.59
N ALA B 334 -40.07 -10.44 -15.75
CA ALA B 334 -38.81 -9.98 -15.20
C ALA B 334 -38.39 -10.86 -14.03
N ALA B 335 -39.33 -11.13 -13.13
CA ALA B 335 -39.02 -11.87 -11.91
C ALA B 335 -38.61 -13.31 -12.21
N PHE B 336 -39.28 -13.93 -13.18
CA PHE B 336 -39.06 -15.35 -13.51
C PHE B 336 -38.13 -15.59 -14.67
N GLY B 337 -37.86 -14.56 -15.46
CA GLY B 337 -36.96 -14.70 -16.60
C GLY B 337 -37.62 -15.35 -17.81
N ARG B 338 -38.78 -15.95 -17.58
CA ARG B 338 -39.60 -16.56 -18.62
C ARG B 338 -40.97 -15.88 -18.54
N PRO B 339 -41.67 -15.77 -19.68
CA PRO B 339 -42.99 -15.12 -19.69
C PRO B 339 -44.17 -16.08 -19.45
N ALA B 340 -45.33 -15.54 -19.05
CA ALA B 340 -46.51 -16.35 -18.78
C ALA B 340 -47.09 -16.90 -20.08
N VAL B 341 -47.63 -18.11 -20.06
CA VAL B 341 -48.11 -18.74 -21.29
C VAL B 341 -49.23 -17.91 -21.96
N GLU B 342 -49.29 -18.00 -23.28
CA GLU B 342 -50.30 -17.31 -24.09
C GLU B 342 -51.68 -17.47 -23.47
N GLY B 343 -52.35 -16.34 -23.27
CA GLY B 343 -53.68 -16.30 -22.70
C GLY B 343 -53.77 -16.89 -21.30
N TYR B 344 -52.75 -16.67 -20.50
CA TYR B 344 -52.80 -17.09 -19.12
C TYR B 344 -53.66 -16.10 -18.32
N TRP B 345 -53.55 -14.82 -18.69
CA TRP B 345 -54.20 -13.73 -17.98
C TRP B 345 -55.73 -13.62 -18.19
N ASP B 346 -56.18 -13.64 -19.44
CA ASP B 346 -57.60 -13.41 -19.71
C ASP B 346 -58.41 -14.66 -19.37
N ARG B 347 -57.70 -15.77 -19.17
CA ARG B 347 -58.34 -17.02 -18.82
C ARG B 347 -58.22 -17.28 -17.32
N LEU B 348 -57.55 -16.36 -16.62
CA LEU B 348 -57.19 -16.52 -15.21
C LEU B 348 -58.33 -16.16 -14.27
N ARG B 349 -58.50 -16.93 -13.19
CA ARG B 349 -59.64 -16.75 -12.28
C ARG B 349 -59.54 -15.52 -11.38
N VAL B 350 -58.60 -15.56 -10.44
CA VAL B 350 -58.32 -14.49 -9.47
C VAL B 350 -59.33 -14.52 -8.37
N ASP B 351 -58.88 -15.02 -7.22
CA ASP B 351 -59.69 -15.12 -6.02
C ASP B 351 -59.38 -13.88 -5.19
N ARG B 352 -58.13 -13.41 -5.30
CA ARG B 352 -57.69 -12.19 -4.64
C ARG B 352 -56.29 -11.86 -5.09
N ALA B 353 -56.05 -10.57 -5.30
CA ALA B 353 -54.76 -10.13 -5.79
C ALA B 353 -54.14 -9.13 -4.84
N PHE B 354 -52.84 -9.28 -4.61
CA PHE B 354 -52.14 -8.38 -3.71
C PHE B 354 -50.99 -7.77 -4.48
N VAL B 355 -51.08 -6.48 -4.75
CA VAL B 355 -50.07 -5.88 -5.59
C VAL B 355 -49.56 -4.59 -4.98
N THR B 356 -48.23 -4.45 -4.97
CA THR B 356 -47.60 -3.28 -4.41
C THR B 356 -47.73 -2.16 -5.44
N GLU B 357 -47.86 -0.92 -4.96
CA GLU B 357 -48.15 0.26 -5.81
C GLU B 357 -47.32 0.39 -7.10
N SER B 358 -46.11 -0.16 -7.11
CA SER B 358 -45.22 0.05 -8.23
C SER B 358 -45.21 -1.15 -9.18
N TYR B 359 -46.10 -2.11 -8.89
CA TYR B 359 -46.13 -3.39 -9.59
C TYR B 359 -44.75 -4.05 -9.58
N ARG B 360 -44.00 -3.86 -8.49
CA ARG B 360 -42.66 -4.46 -8.37
C ARG B 360 -42.63 -5.76 -7.58
N ALA B 361 -43.78 -6.12 -7.02
CA ALA B 361 -43.92 -7.37 -6.29
C ALA B 361 -45.40 -7.66 -6.19
N ALA B 362 -45.79 -8.92 -6.32
CA ALA B 362 -47.23 -9.25 -6.30
C ALA B 362 -47.52 -10.71 -5.96
N ALA B 363 -48.66 -10.89 -5.30
CA ALA B 363 -49.19 -12.22 -5.02
C ALA B 363 -50.60 -12.31 -5.59
N ILE B 364 -50.84 -13.37 -6.35
CA ILE B 364 -52.15 -13.59 -6.93
C ILE B 364 -52.66 -14.96 -6.50
N THR B 365 -53.74 -14.99 -5.74
CA THR B 365 -54.37 -16.26 -5.39
C THR B 365 -55.55 -16.64 -6.33
N THR B 366 -55.61 -17.92 -6.68
CA THR B 366 -56.81 -18.45 -7.31
C THR B 366 -57.47 -19.40 -6.31
N ARG B 367 -58.44 -20.18 -6.78
CA ARG B 367 -59.06 -21.20 -5.92
C ARG B 367 -58.76 -22.59 -6.48
N LEU B 368 -58.47 -23.54 -5.60
CA LEU B 368 -58.17 -24.90 -6.05
C LEU B 368 -58.91 -25.91 -5.17
N ASP B 369 -60.06 -26.38 -5.68
CA ASP B 369 -60.90 -27.33 -4.97
C ASP B 369 -61.37 -26.70 -3.68
N GLY B 370 -61.59 -25.38 -3.73
CA GLY B 370 -62.09 -24.64 -2.59
C GLY B 370 -61.04 -24.21 -1.59
N TRP B 371 -59.80 -24.63 -1.84
CA TRP B 371 -58.62 -24.23 -1.08
C TRP B 371 -58.01 -22.97 -1.68
N VAL B 372 -57.50 -22.06 -0.86
CA VAL B 372 -56.81 -20.92 -1.45
C VAL B 372 -55.48 -21.35 -2.03
N TYR B 373 -55.21 -20.96 -3.27
CA TYR B 373 -54.01 -21.44 -3.95
C TYR B 373 -53.22 -20.27 -4.51
N LEU B 374 -51.92 -20.25 -4.20
CA LEU B 374 -51.04 -19.16 -4.61
C LEU B 374 -50.44 -19.43 -6.00
N ASP B 375 -51.04 -18.84 -7.01
CA ASP B 375 -50.68 -19.18 -8.38
C ASP B 375 -49.42 -18.48 -8.83
N LYS B 376 -49.39 -17.17 -8.60
CA LYS B 376 -48.18 -16.41 -8.88
C LYS B 376 -47.67 -15.73 -7.60
N PHE B 377 -46.38 -15.84 -7.36
CA PHE B 377 -45.72 -14.94 -6.39
C PHE B 377 -44.50 -14.35 -7.08
N ALA B 378 -44.56 -13.06 -7.40
CA ALA B 378 -43.48 -12.49 -8.20
C ALA B 378 -42.96 -11.25 -7.54
N VAL B 379 -41.64 -11.23 -7.37
CA VAL B 379 -40.98 -10.10 -6.75
C VAL B 379 -39.68 -9.88 -7.49
N LEU B 380 -39.51 -8.67 -8.02
CA LEU B 380 -38.22 -8.29 -8.60
C LEU B 380 -37.19 -8.34 -7.49
N ASP B 381 -35.97 -8.76 -7.83
CA ASP B 381 -34.88 -8.79 -6.87
C ASP B 381 -34.81 -7.51 -6.02
N ASP B 382 -34.82 -6.34 -6.66
CA ASP B 382 -34.67 -5.11 -5.90
C ASP B 382 -35.84 -4.84 -4.96
N ALA B 383 -37.04 -5.28 -5.35
CA ALA B 383 -38.19 -5.09 -4.47
C ALA B 383 -38.06 -6.04 -3.28
N ARG B 384 -37.46 -7.21 -3.50
CA ARG B 384 -37.15 -8.15 -2.43
C ARG B 384 -36.16 -7.52 -1.44
N GLY B 385 -35.34 -6.59 -1.93
CA GLY B 385 -34.35 -5.90 -1.12
C GLY B 385 -34.91 -4.73 -0.31
N GLU B 386 -36.05 -4.20 -0.74
CA GLU B 386 -36.72 -3.14 0.00
C GLU B 386 -37.76 -3.76 0.95
N GLY B 387 -37.94 -5.08 0.85
CA GLY B 387 -38.89 -5.82 1.66
C GLY B 387 -40.32 -5.92 1.11
N LEU B 388 -40.53 -5.53 -0.14
CA LEU B 388 -41.87 -5.53 -0.73
C LEU B 388 -42.45 -6.94 -0.92
N GLY B 389 -41.60 -7.89 -1.27
CA GLY B 389 -42.05 -9.26 -1.44
C GLY B 389 -42.65 -9.79 -0.14
N ARG B 390 -42.09 -9.37 0.99
CA ARG B 390 -42.58 -9.82 2.27
C ARG B 390 -43.85 -9.04 2.66
N THR B 391 -43.93 -7.77 2.27
CA THR B 391 -45.14 -6.98 2.54
C THR B 391 -46.30 -7.61 1.79
N VAL B 392 -46.03 -7.98 0.55
CA VAL B 392 -47.04 -8.59 -0.32
C VAL B 392 -47.46 -9.95 0.25
N TRP B 393 -46.49 -10.74 0.70
CA TRP B 393 -46.74 -12.09 1.22
C TRP B 393 -47.38 -12.06 2.60
N ASN B 394 -47.14 -10.99 3.37
CA ASN B 394 -47.77 -10.90 4.69
C ASN B 394 -49.29 -10.61 4.65
N ARG B 395 -49.73 -9.72 3.77
CA ARG B 395 -51.18 -9.44 3.64
C ARG B 395 -51.86 -10.65 3.05
N MET B 396 -51.13 -11.36 2.19
CA MET B 396 -51.62 -12.58 1.57
C MET B 396 -51.90 -13.71 2.58
N VAL B 397 -50.93 -14.07 3.42
CA VAL B 397 -51.17 -15.14 4.39
C VAL B 397 -52.09 -14.71 5.53
N ASP B 398 -52.44 -13.43 5.58
CA ASP B 398 -53.41 -12.91 6.55
C ASP B 398 -54.82 -13.16 6.05
N TYR B 399 -54.98 -13.03 4.73
CA TYR B 399 -56.23 -13.37 4.05
C TYR B 399 -56.44 -14.87 3.96
N ALA B 400 -55.34 -15.61 3.77
CA ALA B 400 -55.43 -17.06 3.58
C ALA B 400 -54.69 -17.88 4.61
N PRO B 401 -55.29 -18.09 5.79
CA PRO B 401 -54.70 -18.94 6.83
C PRO B 401 -54.43 -20.34 6.31
N GLN B 402 -55.32 -20.85 5.45
CA GLN B 402 -55.13 -22.14 4.83
C GLN B 402 -54.76 -21.91 3.38
N LEU B 403 -53.50 -22.14 3.07
CA LEU B 403 -52.98 -21.81 1.76
C LEU B 403 -52.18 -22.96 1.17
N ILE B 404 -52.38 -23.21 -0.12
CA ILE B 404 -51.58 -24.24 -0.78
C ILE B 404 -50.87 -23.54 -1.91
N TRP B 405 -49.60 -23.87 -2.13
CA TRP B 405 -48.91 -23.32 -3.26
C TRP B 405 -47.83 -24.29 -3.60
N ARG B 406 -47.12 -24.03 -4.70
CA ARG B 406 -46.07 -24.92 -5.17
C ARG B 406 -44.91 -24.10 -5.73
N SER B 407 -43.79 -24.77 -5.97
CA SER B 407 -42.59 -24.07 -6.37
C SER B 407 -41.63 -25.10 -6.85
N ARG B 408 -40.89 -24.80 -7.90
CA ARG B 408 -40.01 -25.78 -8.50
C ARG B 408 -38.97 -26.14 -7.47
N THR B 409 -38.51 -27.39 -7.51
CA THR B 409 -37.55 -27.88 -6.50
C THR B 409 -36.17 -27.22 -6.51
N ASN B 410 -35.86 -26.47 -7.57
CA ASN B 410 -34.59 -25.76 -7.63
C ASN B 410 -34.69 -24.26 -7.30
N ASN B 411 -35.89 -23.79 -6.97
CA ASN B 411 -36.11 -22.37 -6.73
C ASN B 411 -35.39 -21.87 -5.49
N PRO B 412 -34.55 -20.84 -5.62
CA PRO B 412 -33.88 -20.33 -4.42
C PRO B 412 -34.85 -19.77 -3.37
N VAL B 413 -36.11 -19.53 -3.76
CA VAL B 413 -37.10 -19.06 -2.81
C VAL B 413 -37.59 -20.21 -1.90
N ASN B 414 -37.30 -21.43 -2.28
CA ASN B 414 -37.69 -22.58 -1.50
C ASN B 414 -37.31 -22.49 0.00
N GLY B 415 -36.13 -21.99 0.32
CA GLY B 415 -35.72 -21.92 1.72
C GLY B 415 -36.59 -20.94 2.50
N PHE B 416 -37.08 -19.91 1.80
CA PHE B 416 -37.97 -18.93 2.42
C PHE B 416 -39.34 -19.53 2.59
N TYR B 417 -39.76 -20.30 1.58
CA TYR B 417 -41.05 -20.97 1.61
C TYR B 417 -41.10 -21.95 2.80
N PHE B 418 -40.04 -22.75 2.94
CA PHE B 418 -39.95 -23.78 3.98
C PHE B 418 -39.98 -23.22 5.39
N GLU B 419 -39.48 -21.99 5.55
CA GLU B 419 -39.52 -21.33 6.84
C GLU B 419 -40.94 -20.87 7.11
N GLU B 420 -41.67 -20.62 6.05
CA GLU B 420 -43.04 -20.08 6.14
C GLU B 420 -44.13 -21.17 6.08
N CYS B 421 -43.74 -22.37 5.68
CA CYS B 421 -44.68 -23.46 5.51
C CYS B 421 -45.03 -24.11 6.86
N ASP B 422 -46.04 -25.00 6.82
CA ASP B 422 -46.49 -25.76 7.96
C ASP B 422 -46.36 -27.24 7.59
N GLY B 423 -46.17 -27.46 6.29
CA GLY B 423 -45.95 -28.78 5.71
C GLY B 423 -45.56 -28.68 4.23
N ALA B 424 -44.97 -29.74 3.70
CA ALA B 424 -44.55 -29.73 2.32
C ALA B 424 -44.32 -31.15 1.80
N VAL B 425 -44.78 -31.43 0.58
CA VAL B 425 -44.51 -32.72 -0.05
C VAL B 425 -43.60 -32.44 -1.23
N ARG B 426 -42.66 -33.36 -1.54
CA ARG B 426 -41.60 -33.08 -2.52
C ARG B 426 -41.44 -34.12 -3.62
N ARG B 427 -41.64 -33.74 -4.89
CA ARG B 427 -41.26 -34.65 -5.97
C ARG B 427 -40.04 -34.08 -6.67
N ASP B 428 -39.52 -34.83 -7.65
CA ASP B 428 -38.24 -34.49 -8.29
C ASP B 428 -38.27 -33.20 -9.11
N GLU B 429 -39.46 -32.68 -9.39
CA GLU B 429 -39.56 -31.49 -10.21
C GLU B 429 -40.26 -30.36 -9.48
N TRP B 430 -41.44 -30.62 -8.92
CA TRP B 430 -42.15 -29.62 -8.10
C TRP B 430 -42.19 -29.97 -6.60
N THR B 431 -42.57 -28.98 -5.81
CA THR B 431 -42.72 -29.14 -4.38
C THR B 431 -43.90 -28.31 -3.96
N VAL B 432 -44.87 -28.96 -3.30
CA VAL B 432 -46.07 -28.30 -2.84
C VAL B 432 -45.98 -28.07 -1.33
N PHE B 433 -46.28 -26.83 -0.92
CA PHE B 433 -46.21 -26.42 0.47
C PHE B 433 -47.61 -26.11 0.84
N TRP B 434 -47.87 -26.00 2.15
CA TRP B 434 -49.19 -25.57 2.67
C TRP B 434 -49.07 -24.85 4.02
N ARG B 435 -50.07 -24.02 4.36
CA ARG B 435 -50.10 -23.40 5.68
C ARG B 435 -51.39 -23.73 6.37
N GLY B 436 -51.48 -23.41 7.65
CA GLY B 436 -52.62 -23.82 8.45
C GLY B 436 -52.38 -25.12 9.20
N GLU B 437 -53.33 -25.49 10.07
CA GLU B 437 -53.13 -26.70 10.87
C GLU B 437 -54.00 -27.83 10.37
N MET B 438 -53.49 -28.50 9.34
CA MET B 438 -54.18 -29.64 8.75
C MET B 438 -53.26 -30.85 8.63
N GLY B 439 -53.70 -31.94 9.27
CA GLY B 439 -53.07 -33.24 9.18
C GLY B 439 -53.02 -33.71 7.74
N PRO B 440 -51.83 -34.14 7.28
CA PRO B 440 -51.55 -34.64 5.92
C PRO B 440 -52.75 -35.30 5.26
N VAL B 441 -53.47 -36.14 6.00
CA VAL B 441 -54.70 -36.78 5.51
C VAL B 441 -55.77 -35.79 4.98
N GLU B 442 -55.74 -34.56 5.48
CA GLU B 442 -56.70 -33.52 5.07
C GLU B 442 -56.30 -32.85 3.75
N VAL B 443 -55.00 -32.64 3.53
CA VAL B 443 -54.54 -31.97 2.30
C VAL B 443 -54.01 -32.95 1.24
N ALA B 444 -54.00 -34.24 1.55
CA ALA B 444 -53.44 -35.22 0.63
C ALA B 444 -54.12 -35.21 -0.73
N ASP B 445 -55.38 -34.76 -0.77
CA ASP B 445 -56.14 -34.74 -2.01
C ASP B 445 -55.78 -33.53 -2.86
N VAL B 446 -55.86 -32.34 -2.26
CA VAL B 446 -55.56 -31.09 -2.98
C VAL B 446 -54.11 -31.00 -3.45
N VAL B 447 -53.18 -31.52 -2.65
CA VAL B 447 -51.76 -31.53 -2.99
C VAL B 447 -51.57 -32.25 -4.33
N GLU B 448 -52.25 -33.39 -4.52
CA GLU B 448 -52.18 -34.13 -5.78
C GLU B 448 -52.68 -33.29 -6.94
N LYS B 449 -53.65 -32.42 -6.70
CA LYS B 449 -54.15 -31.54 -7.75
C LYS B 449 -53.15 -30.43 -8.08
N ALA B 450 -52.36 -30.02 -7.09
CA ALA B 450 -51.34 -28.98 -7.27
C ALA B 450 -50.16 -29.51 -8.10
N PHE B 451 -49.89 -30.80 -7.96
CA PHE B 451 -48.84 -31.48 -8.73
C PHE B 451 -49.22 -31.63 -10.22
N ALA B 452 -50.50 -31.46 -10.53
CA ALA B 452 -51.00 -31.76 -11.84
C ALA B 452 -51.44 -30.50 -12.57
N LEU B 453 -51.13 -29.35 -11.99
CA LEU B 453 -51.41 -28.09 -12.69
C LEU B 453 -50.47 -27.94 -13.87
N PRO B 454 -50.97 -27.33 -14.96
CA PRO B 454 -50.10 -27.09 -16.10
C PRO B 454 -49.09 -26.03 -15.73
N PRO B 455 -47.94 -26.03 -16.39
CA PRO B 455 -47.05 -24.91 -16.19
C PRO B 455 -47.74 -23.70 -16.79
N THR B 456 -47.85 -22.65 -16.00
CA THR B 456 -48.53 -21.44 -16.43
C THR B 456 -47.47 -20.47 -16.97
N LEU B 457 -46.26 -20.98 -17.09
CA LEU B 457 -45.09 -20.28 -17.65
C LEU B 457 -44.30 -21.25 -18.54
N GLU B 458 -43.74 -20.76 -19.65
CA GLU B 458 -42.93 -21.64 -20.50
C GLU B 458 -41.54 -21.92 -19.94
N ALA B 459 -40.80 -22.82 -20.61
CA ALA B 459 -39.44 -23.19 -20.20
C ALA B 459 -39.34 -23.57 -18.71
N ARG C 29 4.92 5.37 -5.10
CA ARG C 29 4.92 6.16 -6.33
C ARG C 29 3.93 7.31 -6.26
N GLN C 30 2.71 7.01 -5.82
CA GLN C 30 1.73 8.04 -5.46
C GLN C 30 2.27 8.79 -4.26
N THR C 31 2.94 8.06 -3.38
CA THR C 31 3.69 8.64 -2.28
C THR C 31 5.05 9.18 -2.76
N ILE C 32 5.17 9.39 -4.07
CA ILE C 32 6.29 10.14 -4.67
C ILE C 32 5.72 11.08 -5.75
N VAL C 33 4.55 11.64 -5.48
CA VAL C 33 3.90 12.59 -6.39
C VAL C 33 4.50 13.98 -6.20
N GLN C 34 4.76 14.34 -4.95
CA GLN C 34 5.43 15.58 -4.64
C GLN C 34 6.50 15.30 -3.58
N LEU C 35 7.25 14.25 -3.85
CA LEU C 35 8.44 13.89 -3.11
C LEU C 35 9.58 14.17 -4.08
N LEU C 36 9.54 15.36 -4.67
CA LEU C 36 10.45 15.73 -5.74
C LEU C 36 10.91 17.19 -5.62
N SER C 37 10.91 17.73 -4.40
CA SER C 37 11.16 19.15 -4.19
C SER C 37 12.30 19.54 -3.22
N HIS C 38 12.81 18.57 -2.44
CA HIS C 38 13.67 18.89 -1.27
C HIS C 38 15.07 18.24 -1.13
N MET C 39 15.31 17.10 -1.77
CA MET C 39 16.59 16.36 -1.63
C MET C 39 17.78 17.28 -1.91
N ARG C 40 18.94 16.95 -1.31
CA ARG C 40 20.19 17.74 -1.40
C ARG C 40 20.55 18.42 -2.76
N ASP C 41 19.70 18.26 -3.78
CA ASP C 41 19.93 18.85 -5.09
C ASP C 41 18.63 18.75 -5.90
N GLY C 42 17.57 19.37 -5.38
CA GLY C 42 16.21 19.13 -5.89
C GLY C 42 15.60 20.12 -6.88
N LYS C 43 15.80 19.85 -8.17
CA LYS C 43 15.08 20.53 -9.25
C LYS C 43 15.39 19.88 -10.58
N GLU C 44 16.60 19.35 -10.70
CA GLU C 44 17.02 18.70 -11.93
C GLU C 44 16.71 17.22 -11.75
N ILE C 45 16.38 16.84 -10.51
CA ILE C 45 15.89 15.50 -10.24
C ILE C 45 14.60 15.30 -11.02
N ARG C 46 13.70 16.28 -10.90
CA ARG C 46 12.40 16.22 -11.57
C ARG C 46 12.59 15.89 -13.03
N GLU C 47 13.47 16.64 -13.69
CA GLU C 47 13.65 16.55 -15.14
C GLU C 47 14.22 15.21 -15.57
N TYR C 48 15.08 14.61 -14.74
CA TYR C 48 15.63 13.33 -15.12
C TYR C 48 14.59 12.24 -14.99
N LEU C 49 13.78 12.32 -13.92
CA LEU C 49 12.60 11.47 -13.79
C LEU C 49 11.67 11.62 -14.98
N HIS C 50 11.14 12.83 -15.20
CA HIS C 50 10.26 13.06 -16.32
C HIS C 50 11.01 13.03 -17.66
N ARG C 51 11.65 11.90 -17.93
CA ARG C 51 12.42 11.73 -19.15
C ARG C 51 12.66 10.25 -19.29
N PHE C 52 12.95 9.62 -18.15
CA PHE C 52 13.01 8.17 -18.10
C PHE C 52 11.57 7.61 -18.14
N SER C 53 10.58 8.42 -17.75
CA SER C 53 9.15 8.09 -17.86
C SER C 53 8.66 8.19 -19.31
N GLY C 54 9.57 8.47 -20.24
CA GLY C 54 9.34 8.25 -21.66
C GLY C 54 9.69 6.79 -21.87
N ILE C 55 8.70 5.95 -21.59
CA ILE C 55 8.91 4.53 -21.34
C ILE C 55 9.00 3.69 -22.58
N ASP C 56 8.08 3.90 -23.53
CA ASP C 56 7.84 2.97 -24.63
C ASP C 56 7.47 1.58 -24.05
N GLN C 57 8.36 1.05 -23.20
CA GLN C 57 8.18 -0.17 -22.41
C GLN C 57 9.39 -0.31 -21.45
N GLU C 58 10.22 -1.29 -21.78
CA GLU C 58 11.45 -1.52 -21.10
C GLU C 58 12.56 -0.91 -21.92
N ARG C 59 12.30 0.25 -22.52
CA ARG C 59 13.31 0.89 -23.34
C ARG C 59 14.03 1.93 -22.50
N PHE C 60 13.84 1.86 -21.18
CA PHE C 60 14.47 2.82 -20.31
C PHE C 60 15.95 2.56 -20.19
N ALA C 61 16.28 1.36 -19.74
CA ALA C 61 17.66 1.09 -19.40
C ALA C 61 17.98 -0.37 -19.47
N VAL C 62 19.08 -0.72 -20.12
CA VAL C 62 19.60 -2.06 -19.97
C VAL C 62 20.75 -1.98 -18.99
N ILE C 63 20.58 -2.58 -17.81
CA ILE C 63 21.63 -2.53 -16.79
C ILE C 63 22.37 -3.86 -16.72
N LYS C 64 23.64 -3.86 -17.08
CA LYS C 64 24.44 -5.06 -16.93
C LYS C 64 25.16 -4.95 -15.63
N VAL C 65 25.01 -5.98 -14.81
CA VAL C 65 25.72 -6.08 -13.54
C VAL C 65 26.53 -7.37 -13.54
N GLY C 66 27.83 -7.27 -13.24
CA GLY C 66 28.71 -8.41 -13.28
C GLY C 66 28.42 -9.45 -12.21
N GLY C 67 28.96 -10.65 -12.40
CA GLY C 67 28.87 -11.69 -11.39
C GLY C 67 29.46 -11.23 -10.07
N ALA C 68 30.57 -10.48 -10.14
CA ALA C 68 31.26 -9.99 -8.95
C ALA C 68 30.38 -9.18 -7.97
N VAL C 69 29.47 -8.37 -8.52
CA VAL C 69 28.66 -7.44 -7.73
C VAL C 69 27.61 -8.14 -6.89
N ILE C 70 26.83 -9.04 -7.50
CA ILE C 70 25.77 -9.75 -6.77
C ILE C 70 26.31 -10.57 -5.59
N GLN C 71 27.59 -10.93 -5.67
CA GLN C 71 28.27 -11.68 -4.62
C GLN C 71 28.78 -10.75 -3.51
N ASP C 72 29.59 -9.76 -3.89
CA ASP C 72 30.29 -8.90 -2.93
C ASP C 72 29.47 -7.69 -2.43
N ASP C 73 28.30 -7.45 -3.01
CA ASP C 73 27.45 -6.32 -2.61
C ASP C 73 26.04 -6.49 -3.17
N LEU C 74 25.31 -7.45 -2.62
CA LEU C 74 23.96 -7.71 -3.10
C LEU C 74 22.94 -6.74 -2.47
N PRO C 75 23.01 -6.49 -1.15
CA PRO C 75 22.07 -5.50 -0.59
C PRO C 75 22.11 -4.12 -1.24
N GLY C 76 23.29 -3.53 -1.37
CA GLY C 76 23.45 -2.22 -2.00
C GLY C 76 22.99 -2.22 -3.45
N LEU C 77 23.32 -3.32 -4.15
CA LEU C 77 22.84 -3.53 -5.51
C LEU C 77 21.32 -3.51 -5.52
N ALA C 78 20.71 -4.27 -4.62
CA ALA C 78 19.26 -4.39 -4.56
C ALA C 78 18.59 -3.07 -4.23
N SER C 79 18.98 -2.43 -3.13
CA SER C 79 18.39 -1.15 -2.76
C SER C 79 18.44 -0.17 -3.94
N ALA C 80 19.55 -0.17 -4.67
CA ALA C 80 19.74 0.75 -5.78
C ALA C 80 18.81 0.47 -6.97
N LEU C 81 18.69 -0.81 -7.33
CA LEU C 81 17.82 -1.17 -8.41
C LEU C 81 16.40 -0.98 -7.96
N ALA C 82 16.12 -1.37 -6.70
CA ALA C 82 14.76 -1.31 -6.18
C ALA C 82 14.29 0.14 -5.99
N PHE C 83 15.24 1.05 -5.78
CA PHE C 83 14.89 2.46 -5.61
C PHE C 83 14.26 2.97 -6.88
N LEU C 84 14.91 2.68 -8.01
CA LEU C 84 14.38 3.05 -9.33
C LEU C 84 12.95 2.60 -9.41
N GLN C 85 12.80 1.29 -9.29
CA GLN C 85 11.54 0.65 -9.56
C GLN C 85 10.38 1.12 -8.67
N THR C 86 10.67 1.93 -7.65
CA THR C 86 9.59 2.54 -6.86
C THR C 86 9.26 3.93 -7.38
N VAL C 87 10.20 4.53 -8.09
CA VAL C 87 9.99 5.87 -8.58
C VAL C 87 9.43 5.77 -10.02
N GLY C 88 9.07 4.54 -10.39
CA GLY C 88 8.33 4.32 -11.63
C GLY C 88 9.09 3.56 -12.69
N LEU C 89 10.42 3.55 -12.57
CA LEU C 89 11.27 3.07 -13.64
C LEU C 89 11.50 1.55 -13.60
N THR C 90 11.59 0.94 -14.77
CA THR C 90 11.68 -0.50 -14.83
C THR C 90 12.82 -0.91 -15.73
N PRO C 91 14.01 -1.10 -15.16
CA PRO C 91 15.17 -1.45 -15.98
C PRO C 91 15.12 -2.92 -16.38
N VAL C 92 15.94 -3.27 -17.37
CA VAL C 92 16.05 -4.65 -17.79
C VAL C 92 17.44 -5.09 -17.38
N VAL C 93 17.51 -5.99 -16.41
CA VAL C 93 18.80 -6.34 -15.86
C VAL C 93 19.34 -7.65 -16.45
N VAL C 94 20.60 -7.62 -16.83
CA VAL C 94 21.34 -8.81 -17.27
C VAL C 94 22.51 -8.99 -16.32
N HIS C 95 22.64 -10.18 -15.74
CA HIS C 95 23.71 -10.44 -14.81
C HIS C 95 24.62 -11.56 -15.32
N GLY C 96 25.90 -11.49 -15.01
CA GLY C 96 26.82 -12.56 -15.40
C GLY C 96 26.97 -13.56 -14.27
N GLY C 97 28.01 -14.37 -14.32
CA GLY C 97 28.23 -15.35 -13.28
C GLY C 97 29.71 -15.61 -13.05
N GLY C 98 30.52 -14.56 -13.22
CA GLY C 98 31.96 -14.60 -13.04
C GLY C 98 32.45 -15.44 -11.87
N PRO C 99 32.59 -14.83 -10.68
CA PRO C 99 33.02 -15.55 -9.46
C PRO C 99 32.18 -16.80 -9.08
N GLN C 100 30.85 -16.74 -9.28
CA GLN C 100 29.91 -17.82 -8.90
C GLN C 100 30.18 -19.17 -9.56
N LEU C 101 30.21 -19.17 -10.90
CA LEU C 101 30.47 -20.40 -11.63
C LEU C 101 31.95 -20.54 -12.01
N ASP C 102 32.54 -19.48 -12.55
CA ASP C 102 33.92 -19.53 -13.06
C ASP C 102 34.93 -19.75 -11.93
N ALA C 103 34.43 -20.11 -10.76
CA ALA C 103 35.31 -20.41 -9.63
C ALA C 103 34.53 -21.21 -8.60
N ALA C 104 33.95 -20.49 -7.64
CA ALA C 104 33.34 -21.04 -6.44
C ALA C 104 32.58 -22.35 -6.66
N LEU C 105 31.99 -22.50 -7.85
CA LEU C 105 31.25 -23.73 -8.12
C LEU C 105 31.52 -24.34 -9.49
N GLU C 106 32.78 -24.35 -9.90
CA GLU C 106 33.19 -25.09 -11.08
C GLU C 106 34.70 -25.23 -11.03
N ALA C 107 35.22 -25.15 -9.81
CA ALA C 107 36.54 -25.64 -9.52
C ALA C 107 36.28 -26.75 -8.53
N ALA C 108 35.03 -26.80 -8.07
CA ALA C 108 34.60 -27.72 -7.02
C ALA C 108 34.66 -29.16 -7.49
N ASP C 109 34.01 -29.46 -8.60
CA ASP C 109 34.06 -30.81 -9.16
C ASP C 109 35.28 -30.93 -10.08
N ILE C 110 36.39 -30.34 -9.62
CA ILE C 110 37.65 -30.20 -10.36
C ILE C 110 37.52 -30.15 -11.90
N PRO C 111 36.67 -29.25 -12.43
CA PRO C 111 36.47 -29.18 -13.88
C PRO C 111 37.43 -28.19 -14.54
N THR C 112 37.91 -27.22 -13.77
CA THR C 112 38.88 -26.21 -14.22
C THR C 112 38.39 -25.28 -15.34
N GLU C 113 38.87 -24.06 -15.32
CA GLU C 113 38.28 -22.98 -16.13
C GLU C 113 39.09 -22.57 -17.37
N ARG C 114 38.88 -23.31 -18.46
CA ARG C 114 39.53 -23.04 -19.74
C ARG C 114 38.76 -21.89 -20.40
N VAL C 115 39.48 -21.00 -21.07
CA VAL C 115 38.88 -19.82 -21.72
C VAL C 115 39.47 -19.62 -23.12
N ASP C 116 38.83 -20.19 -24.14
CA ASP C 116 39.36 -20.08 -25.51
C ASP C 116 39.16 -18.71 -26.16
N GLY C 117 38.43 -18.69 -27.28
CA GLY C 117 38.08 -17.44 -27.95
C GLY C 117 37.72 -16.36 -26.96
N LEU C 118 36.78 -16.68 -26.07
CA LEU C 118 36.46 -15.85 -24.91
C LEU C 118 35.81 -16.65 -23.77
N ARG C 119 35.39 -17.90 -24.04
CA ARG C 119 34.76 -18.80 -23.02
C ARG C 119 34.36 -20.19 -23.54
N VAL C 120 34.96 -21.26 -23.00
CA VAL C 120 34.56 -22.62 -23.38
C VAL C 120 33.89 -23.35 -22.22
N THR C 121 32.85 -24.10 -22.57
CA THR C 121 32.10 -24.88 -21.61
C THR C 121 31.72 -26.18 -22.30
N ARG C 122 32.32 -27.29 -21.90
CA ARG C 122 31.95 -28.57 -22.48
C ARG C 122 30.63 -29.04 -21.89
N ASP C 123 30.03 -30.04 -22.54
CA ASP C 123 28.70 -30.55 -22.19
C ASP C 123 28.59 -30.91 -20.71
N GLU C 124 29.71 -31.35 -20.13
CA GLU C 124 29.80 -31.71 -18.72
C GLU C 124 29.57 -30.50 -17.80
N ALA C 125 29.91 -29.31 -18.29
CA ALA C 125 29.84 -28.11 -17.47
C ALA C 125 28.44 -27.51 -17.44
N MET C 126 27.63 -27.87 -18.44
CA MET C 126 26.33 -27.22 -18.64
C MET C 126 25.33 -27.27 -17.49
N PRO C 127 25.08 -28.45 -16.91
CA PRO C 127 24.07 -28.51 -15.84
C PRO C 127 24.48 -27.75 -14.57
N ILE C 128 25.77 -27.46 -14.43
CA ILE C 128 26.29 -26.75 -13.27
C ILE C 128 26.08 -25.25 -13.48
N ILE C 129 26.31 -24.82 -14.73
CA ILE C 129 26.08 -23.44 -15.14
C ILE C 129 24.59 -23.11 -15.03
N ARG C 130 23.76 -24.00 -15.55
CA ARG C 130 22.32 -23.88 -15.45
C ARG C 130 21.90 -23.63 -14.00
N ASP C 131 22.30 -24.53 -13.11
CA ASP C 131 21.88 -24.47 -11.70
C ASP C 131 22.47 -23.30 -10.90
N THR C 132 23.59 -22.75 -11.36
CA THR C 132 24.26 -21.67 -10.60
C THR C 132 23.96 -20.25 -11.13
N LEU C 133 23.60 -20.14 -12.41
CA LEU C 133 23.06 -18.89 -12.96
C LEU C 133 21.64 -18.64 -12.51
N THR C 134 20.83 -19.70 -12.54
CA THR C 134 19.46 -19.64 -12.05
C THR C 134 19.48 -19.25 -10.57
N GLN C 135 20.46 -19.78 -9.82
CA GLN C 135 20.53 -19.50 -8.38
C GLN C 135 20.86 -18.04 -8.10
N ALA C 136 21.70 -17.44 -8.94
CA ALA C 136 22.08 -16.04 -8.78
C ALA C 136 20.91 -15.16 -9.18
N ASN C 137 20.30 -15.50 -10.33
CA ASN C 137 19.10 -14.82 -10.85
C ASN C 137 18.02 -14.70 -9.80
N LEU C 138 17.65 -15.81 -9.18
CA LEU C 138 16.64 -15.78 -8.14
C LEU C 138 17.16 -15.08 -6.87
N ALA C 139 18.47 -15.20 -6.61
CA ALA C 139 19.06 -14.55 -5.46
C ALA C 139 18.85 -13.05 -5.58
N LEU C 140 19.01 -12.55 -6.80
CA LEU C 140 18.82 -11.13 -7.09
C LEU C 140 17.34 -10.72 -7.10
N VAL C 141 16.50 -11.57 -7.67
CA VAL C 141 15.07 -11.25 -7.73
C VAL C 141 14.55 -11.00 -6.32
N ASP C 142 14.81 -11.97 -5.44
CA ASP C 142 14.39 -11.88 -4.06
C ASP C 142 15.00 -10.68 -3.33
N ALA C 143 16.27 -10.41 -3.61
CA ALA C 143 16.97 -9.29 -2.97
C ALA C 143 16.28 -7.98 -3.29
N ILE C 144 15.82 -7.87 -4.53
CA ILE C 144 15.13 -6.67 -4.98
C ILE C 144 13.78 -6.56 -4.27
N ARG C 145 13.05 -7.68 -4.20
CA ARG C 145 11.75 -7.65 -3.55
C ARG C 145 11.91 -7.30 -2.08
N ASP C 146 12.82 -8.01 -1.40
CA ASP C 146 13.11 -7.80 0.03
C ASP C 146 13.58 -6.37 0.30
N ALA C 147 14.02 -5.67 -0.75
CA ALA C 147 14.51 -4.30 -0.61
C ALA C 147 13.40 -3.29 -0.89
N GLY C 148 12.19 -3.77 -1.17
CA GLY C 148 11.09 -2.84 -1.35
C GLY C 148 10.52 -2.78 -2.76
N GLY C 149 11.32 -3.18 -3.75
CA GLY C 149 10.94 -3.11 -5.15
C GLY C 149 10.28 -4.38 -5.67
N ARG C 150 10.30 -4.53 -7.00
CA ARG C 150 9.64 -5.64 -7.68
C ARG C 150 10.51 -6.15 -8.83
N ALA C 151 10.64 -7.46 -8.94
CA ALA C 151 11.48 -8.02 -9.97
C ALA C 151 10.78 -9.21 -10.58
N ALA C 152 11.35 -9.71 -11.68
CA ALA C 152 10.75 -10.80 -12.44
C ALA C 152 11.85 -11.73 -12.92
N ALA C 153 11.85 -12.95 -12.39
CA ALA C 153 12.84 -13.94 -12.77
C ALA C 153 12.73 -14.32 -14.23
N VAL C 154 13.75 -14.01 -15.02
CA VAL C 154 13.80 -14.44 -16.42
C VAL C 154 15.12 -15.09 -16.73
N PRO C 155 15.37 -16.29 -16.17
CA PRO C 155 16.63 -16.99 -16.47
C PRO C 155 16.74 -17.39 -17.94
N ARG C 156 15.61 -17.77 -18.54
CA ARG C 156 15.57 -18.34 -19.89
C ARG C 156 14.37 -17.83 -20.65
N GLY C 157 14.43 -17.89 -21.97
CA GLY C 157 13.30 -17.58 -22.82
C GLY C 157 13.53 -16.31 -23.63
N VAL C 158 14.62 -15.63 -23.31
CA VAL C 158 14.97 -14.41 -24.00
C VAL C 158 15.96 -14.68 -25.13
N PHE C 159 17.03 -15.40 -24.81
CA PHE C 159 18.09 -15.57 -25.80
C PHE C 159 17.98 -16.82 -26.68
N GLU C 160 17.61 -16.62 -27.94
CA GLU C 160 17.64 -17.69 -28.93
C GLU C 160 18.96 -17.61 -29.70
N ALA C 161 19.78 -18.66 -29.60
CA ALA C 161 21.14 -18.60 -30.11
C ALA C 161 21.44 -19.65 -31.19
N ASP C 162 22.52 -19.43 -31.93
CA ASP C 162 23.05 -20.43 -32.86
C ASP C 162 24.30 -21.05 -32.24
N ILE C 163 24.71 -22.20 -32.73
CA ILE C 163 25.69 -23.03 -32.04
C ILE C 163 27.04 -23.15 -32.81
N VAL C 164 27.10 -22.60 -34.02
CA VAL C 164 28.25 -22.80 -34.94
C VAL C 164 29.64 -22.45 -34.35
N ASP C 165 30.20 -23.43 -33.64
CA ASP C 165 31.52 -23.39 -33.01
C ASP C 165 31.72 -24.69 -32.21
N ALA C 166 31.09 -25.76 -32.72
CA ALA C 166 30.95 -27.05 -32.01
C ALA C 166 32.21 -27.56 -31.31
N ASP C 167 33.17 -28.01 -32.11
CA ASP C 167 34.40 -28.58 -31.58
C ASP C 167 35.36 -27.44 -31.30
N LYS C 168 35.05 -26.28 -31.86
CA LYS C 168 35.81 -25.06 -31.62
C LYS C 168 35.67 -24.62 -30.16
N LEU C 169 34.45 -24.29 -29.75
CA LEU C 169 34.21 -23.65 -28.45
C LEU C 169 33.38 -24.48 -27.47
N GLY C 170 32.73 -25.53 -27.98
CA GLY C 170 31.90 -26.39 -27.15
C GLY C 170 30.41 -26.08 -27.24
N ARG C 171 29.84 -25.67 -26.12
CA ARG C 171 28.40 -25.43 -26.05
C ARG C 171 28.12 -23.93 -25.86
N VAL C 172 28.98 -23.07 -26.40
CA VAL C 172 28.74 -21.63 -26.28
C VAL C 172 28.06 -21.15 -27.57
N GLY C 173 27.18 -20.16 -27.45
CA GLY C 173 26.34 -19.74 -28.56
C GLY C 173 26.21 -18.24 -28.79
N GLU C 174 25.82 -17.89 -30.02
CA GLU C 174 25.68 -16.49 -30.45
C GLU C 174 24.23 -16.17 -30.83
N PRO C 175 23.64 -15.19 -30.13
CA PRO C 175 22.26 -14.71 -30.26
C PRO C 175 21.84 -14.41 -31.70
N ARG C 176 20.73 -15.02 -32.11
CA ARG C 176 20.19 -14.78 -33.44
C ARG C 176 18.88 -14.02 -33.28
N HIS C 177 18.27 -14.12 -32.11
CA HIS C 177 17.01 -13.43 -31.86
C HIS C 177 16.74 -13.21 -30.38
N ILE C 178 15.92 -12.20 -30.10
CA ILE C 178 15.57 -11.87 -28.72
C ILE C 178 14.05 -11.90 -28.54
N HIS C 179 13.57 -12.90 -27.81
CA HIS C 179 12.16 -12.96 -27.46
C HIS C 179 11.96 -12.00 -26.30
N LEU C 180 11.11 -10.99 -26.50
CA LEU C 180 10.89 -9.96 -25.48
C LEU C 180 9.54 -10.09 -24.80
N ASP C 181 8.88 -11.25 -24.92
CA ASP C 181 7.56 -11.42 -24.31
C ASP C 181 7.63 -11.37 -22.80
N LEU C 182 8.58 -12.13 -22.26
CA LEU C 182 8.74 -12.23 -20.82
C LEU C 182 9.15 -10.87 -20.28
N VAL C 183 9.96 -10.15 -21.04
CA VAL C 183 10.49 -8.85 -20.62
C VAL C 183 9.37 -7.82 -20.62
N GLY C 184 8.52 -7.89 -21.64
CA GLY C 184 7.43 -6.96 -21.73
C GLY C 184 6.43 -7.19 -20.63
N SER C 185 6.19 -8.46 -20.35
CA SER C 185 5.24 -8.87 -19.33
C SER C 185 5.69 -8.22 -18.03
N ALA C 186 7.00 -8.24 -17.78
CA ALA C 186 7.55 -7.68 -16.55
C ALA C 186 7.28 -6.18 -16.43
N ALA C 187 7.54 -5.39 -17.48
CA ALA C 187 7.34 -3.94 -17.42
C ALA C 187 5.89 -3.56 -17.14
N ARG C 188 4.97 -4.18 -17.88
CA ARG C 188 3.56 -3.93 -17.69
C ARG C 188 3.19 -4.15 -16.23
N ALA C 189 3.87 -5.12 -15.60
CA ALA C 189 3.62 -5.48 -14.20
C ALA C 189 4.39 -4.58 -13.25
N GLY C 190 5.19 -3.69 -13.82
CA GLY C 190 6.00 -2.80 -13.02
C GLY C 190 7.21 -3.46 -12.39
N GLN C 191 7.75 -4.50 -13.02
CA GLN C 191 8.82 -5.32 -12.46
C GLN C 191 10.10 -5.22 -13.25
N ALA C 192 11.20 -4.85 -12.58
CA ALA C 192 12.52 -4.90 -13.21
C ALA C 192 12.75 -6.32 -13.72
N ALA C 193 12.92 -6.46 -15.02
CA ALA C 193 13.15 -7.80 -15.56
C ALA C 193 14.62 -8.22 -15.31
N ILE C 194 14.81 -9.40 -14.72
CA ILE C 194 16.14 -9.89 -14.39
C ILE C 194 16.53 -11.06 -15.27
N LEU C 195 17.41 -10.78 -16.23
CA LEU C 195 17.84 -11.79 -17.18
C LEU C 195 19.12 -12.48 -16.76
N ALA C 196 19.16 -13.79 -17.00
CA ALA C 196 20.38 -14.55 -16.81
C ALA C 196 20.86 -14.97 -18.19
N CYS C 197 22.17 -15.04 -18.34
CA CYS C 197 22.76 -15.36 -19.63
C CYS C 197 22.62 -16.85 -19.97
N LEU C 198 21.39 -17.29 -20.11
CA LEU C 198 21.13 -18.63 -20.62
C LEU C 198 20.38 -18.54 -21.94
N GLY C 199 20.88 -19.27 -22.92
CA GLY C 199 20.32 -19.22 -24.25
C GLY C 199 19.77 -20.54 -24.68
N GLU C 200 19.08 -20.53 -25.81
CA GLU C 200 18.46 -21.72 -26.35
C GLU C 200 18.62 -21.77 -27.86
N THR C 201 19.00 -22.93 -28.39
CA THR C 201 19.18 -23.08 -29.83
C THR C 201 17.79 -23.25 -30.46
N PRO C 202 17.68 -23.08 -31.78
CA PRO C 202 16.41 -23.25 -32.50
C PRO C 202 15.59 -24.47 -32.07
N ASP C 203 16.22 -25.61 -31.84
CA ASP C 203 15.51 -26.83 -31.46
C ASP C 203 15.58 -27.10 -29.96
N GLY C 204 15.65 -26.01 -29.19
CA GLY C 204 15.49 -26.06 -27.75
C GLY C 204 16.69 -26.45 -26.90
N THR C 205 17.74 -26.98 -27.53
CA THR C 205 18.95 -27.36 -26.81
C THR C 205 19.53 -26.18 -26.02
N LEU C 206 19.95 -26.44 -24.78
CA LEU C 206 20.53 -25.38 -23.93
C LEU C 206 21.87 -24.89 -24.46
N VAL C 207 22.34 -23.76 -23.93
CA VAL C 207 23.57 -23.13 -24.38
C VAL C 207 24.00 -22.04 -23.37
N ASN C 208 25.33 -21.81 -23.28
CA ASN C 208 25.90 -20.76 -22.44
C ASN C 208 26.21 -19.56 -23.30
N ILE C 209 25.59 -18.43 -22.97
CA ILE C 209 25.87 -17.21 -23.73
C ILE C 209 26.78 -16.31 -22.91
N ASN C 210 27.81 -15.77 -23.57
CA ASN C 210 28.71 -14.87 -22.88
C ASN C 210 28.03 -13.54 -22.54
N ALA C 211 28.35 -12.97 -21.39
CA ALA C 211 27.59 -11.83 -20.89
C ALA C 211 27.70 -10.57 -21.76
N ASP C 212 28.85 -10.39 -22.41
CA ASP C 212 29.00 -9.20 -23.24
C ASP C 212 28.20 -9.33 -24.54
N VAL C 213 28.36 -10.45 -25.24
CA VAL C 213 27.62 -10.66 -26.49
C VAL C 213 26.11 -10.61 -26.22
N ALA C 214 25.73 -10.92 -24.97
CA ALA C 214 24.33 -10.92 -24.56
C ALA C 214 23.80 -9.50 -24.40
N VAL C 215 24.50 -8.69 -23.61
CA VAL C 215 24.14 -7.26 -23.47
C VAL C 215 23.98 -6.57 -24.80
N ARG C 216 24.92 -6.83 -25.71
CA ARG C 216 24.90 -6.22 -27.01
C ARG C 216 23.60 -6.52 -27.72
N ALA C 217 23.16 -7.78 -27.68
CA ALA C 217 22.00 -8.21 -28.46
C ALA C 217 20.73 -7.53 -27.97
N LEU C 218 20.72 -7.34 -26.65
CA LEU C 218 19.61 -6.76 -25.91
C LEU C 218 19.55 -5.25 -26.06
N VAL C 219 20.71 -4.61 -25.98
CA VAL C 219 20.80 -3.17 -26.19
C VAL C 219 20.36 -2.89 -27.62
N HIS C 220 20.80 -3.75 -28.56
CA HIS C 220 20.38 -3.64 -29.94
C HIS C 220 18.84 -3.71 -30.09
N ALA C 221 18.23 -4.70 -29.45
CA ALA C 221 16.81 -4.98 -29.67
C ALA C 221 15.89 -4.00 -28.98
N LEU C 222 16.34 -3.56 -27.81
CA LEU C 222 15.54 -2.70 -26.95
C LEU C 222 15.76 -1.25 -27.27
N GLN C 223 16.94 -0.91 -27.76
CA GLN C 223 17.28 0.48 -28.04
C GLN C 223 17.03 1.38 -26.84
N PRO C 224 17.64 1.04 -25.69
CA PRO C 224 17.41 1.82 -24.47
C PRO C 224 17.99 3.23 -24.54
N TYR C 225 17.36 4.12 -23.78
CA TYR C 225 17.82 5.50 -23.61
C TYR C 225 19.06 5.55 -22.72
N LYS C 226 19.30 4.46 -21.97
CA LYS C 226 20.36 4.40 -20.97
C LYS C 226 20.90 2.98 -20.88
N VAL C 227 22.22 2.84 -20.93
CA VAL C 227 22.84 1.56 -20.64
C VAL C 227 23.78 1.76 -19.49
N VAL C 228 23.55 1.02 -18.40
CA VAL C 228 24.35 1.15 -17.21
C VAL C 228 25.12 -0.14 -16.90
N PHE C 229 26.41 0.02 -16.66
CA PHE C 229 27.23 -1.07 -16.17
C PHE C 229 27.48 -0.81 -14.68
N LEU C 230 26.97 -1.69 -13.83
CA LEU C 230 27.21 -1.57 -12.40
C LEU C 230 28.45 -2.39 -12.08
N THR C 231 29.52 -1.70 -11.69
CA THR C 231 30.74 -2.37 -11.29
C THR C 231 31.08 -1.98 -9.85
N GLY C 232 32.03 -2.69 -9.24
CA GLY C 232 32.45 -2.42 -7.89
C GLY C 232 33.37 -1.21 -7.85
N THR C 233 34.07 -0.97 -8.97
CA THR C 233 35.03 0.13 -9.08
C THR C 233 34.32 1.48 -9.04
N GLY C 234 33.36 1.66 -9.94
CA GLY C 234 32.52 2.82 -9.90
C GLY C 234 32.85 3.78 -11.01
N GLY C 235 33.40 3.25 -12.10
CA GLY C 235 33.70 4.09 -13.24
C GLY C 235 35.14 4.02 -13.66
N LEU C 236 35.37 4.27 -14.94
CA LEU C 236 36.72 4.34 -15.47
C LEU C 236 37.52 5.40 -14.75
N LEU C 237 38.83 5.19 -14.69
CA LEU C 237 39.74 6.08 -13.99
C LEU C 237 40.58 6.84 -15.00
N ASP C 238 40.97 8.06 -14.66
CA ASP C 238 41.84 8.86 -15.52
C ASP C 238 43.33 8.69 -15.17
N GLU C 239 44.21 9.39 -15.89
CA GLU C 239 45.66 9.26 -15.72
C GLU C 239 46.11 9.58 -14.29
N ASP C 240 45.31 10.39 -13.59
CA ASP C 240 45.68 10.89 -12.28
C ASP C 240 45.19 10.02 -11.11
N GLY C 241 44.30 9.08 -11.38
CA GLY C 241 43.75 8.23 -10.34
C GLY C 241 42.30 8.56 -10.05
N ASP C 242 41.86 9.74 -10.47
CA ASP C 242 40.48 10.18 -10.25
C ASP C 242 39.50 9.44 -11.19
N ILE C 243 38.21 9.50 -10.86
CA ILE C 243 37.17 8.98 -11.74
C ILE C 243 36.89 9.97 -12.87
N LEU C 244 37.01 9.45 -14.10
CA LEU C 244 36.67 10.16 -15.34
C LEU C 244 35.17 10.39 -15.42
N SER C 245 34.73 11.63 -15.20
CA SER C 245 33.32 11.92 -15.15
C SER C 245 32.63 11.65 -16.47
N SER C 246 32.99 12.43 -17.48
CA SER C 246 32.35 12.33 -18.79
C SER C 246 33.38 11.91 -19.83
N ILE C 247 32.91 11.16 -20.83
CA ILE C 247 33.68 10.94 -22.06
C ILE C 247 32.78 11.30 -23.24
N ASN C 248 33.30 12.14 -24.12
CA ASN C 248 32.63 12.62 -25.31
C ASN C 248 33.35 12.01 -26.51
N LEU C 249 32.88 10.84 -26.94
CA LEU C 249 33.56 10.07 -27.99
C LEU C 249 33.90 10.84 -29.27
N ALA C 250 33.09 11.84 -29.60
CA ALA C 250 33.32 12.59 -30.82
C ALA C 250 34.70 13.25 -30.80
N THR C 251 35.11 13.73 -29.63
CA THR C 251 36.40 14.42 -29.50
C THR C 251 37.43 13.58 -28.74
N ASP C 252 36.97 12.79 -27.78
CA ASP C 252 37.85 12.12 -26.82
C ASP C 252 38.29 10.71 -27.18
N PHE C 253 37.62 10.08 -28.14
CA PHE C 253 37.91 8.67 -28.45
C PHE C 253 39.36 8.44 -28.89
N GLY C 254 39.75 9.08 -29.99
CA GLY C 254 41.11 8.99 -30.49
C GLY C 254 42.16 9.24 -29.43
N ASP C 255 41.93 10.27 -28.62
CA ASP C 255 42.87 10.67 -27.58
C ASP C 255 43.09 9.54 -26.57
N LEU C 256 42.04 8.80 -26.26
CA LEU C 256 42.12 7.75 -25.24
C LEU C 256 42.83 6.51 -25.74
N MET C 257 42.26 5.88 -26.78
CA MET C 257 42.91 4.75 -27.45
C MET C 257 44.42 4.94 -27.62
N GLN C 258 44.81 6.07 -28.20
CA GLN C 258 46.21 6.37 -28.48
C GLN C 258 47.08 6.50 -27.23
N ALA C 259 46.47 6.83 -26.10
CA ALA C 259 47.24 7.21 -24.90
C ALA C 259 48.08 6.06 -24.32
N ASP C 260 49.16 6.41 -23.64
CA ASP C 260 50.06 5.41 -23.08
C ASP C 260 49.58 4.92 -21.70
N TRP C 261 48.85 5.79 -20.99
CA TRP C 261 48.41 5.50 -19.63
C TRP C 261 47.08 4.75 -19.57
N VAL C 262 46.47 4.49 -20.72
CA VAL C 262 45.23 3.76 -20.75
C VAL C 262 45.54 2.28 -20.93
N ASN C 263 45.20 1.49 -19.92
CA ASN C 263 45.51 0.06 -19.93
C ASN C 263 44.57 -0.72 -20.84
N GLY C 264 45.01 -1.93 -21.21
CA GLY C 264 44.28 -2.78 -22.15
C GLY C 264 42.82 -2.98 -21.85
N GLY C 265 42.45 -3.01 -20.57
CA GLY C 265 41.10 -3.31 -20.18
C GLY C 265 40.17 -2.14 -20.41
N MET C 266 40.74 -0.93 -20.29
CA MET C 266 39.95 0.28 -20.47
C MET C 266 39.63 0.48 -21.94
N ARG C 267 40.57 0.11 -22.82
CA ARG C 267 40.37 0.30 -24.25
C ARG C 267 39.34 -0.65 -24.85
N LEU C 268 39.35 -1.90 -24.39
CA LEU C 268 38.34 -2.84 -24.84
C LEU C 268 36.94 -2.38 -24.41
N LYS C 269 36.80 -1.86 -23.18
CA LYS C 269 35.51 -1.33 -22.70
C LYS C 269 35.06 -0.20 -23.62
N LEU C 270 35.91 0.82 -23.76
CA LEU C 270 35.64 2.00 -24.58
C LEU C 270 35.31 1.62 -26.01
N GLU C 271 36.05 0.66 -26.55
CA GLU C 271 35.83 0.21 -27.91
C GLU C 271 34.47 -0.47 -27.98
N GLU C 272 34.14 -1.22 -26.93
CA GLU C 272 32.85 -1.92 -26.83
C GLU C 272 31.72 -0.94 -26.59
N ILE C 273 31.86 -0.11 -25.58
CA ILE C 273 30.89 0.94 -25.30
C ILE C 273 30.59 1.74 -26.56
N LYS C 274 31.62 2.10 -27.32
CA LYS C 274 31.45 2.84 -28.56
C LYS C 274 30.72 2.00 -29.60
N ARG C 275 31.01 0.71 -29.61
CA ARG C 275 30.32 -0.17 -30.54
C ARG C 275 28.85 -0.19 -30.16
N LEU C 276 28.55 -0.13 -28.85
CA LEU C 276 27.17 -0.12 -28.35
C LEU C 276 26.49 1.22 -28.70
N LEU C 277 27.14 2.33 -28.33
CA LEU C 277 26.57 3.66 -28.55
C LEU C 277 26.33 4.02 -30.03
N ASP C 278 27.11 3.43 -30.95
CA ASP C 278 26.93 3.65 -32.40
C ASP C 278 25.72 2.90 -32.98
N ASP C 279 25.01 2.19 -32.11
CA ASP C 279 23.87 1.37 -32.48
C ASP C 279 22.62 1.93 -31.78
N LEU C 280 22.81 3.04 -31.08
CA LEU C 280 21.72 3.73 -30.37
C LEU C 280 21.59 5.19 -30.86
N PRO C 281 20.40 5.78 -30.70
CA PRO C 281 20.19 7.21 -30.96
C PRO C 281 21.17 8.10 -30.19
N LEU C 282 21.37 9.33 -30.65
CA LEU C 282 22.30 10.27 -30.01
C LEU C 282 21.95 10.55 -28.57
N SER C 283 20.66 10.37 -28.23
CA SER C 283 20.16 10.71 -26.90
C SER C 283 20.53 9.62 -25.92
N SER C 284 20.89 8.44 -26.41
CA SER C 284 21.33 7.36 -25.51
C SER C 284 22.73 7.64 -24.94
N SER C 285 22.97 7.13 -23.73
CA SER C 285 24.24 7.26 -23.04
C SER C 285 24.59 5.98 -22.30
N VAL C 286 25.84 5.87 -21.86
CA VAL C 286 26.24 4.80 -20.94
C VAL C 286 26.74 5.41 -19.65
N SER C 287 26.35 4.81 -18.54
CA SER C 287 26.91 5.19 -17.26
C SER C 287 27.73 4.04 -16.70
N ILE C 288 28.79 4.36 -15.98
CA ILE C 288 29.50 3.30 -15.27
C ILE C 288 29.68 3.73 -13.83
N THR C 289 28.81 3.23 -12.95
CA THR C 289 28.91 3.51 -11.50
C THR C 289 28.89 2.25 -10.69
N ARG C 290 28.83 2.47 -9.38
CA ARG C 290 28.63 1.43 -8.38
C ARG C 290 27.22 1.66 -7.85
N PRO C 291 26.55 0.58 -7.41
CA PRO C 291 25.12 0.64 -7.08
C PRO C 291 24.74 1.84 -6.19
N SER C 292 25.59 2.14 -5.21
CA SER C 292 25.34 3.20 -4.26
C SER C 292 25.21 4.57 -4.92
N GLU C 293 25.98 4.78 -5.99
CA GLU C 293 25.97 6.06 -6.68
C GLU C 293 24.88 6.13 -7.72
N LEU C 294 24.38 4.97 -8.14
CA LEU C 294 23.44 4.86 -9.26
C LEU C 294 22.34 5.94 -9.34
N ALA C 295 21.71 6.26 -8.21
CA ALA C 295 20.74 7.36 -8.17
C ALA C 295 21.39 8.72 -8.45
N ARG C 296 22.46 9.07 -7.73
CA ARG C 296 23.29 10.27 -8.02
C ARG C 296 23.62 10.36 -9.49
N GLU C 297 24.00 9.22 -10.08
CA GLU C 297 24.38 9.19 -11.49
C GLU C 297 23.23 9.53 -12.43
N LEU C 298 22.06 8.93 -12.19
CA LEU C 298 20.95 9.08 -13.11
C LEU C 298 20.12 10.34 -12.88
N PHE C 299 20.18 10.94 -11.68
CA PHE C 299 19.19 11.97 -11.36
C PHE C 299 19.70 13.38 -11.11
N THR C 300 21.03 13.57 -11.18
CA THR C 300 21.63 14.90 -11.16
C THR C 300 22.50 15.07 -12.38
N HIS C 301 22.78 16.31 -12.74
CA HIS C 301 23.60 16.59 -13.92
C HIS C 301 25.05 16.17 -13.75
N ALA C 302 25.62 16.56 -12.62
CA ALA C 302 27.02 16.32 -12.30
C ALA C 302 27.36 14.83 -12.31
N GLY C 303 26.39 14.00 -11.97
CA GLY C 303 26.55 12.55 -11.97
C GLY C 303 27.41 12.04 -10.84
N SER C 304 27.75 10.75 -10.90
CA SER C 304 28.58 10.15 -9.87
C SER C 304 29.23 8.88 -10.38
N GLY C 305 29.85 8.97 -11.55
CA GLY C 305 30.50 7.85 -12.18
C GLY C 305 31.04 8.35 -13.50
N THR C 306 31.13 7.46 -14.47
CA THR C 306 31.62 7.79 -15.80
C THR C 306 30.46 7.77 -16.79
N LEU C 307 30.22 8.91 -17.43
CA LEU C 307 29.24 9.04 -18.51
C LEU C 307 29.97 8.99 -19.84
N ILE C 308 29.38 8.28 -20.81
CA ILE C 308 29.99 8.11 -22.13
C ILE C 308 28.92 8.21 -23.19
N ARG C 309 28.98 9.25 -24.01
CA ARG C 309 28.03 9.43 -25.10
C ARG C 309 28.82 9.42 -26.38
N ARG C 310 28.12 9.38 -27.51
CA ARG C 310 28.76 9.63 -28.81
C ARG C 310 29.20 11.10 -28.86
N GLY C 311 28.44 11.97 -28.20
CA GLY C 311 28.84 13.35 -28.02
C GLY C 311 28.78 14.16 -29.28
N GLU C 312 29.46 15.30 -29.27
CA GLU C 312 29.56 16.15 -30.47
C GLU C 312 30.91 16.85 -30.63
N ARG C 313 31.27 17.07 -31.89
CA ARG C 313 32.53 17.78 -32.19
C ARG C 313 32.50 19.26 -31.77
N MET C 314 33.66 19.92 -31.89
CA MET C 314 33.84 21.29 -31.42
C MET C 314 34.62 22.13 -32.42
N VAL C 315 34.36 23.44 -32.45
CA VAL C 315 35.18 24.35 -33.25
C VAL C 315 36.16 25.14 -32.38
N ALA C 316 37.43 25.05 -32.72
CA ALA C 316 38.43 25.89 -32.10
C ALA C 316 39.02 26.82 -33.19
N THR C 317 38.61 28.09 -33.13
CA THR C 317 39.01 29.13 -34.08
C THR C 317 39.34 30.45 -33.36
N ASP C 318 40.03 31.36 -34.04
CA ASP C 318 40.20 32.72 -33.53
C ASP C 318 39.53 33.75 -34.46
N ASP C 319 38.88 33.23 -35.51
CA ASP C 319 38.10 34.04 -36.43
C ASP C 319 36.66 34.22 -35.95
N LYS C 320 36.41 35.38 -35.34
CA LYS C 320 35.11 35.75 -34.79
C LYS C 320 34.01 35.78 -35.86
N SER C 321 34.39 36.05 -37.11
CA SER C 321 33.42 36.12 -38.21
C SER C 321 32.63 34.82 -38.35
N SER C 322 33.34 33.69 -38.34
CA SER C 322 32.76 32.36 -38.52
C SER C 322 31.70 31.97 -37.47
N LEU C 323 31.90 32.37 -36.22
CA LEU C 323 30.95 32.06 -35.15
C LEU C 323 29.57 32.67 -35.38
N ASP C 324 28.51 31.96 -34.99
CA ASP C 324 27.15 32.47 -35.09
C ASP C 324 26.90 33.30 -33.85
N LEU C 325 27.14 34.61 -33.92
CA LEU C 325 27.05 35.44 -32.73
C LEU C 325 25.63 35.53 -32.14
N GLY C 326 24.62 35.25 -32.94
CA GLY C 326 23.26 35.21 -32.44
C GLY C 326 23.05 34.07 -31.45
N ARG C 327 23.43 32.87 -31.89
CA ARG C 327 23.30 31.69 -31.07
C ARG C 327 24.14 31.78 -29.80
N LEU C 328 25.21 32.57 -29.86
CA LEU C 328 26.06 32.79 -28.69
C LEU C 328 25.34 33.72 -27.74
N ASP C 329 24.70 34.76 -28.28
CA ASP C 329 23.93 35.69 -27.45
C ASP C 329 22.90 34.91 -26.66
N ASN C 330 22.22 34.00 -27.37
CA ASN C 330 21.25 33.07 -26.78
C ASN C 330 21.88 32.19 -25.70
N LEU C 331 23.07 31.66 -25.98
CA LEU C 331 23.76 30.77 -25.06
C LEU C 331 24.03 31.50 -23.77
N VAL C 332 24.64 32.68 -23.90
CA VAL C 332 24.92 33.51 -22.73
C VAL C 332 23.64 33.95 -21.99
N LYS C 333 22.63 34.39 -22.73
CA LYS C 333 21.35 34.80 -22.12
C LYS C 333 20.71 33.69 -21.29
N ALA C 334 20.86 32.46 -21.74
CA ALA C 334 20.26 31.33 -21.05
C ALA C 334 21.12 30.89 -19.89
N ALA C 335 22.42 30.73 -20.12
CA ALA C 335 23.33 30.15 -19.11
C ALA C 335 23.46 31.01 -17.86
N PHE C 336 23.56 32.33 -18.07
CA PHE C 336 23.80 33.23 -16.96
C PHE C 336 22.49 33.82 -16.45
N GLY C 337 21.43 33.73 -17.27
CA GLY C 337 20.13 34.27 -16.92
C GLY C 337 19.98 35.76 -17.21
N ARG C 338 21.09 36.41 -17.51
CA ARG C 338 21.11 37.83 -17.85
C ARG C 338 21.76 38.00 -19.22
N PRO C 339 21.38 39.06 -19.96
CA PRO C 339 21.98 39.21 -21.31
C PRO C 339 23.28 40.00 -21.30
N ALA C 340 24.06 39.85 -22.37
CA ALA C 340 25.31 40.59 -22.53
C ALA C 340 24.97 42.04 -22.89
N VAL C 341 25.78 42.99 -22.39
CA VAL C 341 25.52 44.42 -22.58
C VAL C 341 25.48 44.81 -24.06
N GLU C 342 24.73 45.87 -24.36
CA GLU C 342 24.63 46.40 -25.72
C GLU C 342 25.98 46.48 -26.40
N GLY C 343 26.06 45.90 -27.60
CA GLY C 343 27.26 45.95 -28.41
C GLY C 343 28.47 45.34 -27.72
N TYR C 344 28.25 44.27 -26.99
CA TYR C 344 29.38 43.56 -26.39
C TYR C 344 30.06 42.69 -27.45
N TRP C 345 29.26 42.10 -28.32
CA TRP C 345 29.72 41.11 -29.29
C TRP C 345 30.55 41.69 -30.44
N ASP C 346 30.08 42.75 -31.09
CA ASP C 346 30.82 43.25 -32.23
C ASP C 346 32.05 44.07 -31.80
N ARG C 347 32.11 44.37 -30.51
CA ARG C 347 33.18 45.17 -29.91
C ARG C 347 34.24 44.28 -29.27
N LEU C 348 34.00 42.98 -29.30
CA LEU C 348 34.78 41.95 -28.61
C LEU C 348 36.06 41.59 -29.37
N ARG C 349 37.15 41.33 -28.65
CA ARG C 349 38.46 41.07 -29.27
C ARG C 349 38.59 39.66 -29.87
N VAL C 350 38.68 38.69 -28.95
CA VAL C 350 38.82 37.25 -29.23
C VAL C 350 40.24 36.79 -29.52
N ASP C 351 40.77 36.00 -28.59
CA ASP C 351 42.09 35.41 -28.74
C ASP C 351 41.89 33.97 -29.22
N ARG C 352 40.79 33.37 -28.80
CA ARG C 352 40.43 32.04 -29.24
C ARG C 352 39.06 31.71 -28.67
N ALA C 353 38.24 31.03 -29.45
CA ALA C 353 36.90 30.64 -29.01
C ALA C 353 36.76 29.14 -29.19
N PHE C 354 36.09 28.50 -28.23
CA PHE C 354 35.82 27.08 -28.29
C PHE C 354 34.33 26.87 -28.17
N VAL C 355 33.67 26.42 -29.22
CA VAL C 355 32.24 26.29 -29.13
C VAL C 355 31.82 24.92 -29.64
N THR C 356 30.95 24.25 -28.89
CA THR C 356 30.49 22.94 -29.26
C THR C 356 29.48 23.07 -30.41
N GLU C 357 29.46 22.06 -31.28
CA GLU C 357 28.67 22.06 -32.51
C GLU C 357 27.22 22.57 -32.35
N SER C 358 26.68 22.47 -31.15
CA SER C 358 25.29 22.82 -30.93
C SER C 358 25.11 24.16 -30.24
N TYR C 359 26.21 24.86 -30.04
CA TYR C 359 26.19 26.14 -29.31
C TYR C 359 25.52 26.06 -27.95
N ARG C 360 25.65 24.92 -27.29
CA ARG C 360 25.08 24.70 -25.95
C ARG C 360 26.15 24.87 -24.84
N ALA C 361 27.39 25.09 -25.24
CA ALA C 361 28.49 25.32 -24.29
C ALA C 361 29.62 25.94 -25.10
N ALA C 362 30.34 26.90 -24.50
CA ALA C 362 31.37 27.63 -25.22
C ALA C 362 32.31 28.24 -24.23
N ALA C 363 33.57 28.37 -24.62
CA ALA C 363 34.54 29.12 -23.84
C ALA C 363 35.14 30.14 -24.77
N ILE C 364 35.17 31.40 -24.34
CA ILE C 364 35.73 32.49 -25.15
C ILE C 364 36.86 33.23 -24.43
N THR C 365 38.07 33.14 -24.96
CA THR C 365 39.19 33.86 -24.37
C THR C 365 39.49 35.22 -25.04
N THR C 366 39.76 36.25 -24.23
CA THR C 366 40.32 37.50 -24.74
C THR C 366 41.73 37.63 -24.23
N ARG C 367 42.31 38.82 -24.39
CA ARG C 367 43.63 39.11 -23.87
C ARG C 367 43.54 40.23 -22.86
N LEU C 368 44.28 40.07 -21.77
CA LEU C 368 44.34 41.10 -20.74
C LEU C 368 45.82 41.26 -20.37
N ASP C 369 46.45 42.31 -20.92
CA ASP C 369 47.86 42.59 -20.69
C ASP C 369 48.74 41.47 -21.24
N GLY C 370 48.31 40.85 -22.33
CA GLY C 370 49.12 39.82 -22.96
C GLY C 370 48.96 38.46 -22.30
N TRP C 371 48.19 38.42 -21.21
CA TRP C 371 47.78 37.17 -20.56
C TRP C 371 46.48 36.65 -21.20
N VAL C 372 46.34 35.33 -21.35
CA VAL C 372 45.09 34.76 -21.88
C VAL C 372 44.00 34.93 -20.82
N TYR C 373 42.85 35.48 -21.21
CA TYR C 373 41.82 35.78 -20.23
C TYR C 373 40.48 35.17 -20.64
N LEU C 374 39.88 34.43 -19.73
CA LEU C 374 38.63 33.77 -20.01
C LEU C 374 37.49 34.74 -19.73
N ASP C 375 36.97 35.32 -20.80
CA ASP C 375 35.95 36.35 -20.73
C ASP C 375 34.56 35.71 -20.55
N LYS C 376 34.22 34.74 -21.39
CA LYS C 376 32.97 33.98 -21.21
C LYS C 376 33.23 32.49 -21.12
N PHE C 377 32.60 31.87 -20.12
CA PHE C 377 32.39 30.43 -20.08
C PHE C 377 30.90 30.22 -19.86
N ALA C 378 30.17 29.73 -20.87
CA ALA C 378 28.73 29.59 -20.75
C ALA C 378 28.32 28.17 -21.08
N VAL C 379 27.59 27.53 -20.16
CA VAL C 379 27.15 26.16 -20.40
C VAL C 379 25.74 25.97 -19.89
N LEU C 380 24.80 25.64 -20.78
CA LEU C 380 23.44 25.29 -20.38
C LEU C 380 23.45 24.01 -19.53
N ASP C 381 22.67 23.98 -18.46
CA ASP C 381 22.59 22.81 -17.58
C ASP C 381 22.48 21.47 -18.33
N ASP C 382 21.58 21.39 -19.30
CA ASP C 382 21.37 20.15 -20.06
C ASP C 382 22.65 19.82 -20.87
N ALA C 383 23.39 20.85 -21.25
CA ALA C 383 24.66 20.60 -21.90
C ALA C 383 25.68 20.14 -20.87
N ARG C 384 25.58 20.68 -19.66
CA ARG C 384 26.48 20.30 -18.55
C ARG C 384 26.32 18.84 -18.13
N GLY C 385 25.14 18.28 -18.34
CA GLY C 385 24.92 16.90 -17.92
C GLY C 385 25.50 15.91 -18.91
N GLU C 386 25.70 16.35 -20.14
CA GLU C 386 26.24 15.47 -21.14
C GLU C 386 27.76 15.54 -21.17
N GLY C 387 28.34 16.42 -20.36
CA GLY C 387 29.80 16.53 -20.31
C GLY C 387 30.42 17.47 -21.31
N LEU C 388 29.59 18.25 -22.02
CA LEU C 388 30.09 19.18 -23.03
C LEU C 388 30.88 20.33 -22.42
N GLY C 389 30.45 20.79 -21.25
CA GLY C 389 31.12 21.89 -20.60
C GLY C 389 32.55 21.52 -20.30
N ARG C 390 32.78 20.25 -20.01
CA ARG C 390 34.11 19.78 -19.67
C ARG C 390 34.91 19.52 -20.92
N THR C 391 34.20 19.09 -21.97
CA THR C 391 34.83 18.89 -23.27
C THR C 391 35.36 20.24 -23.74
N VAL C 392 34.56 21.29 -23.56
CA VAL C 392 34.98 22.65 -23.94
C VAL C 392 36.10 23.21 -23.02
N TRP C 393 35.95 22.99 -21.71
CA TRP C 393 36.88 23.59 -20.76
C TRP C 393 38.24 22.93 -20.82
N ASN C 394 38.27 21.65 -21.17
CA ASN C 394 39.55 20.99 -21.31
C ASN C 394 40.34 21.40 -22.55
N ARG C 395 39.66 21.58 -23.68
CA ARG C 395 40.39 22.01 -24.87
C ARG C 395 40.87 23.44 -24.67
N MET C 396 40.08 24.23 -23.94
CA MET C 396 40.40 25.63 -23.61
C MET C 396 41.62 25.76 -22.69
N VAL C 397 41.64 25.05 -21.56
CA VAL C 397 42.80 25.14 -20.67
C VAL C 397 44.01 24.37 -21.19
N ASP C 398 43.83 23.66 -22.31
CA ASP C 398 44.94 22.96 -22.97
C ASP C 398 45.73 23.93 -23.84
N TYR C 399 45.00 24.83 -24.48
CA TYR C 399 45.58 25.93 -25.26
C TYR C 399 46.22 26.98 -24.35
N ALA C 400 45.58 27.20 -23.19
CA ALA C 400 45.97 28.21 -22.23
C ALA C 400 46.35 27.59 -20.87
N PRO C 401 47.61 27.10 -20.77
CA PRO C 401 48.14 26.57 -19.50
C PRO C 401 48.13 27.63 -18.42
N GLN C 402 48.41 28.86 -18.86
CA GLN C 402 48.40 29.99 -17.97
C GLN C 402 47.14 30.79 -18.27
N LEU C 403 46.17 30.70 -17.37
CA LEU C 403 44.84 31.26 -17.62
C LEU C 403 44.41 32.10 -16.45
N ILE C 404 43.78 33.24 -16.73
CA ILE C 404 43.22 34.12 -15.72
C ILE C 404 41.75 34.33 -16.03
N TRP C 405 40.89 34.32 -15.02
CA TRP C 405 39.48 34.61 -15.22
C TRP C 405 38.83 35.10 -13.95
N ARG C 406 37.57 35.47 -14.03
CA ARG C 406 36.88 35.94 -12.84
C ARG C 406 35.45 35.41 -12.78
N SER C 407 34.80 35.63 -11.66
CA SER C 407 33.52 35.01 -11.44
C SER C 407 32.88 35.69 -10.25
N ARG C 408 31.58 35.93 -10.30
CA ARG C 408 30.92 36.57 -9.18
C ARG C 408 30.93 35.66 -7.96
N THR C 409 31.02 36.25 -6.78
CA THR C 409 31.15 35.49 -5.54
C THR C 409 29.95 34.60 -5.27
N ASN C 410 28.84 34.84 -5.97
CA ASN C 410 27.66 34.01 -5.75
C ASN C 410 27.55 32.93 -6.80
N ASN C 411 28.46 32.90 -7.77
CA ASN C 411 28.32 31.96 -8.89
C ASN C 411 28.54 30.52 -8.43
N PRO C 412 27.54 29.66 -8.63
CA PRO C 412 27.62 28.25 -8.23
C PRO C 412 28.73 27.45 -8.93
N VAL C 413 29.29 27.99 -10.00
CA VAL C 413 30.35 27.31 -10.73
C VAL C 413 31.63 27.47 -9.89
N ASN C 414 31.62 28.41 -8.94
CA ASN C 414 32.79 28.72 -8.13
C ASN C 414 33.48 27.48 -7.52
N GLY C 415 32.71 26.47 -7.15
CA GLY C 415 33.31 25.27 -6.61
C GLY C 415 34.09 24.52 -7.68
N PHE C 416 33.59 24.55 -8.91
CA PHE C 416 34.26 23.86 -10.00
C PHE C 416 35.50 24.63 -10.36
N TYR C 417 35.39 25.95 -10.41
CA TYR C 417 36.52 26.80 -10.81
C TYR C 417 37.66 26.59 -9.83
N PHE C 418 37.32 26.61 -8.54
CA PHE C 418 38.28 26.45 -7.46
C PHE C 418 39.00 25.11 -7.49
N GLU C 419 38.35 24.04 -7.94
CA GLU C 419 39.04 22.77 -8.05
C GLU C 419 40.00 22.83 -9.21
N GLU C 420 39.73 23.70 -10.17
CA GLU C 420 40.57 23.76 -11.37
C GLU C 420 41.65 24.83 -11.24
N CYS C 421 41.47 25.76 -10.31
CA CYS C 421 42.38 26.90 -10.23
C CYS C 421 43.64 26.53 -9.49
N ASP C 422 44.60 27.45 -9.49
CA ASP C 422 45.87 27.28 -8.79
C ASP C 422 45.99 28.40 -7.78
N GLY C 423 45.12 29.39 -7.89
CA GLY C 423 45.15 30.52 -6.99
C GLY C 423 43.93 31.34 -7.19
N ALA C 424 43.62 32.19 -6.22
CA ALA C 424 42.38 32.94 -6.21
C ALA C 424 42.48 34.13 -5.29
N VAL C 425 41.92 35.25 -5.71
CA VAL C 425 41.77 36.38 -4.80
C VAL C 425 40.28 36.66 -4.72
N ARG C 426 39.80 37.02 -3.52
CA ARG C 426 38.38 37.11 -3.31
C ARG C 426 38.01 38.46 -2.74
N ARG C 427 37.24 39.24 -3.50
CA ARG C 427 36.65 40.47 -2.98
C ARG C 427 35.14 40.29 -2.81
N ASP C 428 34.48 41.31 -2.28
CA ASP C 428 33.07 41.21 -1.89
C ASP C 428 32.11 41.01 -3.09
N GLU C 429 32.58 41.31 -4.30
CA GLU C 429 31.70 41.21 -5.48
C GLU C 429 32.23 40.22 -6.51
N TRP C 430 33.48 40.37 -6.90
CA TRP C 430 34.08 39.42 -7.81
C TRP C 430 35.17 38.60 -7.12
N THR C 431 35.59 37.52 -7.77
CA THR C 431 36.67 36.66 -7.30
C THR C 431 37.49 36.30 -8.53
N VAL C 432 38.80 36.60 -8.51
CA VAL C 432 39.65 36.28 -9.66
C VAL C 432 40.43 35.01 -9.40
N PHE C 433 40.43 34.12 -10.37
CA PHE C 433 41.12 32.85 -10.26
C PHE C 433 42.23 32.94 -11.24
N TRP C 434 43.15 31.99 -11.19
CA TRP C 434 44.14 31.82 -12.23
C TRP C 434 44.59 30.37 -12.29
N ARG C 435 45.10 29.95 -13.44
CA ARG C 435 45.74 28.65 -13.58
C ARG C 435 47.21 28.82 -14.02
N GLY C 436 47.93 27.71 -14.09
CA GLY C 436 49.35 27.72 -14.40
C GLY C 436 50.20 27.80 -13.15
N GLU C 437 51.52 27.62 -13.29
CA GLU C 437 52.38 27.65 -12.11
C GLU C 437 53.20 28.94 -12.09
N MET C 438 52.58 29.99 -11.54
CA MET C 438 53.21 31.29 -11.38
C MET C 438 53.10 31.69 -9.93
N GLY C 439 54.25 31.97 -9.31
CA GLY C 439 54.27 32.44 -7.95
C GLY C 439 53.39 33.68 -7.87
N PRO C 440 52.39 33.66 -6.97
CA PRO C 440 51.37 34.70 -6.73
C PRO C 440 51.84 36.12 -7.09
N VAL C 441 53.03 36.50 -6.62
CA VAL C 441 53.60 37.80 -6.94
C VAL C 441 53.68 38.08 -8.43
N GLU C 442 53.73 37.03 -9.25
CA GLU C 442 53.84 37.24 -10.69
C GLU C 442 52.51 37.69 -11.33
N VAL C 443 51.40 37.17 -10.80
CA VAL C 443 50.08 37.46 -11.33
C VAL C 443 49.35 38.54 -10.51
N ALA C 444 50.03 39.09 -9.51
CA ALA C 444 49.40 40.11 -8.65
C ALA C 444 48.90 41.34 -9.41
N ASP C 445 49.57 41.66 -10.53
CA ASP C 445 49.25 42.86 -11.28
C ASP C 445 48.08 42.65 -12.25
N VAL C 446 48.11 41.57 -13.02
CA VAL C 446 47.01 41.28 -13.94
C VAL C 446 45.71 41.09 -13.17
N VAL C 447 45.79 40.52 -11.96
CA VAL C 447 44.61 40.28 -11.14
C VAL C 447 43.85 41.57 -10.86
N GLU C 448 44.57 42.62 -10.48
CA GLU C 448 43.95 43.92 -10.21
C GLU C 448 43.19 44.55 -11.39
N LYS C 449 43.69 44.32 -12.60
CA LYS C 449 43.02 44.81 -13.82
C LYS C 449 41.73 44.03 -14.11
N ALA C 450 41.71 42.76 -13.70
CA ALA C 450 40.55 41.92 -13.95
C ALA C 450 39.42 42.35 -13.02
N PHE C 451 39.77 42.79 -11.82
CA PHE C 451 38.78 43.31 -10.89
C PHE C 451 38.20 44.63 -11.40
N ALA C 452 38.88 45.29 -12.33
CA ALA C 452 38.48 46.63 -12.69
C ALA C 452 37.94 46.68 -14.11
N LEU C 453 37.75 45.50 -14.69
CA LEU C 453 37.11 45.41 -15.99
C LEU C 453 35.67 45.77 -15.80
N PRO C 454 35.05 46.38 -16.82
CA PRO C 454 33.62 46.69 -16.79
C PRO C 454 32.77 45.41 -16.87
N PRO C 455 31.54 45.47 -16.36
CA PRO C 455 30.62 44.32 -16.49
C PRO C 455 30.25 44.08 -17.96
N THR C 456 30.41 42.86 -18.46
CA THR C 456 30.01 42.58 -19.83
C THR C 456 28.61 41.96 -19.92
N LEU C 457 27.93 41.87 -18.79
CA LEU C 457 26.53 41.45 -18.71
C LEU C 457 25.94 42.35 -17.64
N GLU C 458 24.72 42.82 -17.82
CA GLU C 458 24.12 43.66 -16.80
C GLU C 458 23.60 42.83 -15.60
N ALA C 459 23.18 43.52 -14.54
CA ALA C 459 22.63 42.90 -13.33
C ALA C 459 23.51 41.82 -12.69
N ARG D 29 -3.09 -7.74 0.76
CA ARG D 29 -2.57 -8.73 1.69
C ARG D 29 -3.15 -8.59 3.09
N GLN D 30 -2.59 -7.64 3.86
CA GLN D 30 -3.10 -7.33 5.19
C GLN D 30 -4.49 -6.73 5.08
N THR D 31 -4.73 -6.03 3.97
CA THR D 31 -6.01 -5.38 3.71
C THR D 31 -7.08 -6.39 3.29
N ILE D 32 -7.07 -7.55 3.96
CA ILE D 32 -7.96 -8.68 3.64
C ILE D 32 -8.51 -9.43 4.88
N VAL D 33 -7.75 -9.42 5.99
CA VAL D 33 -8.13 -10.08 7.26
C VAL D 33 -9.62 -9.92 7.64
N GLN D 34 -10.25 -8.90 7.07
CA GLN D 34 -11.68 -8.72 7.16
C GLN D 34 -12.24 -8.40 5.77
N LEU D 35 -13.28 -9.16 5.41
CA LEU D 35 -13.88 -9.18 4.06
C LEU D 35 -14.88 -10.33 4.10
N LEU D 36 -14.83 -11.08 5.20
CA LEU D 36 -15.14 -12.50 5.19
C LEU D 36 -15.99 -13.01 6.35
N SER D 37 -15.67 -12.57 7.57
CA SER D 37 -16.43 -12.98 8.75
C SER D 37 -17.89 -12.53 8.71
N HIS D 38 -18.19 -11.62 7.78
CA HIS D 38 -19.55 -11.12 7.55
C HIS D 38 -20.25 -11.84 6.39
N MET D 39 -19.53 -12.74 5.69
CA MET D 39 -20.05 -13.44 4.50
C MET D 39 -21.31 -14.24 4.80
N ARG D 40 -21.93 -14.79 3.75
CA ARG D 40 -23.18 -15.54 3.89
C ARG D 40 -23.00 -16.74 4.81
N ASP D 41 -21.75 -17.15 5.03
CA ASP D 41 -21.43 -18.24 5.95
C ASP D 41 -20.47 -17.82 7.09
N GLY D 42 -19.87 -16.64 6.96
CA GLY D 42 -18.75 -16.18 7.78
C GLY D 42 -18.46 -16.69 9.19
N LYS D 43 -18.47 -18.00 9.36
CA LYS D 43 -18.17 -18.61 10.66
C LYS D 43 -17.27 -19.81 10.41
N GLU D 44 -17.61 -20.58 9.37
CA GLU D 44 -16.79 -21.73 8.96
C GLU D 44 -15.77 -21.25 7.94
N ILE D 45 -15.90 -19.98 7.55
CA ILE D 45 -14.99 -19.38 6.58
C ILE D 45 -13.71 -18.98 7.30
N ARG D 46 -13.87 -18.51 8.53
CA ARG D 46 -12.74 -18.28 9.45
C ARG D 46 -11.92 -19.56 9.57
N GLU D 47 -12.63 -20.68 9.70
CA GLU D 47 -12.02 -22.00 9.88
C GLU D 47 -11.10 -22.30 8.67
N TYR D 48 -11.64 -22.18 7.45
CA TYR D 48 -10.84 -22.48 6.26
C TYR D 48 -9.70 -21.52 5.96
N LEU D 49 -9.90 -20.24 6.24
CA LEU D 49 -8.82 -19.27 6.10
C LEU D 49 -7.56 -19.69 6.90
N HIS D 50 -7.72 -19.89 8.21
CA HIS D 50 -6.62 -20.39 9.03
C HIS D 50 -6.03 -21.72 8.59
N ARG D 51 -6.89 -22.64 8.14
CA ARG D 51 -6.40 -23.96 7.78
C ARG D 51 -5.44 -23.77 6.63
N PHE D 52 -5.83 -22.91 5.69
CA PHE D 52 -5.05 -22.73 4.47
C PHE D 52 -3.82 -21.84 4.65
N SER D 53 -3.85 -20.97 5.66
CA SER D 53 -2.70 -20.15 6.01
C SER D 53 -1.67 -20.90 6.86
N GLY D 54 -1.45 -22.16 6.50
CA GLY D 54 -0.30 -22.92 6.94
C GLY D 54 0.50 -23.07 5.65
N ILE D 55 1.20 -21.98 5.28
CA ILE D 55 1.80 -21.76 3.95
C ILE D 55 2.78 -22.85 3.52
N ASP D 56 3.83 -23.05 4.33
CA ASP D 56 4.99 -23.86 3.95
C ASP D 56 5.55 -23.55 2.53
N GLN D 57 5.14 -22.38 1.99
CA GLN D 57 5.41 -21.84 0.65
C GLN D 57 4.23 -22.14 -0.29
N GLU D 58 4.48 -23.01 -1.24
CA GLU D 58 3.48 -23.38 -2.22
C GLU D 58 2.95 -24.73 -1.94
N ARG D 59 2.64 -25.01 -0.68
CA ARG D 59 2.10 -26.32 -0.38
C ARG D 59 0.61 -26.25 -0.17
N PHE D 60 0.02 -25.09 -0.44
CA PHE D 60 -1.42 -24.92 -0.28
C PHE D 60 -2.19 -25.71 -1.35
N ALA D 61 -1.86 -25.49 -2.61
CA ALA D 61 -2.63 -26.12 -3.68
C ALA D 61 -1.83 -26.35 -4.96
N VAL D 62 -2.22 -27.40 -5.69
CA VAL D 62 -1.78 -27.59 -7.06
C VAL D 62 -3.04 -27.60 -7.90
N ILE D 63 -3.08 -26.73 -8.91
CA ILE D 63 -4.30 -26.51 -9.67
C ILE D 63 -4.03 -26.83 -11.13
N LYS D 64 -4.45 -28.01 -11.57
CA LYS D 64 -4.37 -28.32 -13.00
C LYS D 64 -5.49 -27.59 -13.70
N VAL D 65 -5.21 -27.04 -14.87
CA VAL D 65 -6.23 -26.39 -15.66
C VAL D 65 -6.00 -26.71 -17.12
N GLY D 66 -6.96 -27.41 -17.72
CA GLY D 66 -6.81 -27.83 -19.10
C GLY D 66 -6.73 -26.65 -20.07
N GLY D 67 -6.21 -26.90 -21.26
CA GLY D 67 -6.12 -25.87 -22.28
C GLY D 67 -7.48 -25.24 -22.60
N ALA D 68 -8.54 -26.04 -22.51
CA ALA D 68 -9.89 -25.61 -22.87
C ALA D 68 -10.44 -24.46 -22.04
N VAL D 69 -9.91 -24.26 -20.85
CA VAL D 69 -10.48 -23.25 -19.97
C VAL D 69 -9.84 -21.88 -20.19
N ILE D 70 -8.53 -21.90 -20.46
CA ILE D 70 -7.73 -20.68 -20.68
C ILE D 70 -8.20 -20.02 -21.96
N GLN D 71 -8.71 -20.82 -22.87
CA GLN D 71 -9.20 -20.34 -24.14
C GLN D 71 -10.62 -19.79 -23.99
N ASP D 72 -11.47 -20.58 -23.34
CA ASP D 72 -12.90 -20.30 -23.32
C ASP D 72 -13.38 -19.44 -22.14
N ASP D 73 -12.52 -19.21 -21.17
CA ASP D 73 -12.94 -18.47 -19.98
C ASP D 73 -11.74 -17.87 -19.29
N LEU D 74 -10.83 -17.29 -20.06
CA LEU D 74 -9.65 -16.66 -19.47
C LEU D 74 -10.01 -15.63 -18.39
N PRO D 75 -10.97 -14.71 -18.66
CA PRO D 75 -11.28 -13.70 -17.63
C PRO D 75 -11.74 -14.23 -16.27
N GLY D 76 -12.70 -15.15 -16.24
CA GLY D 76 -13.19 -15.74 -14.99
C GLY D 76 -12.13 -16.55 -14.25
N LEU D 77 -11.44 -17.43 -14.99
CA LEU D 77 -10.31 -18.19 -14.44
C LEU D 77 -9.27 -17.24 -13.85
N ALA D 78 -9.10 -16.07 -14.43
CA ALA D 78 -8.11 -15.14 -13.91
C ALA D 78 -8.62 -14.51 -12.62
N SER D 79 -9.92 -14.20 -12.57
CA SER D 79 -10.53 -13.62 -11.36
C SER D 79 -10.51 -14.61 -10.20
N ALA D 80 -10.70 -15.89 -10.51
CA ALA D 80 -10.65 -16.94 -9.51
C ALA D 80 -9.28 -16.92 -8.83
N LEU D 81 -8.23 -17.10 -9.62
CA LEU D 81 -6.87 -17.14 -9.09
C LEU D 81 -6.45 -15.79 -8.48
N ALA D 82 -7.08 -14.70 -8.91
CA ALA D 82 -6.77 -13.41 -8.33
C ALA D 82 -7.34 -13.38 -6.92
N PHE D 83 -8.60 -13.80 -6.81
CA PHE D 83 -9.30 -13.86 -5.54
C PHE D 83 -8.45 -14.58 -4.49
N LEU D 84 -7.99 -15.80 -4.80
CA LEU D 84 -7.14 -16.58 -3.89
C LEU D 84 -5.98 -15.74 -3.45
N GLN D 85 -5.34 -15.11 -4.43
CA GLN D 85 -4.20 -14.27 -4.13
C GLN D 85 -4.55 -13.12 -3.19
N THR D 86 -5.64 -12.37 -3.43
CA THR D 86 -5.89 -11.24 -2.54
C THR D 86 -6.12 -11.70 -1.11
N VAL D 87 -6.69 -12.90 -0.97
CA VAL D 87 -7.02 -13.42 0.34
C VAL D 87 -5.75 -13.96 1.03
N GLY D 88 -4.66 -14.02 0.30
CA GLY D 88 -3.39 -14.34 0.91
C GLY D 88 -2.83 -15.71 0.60
N LEU D 89 -3.46 -16.42 -0.34
CA LEU D 89 -3.03 -17.76 -0.72
C LEU D 89 -2.32 -17.68 -2.07
N THR D 90 -1.47 -18.66 -2.35
CA THR D 90 -0.66 -18.65 -3.57
C THR D 90 -0.64 -20.07 -4.13
N PRO D 91 -1.52 -20.35 -5.13
CA PRO D 91 -1.58 -21.69 -5.70
C PRO D 91 -0.46 -21.94 -6.74
N VAL D 92 -0.10 -23.20 -6.97
CA VAL D 92 0.76 -23.56 -8.11
C VAL D 92 -0.14 -24.05 -9.23
N VAL D 93 -0.15 -23.34 -10.35
CA VAL D 93 -1.04 -23.63 -11.46
C VAL D 93 -0.30 -24.39 -12.57
N VAL D 94 -0.97 -25.35 -13.21
CA VAL D 94 -0.37 -26.07 -14.34
C VAL D 94 -1.37 -26.12 -15.51
N HIS D 95 -1.01 -25.50 -16.64
CA HIS D 95 -1.91 -25.45 -17.77
C HIS D 95 -1.44 -26.37 -18.90
N GLY D 96 -2.38 -26.92 -19.65
CA GLY D 96 -2.04 -27.82 -20.73
C GLY D 96 -2.15 -27.14 -22.08
N GLY D 97 -2.35 -27.95 -23.11
CA GLY D 97 -2.45 -27.42 -24.45
C GLY D 97 -3.45 -28.23 -25.26
N GLY D 98 -4.65 -28.37 -24.71
CA GLY D 98 -5.70 -29.10 -25.38
C GLY D 98 -6.15 -28.39 -26.65
N PRO D 99 -7.23 -27.60 -26.56
CA PRO D 99 -7.74 -26.83 -27.71
C PRO D 99 -6.76 -25.76 -28.23
N GLN D 100 -5.50 -25.84 -27.80
CA GLN D 100 -4.47 -24.95 -28.32
C GLN D 100 -3.61 -25.69 -29.33
N LEU D 101 -2.46 -26.20 -28.89
CA LEU D 101 -1.54 -26.86 -29.83
C LEU D 101 -2.14 -28.14 -30.38
N ASP D 102 -2.93 -28.82 -29.55
CA ASP D 102 -3.59 -30.06 -29.94
C ASP D 102 -4.88 -29.72 -30.68
N ALA D 103 -4.85 -28.59 -31.39
CA ALA D 103 -5.96 -28.08 -32.17
C ALA D 103 -5.46 -26.89 -32.98
N ALA D 104 -5.91 -25.70 -32.56
CA ALA D 104 -5.62 -24.42 -33.21
C ALA D 104 -4.28 -24.30 -33.94
N LEU D 105 -3.19 -24.43 -33.21
CA LEU D 105 -1.86 -24.14 -33.76
C LEU D 105 -1.10 -25.34 -34.36
N GLU D 106 -1.85 -26.40 -34.66
CA GLU D 106 -1.30 -27.57 -35.35
C GLU D 106 -2.39 -28.26 -36.19
N ALA D 107 -3.49 -27.53 -36.43
CA ALA D 107 -4.55 -28.01 -37.31
C ALA D 107 -4.50 -27.16 -38.56
N ALA D 108 -3.75 -26.06 -38.49
CA ALA D 108 -3.48 -25.25 -39.67
C ALA D 108 -1.99 -25.23 -40.02
N ASP D 109 -1.27 -26.28 -39.58
CA ASP D 109 0.18 -26.36 -39.75
C ASP D 109 0.58 -27.60 -40.54
N ILE D 110 -0.42 -28.39 -40.92
CA ILE D 110 -0.24 -29.76 -41.41
C ILE D 110 0.89 -30.58 -40.75
N PRO D 111 0.79 -30.85 -39.42
CA PRO D 111 1.56 -31.95 -38.85
C PRO D 111 0.66 -33.13 -38.51
N THR D 112 -0.65 -32.87 -38.41
CA THR D 112 -1.69 -33.86 -38.08
C THR D 112 -1.52 -34.45 -36.68
N GLU D 113 -2.52 -34.22 -35.82
CA GLU D 113 -2.45 -34.61 -34.41
C GLU D 113 -2.10 -36.09 -34.20
N ARG D 114 -0.82 -36.35 -34.00
CA ARG D 114 -0.32 -37.70 -33.75
C ARG D 114 -0.66 -38.12 -32.31
N VAL D 115 -1.41 -39.21 -32.15
CA VAL D 115 -1.69 -39.80 -30.83
C VAL D 115 -1.38 -41.30 -30.83
N ASP D 116 -0.31 -41.68 -30.13
CA ASP D 116 0.17 -43.06 -30.12
C ASP D 116 0.21 -43.60 -28.69
N GLY D 117 1.33 -43.37 -27.99
CA GLY D 117 1.41 -43.68 -26.57
C GLY D 117 0.22 -43.08 -25.86
N LEU D 118 0.25 -41.75 -25.72
CA LEU D 118 -0.90 -40.95 -25.29
C LEU D 118 -0.73 -39.49 -25.73
N ARG D 119 0.47 -39.15 -26.19
CA ARG D 119 0.81 -37.77 -26.60
C ARG D 119 2.16 -37.68 -27.31
N VAL D 120 2.18 -37.83 -28.64
CA VAL D 120 3.43 -37.86 -29.41
C VAL D 120 3.82 -36.52 -30.03
N THR D 121 5.12 -36.23 -29.98
CA THR D 121 5.65 -34.99 -30.54
C THR D 121 6.97 -35.29 -31.25
N ARG D 122 6.98 -35.15 -32.56
CA ARG D 122 8.21 -35.31 -33.32
C ARG D 122 9.12 -34.13 -33.01
N ASP D 123 10.34 -34.16 -33.54
CA ASP D 123 11.29 -33.07 -33.35
C ASP D 123 10.85 -31.84 -34.12
N GLU D 124 10.26 -32.08 -35.29
CA GLU D 124 9.79 -30.98 -36.13
C GLU D 124 8.72 -30.17 -35.40
N ALA D 125 7.81 -30.88 -34.74
CA ALA D 125 6.66 -30.23 -34.12
C ALA D 125 6.97 -29.80 -32.69
N MET D 126 8.25 -29.64 -32.38
CA MET D 126 8.70 -29.25 -31.04
C MET D 126 8.84 -27.74 -30.83
N PRO D 127 9.48 -27.02 -31.79
CA PRO D 127 9.58 -25.57 -31.60
C PRO D 127 8.22 -24.90 -31.84
N ILE D 128 7.29 -25.69 -32.36
CA ILE D 128 5.90 -25.28 -32.45
C ILE D 128 5.43 -25.26 -31.02
N ILE D 129 5.69 -26.36 -30.32
CA ILE D 129 5.24 -26.58 -28.94
C ILE D 129 5.72 -25.51 -27.97
N ARG D 130 7.02 -25.24 -27.97
CA ARG D 130 7.64 -24.25 -27.08
C ARG D 130 6.85 -22.95 -27.00
N ASP D 131 6.56 -22.36 -28.15
CA ASP D 131 5.97 -21.03 -28.21
C ASP D 131 4.44 -21.00 -28.11
N THR D 132 3.79 -22.16 -28.29
CA THR D 132 2.33 -22.25 -28.17
C THR D 132 1.95 -22.19 -26.70
N LEU D 133 2.62 -23.01 -25.91
CA LEU D 133 2.41 -23.08 -24.47
C LEU D 133 2.94 -21.81 -23.77
N THR D 134 3.99 -21.21 -24.33
CA THR D 134 4.55 -19.97 -23.78
C THR D 134 3.61 -18.77 -23.95
N GLN D 135 2.88 -18.72 -25.06
CA GLN D 135 1.92 -17.65 -25.28
C GLN D 135 0.77 -17.79 -24.28
N ALA D 136 0.26 -19.01 -24.13
CA ALA D 136 -0.81 -19.29 -23.18
C ALA D 136 -0.43 -18.79 -21.80
N ASN D 137 0.78 -19.17 -21.40
CA ASN D 137 1.34 -18.89 -20.08
C ASN D 137 1.32 -17.43 -19.68
N LEU D 138 1.74 -16.54 -20.59
CA LEU D 138 1.75 -15.12 -20.32
C LEU D 138 0.33 -14.54 -20.38
N ALA D 139 -0.51 -15.10 -21.24
CA ALA D 139 -1.89 -14.67 -21.33
C ALA D 139 -2.50 -14.83 -19.95
N LEU D 140 -2.20 -15.95 -19.32
CA LEU D 140 -2.72 -16.22 -18.01
C LEU D 140 -2.18 -15.22 -16.98
N VAL D 141 -0.87 -14.97 -17.02
CA VAL D 141 -0.26 -14.13 -16.01
C VAL D 141 -0.80 -12.69 -16.08
N ASP D 142 -0.89 -12.14 -17.27
CA ASP D 142 -1.32 -10.77 -17.41
C ASP D 142 -2.79 -10.67 -16.97
N ALA D 143 -3.61 -11.62 -17.42
CA ALA D 143 -5.04 -11.70 -17.10
C ALA D 143 -5.28 -11.70 -15.60
N ILE D 144 -4.42 -12.41 -14.88
CA ILE D 144 -4.44 -12.43 -13.44
C ILE D 144 -4.02 -11.07 -12.87
N ARG D 145 -2.97 -10.49 -13.42
CA ARG D 145 -2.54 -9.17 -13.00
C ARG D 145 -3.62 -8.14 -13.35
N ASP D 146 -4.24 -8.29 -14.51
CA ASP D 146 -5.35 -7.44 -14.93
C ASP D 146 -6.52 -7.43 -13.93
N ALA D 147 -6.80 -8.62 -13.39
CA ALA D 147 -7.90 -8.84 -12.46
C ALA D 147 -7.56 -8.48 -11.01
N GLY D 148 -6.35 -8.00 -10.76
CA GLY D 148 -6.03 -7.49 -9.44
C GLY D 148 -5.11 -8.35 -8.59
N GLY D 149 -4.71 -9.49 -9.12
CA GLY D 149 -3.89 -10.46 -8.37
C GLY D 149 -2.41 -10.41 -8.73
N ARG D 150 -1.63 -11.20 -8.03
CA ARG D 150 -0.22 -11.32 -8.34
C ARG D 150 0.08 -12.71 -8.92
N ALA D 151 0.76 -12.76 -10.06
CA ALA D 151 1.18 -14.04 -10.62
C ALA D 151 2.54 -13.94 -11.28
N ALA D 152 3.10 -15.10 -11.62
CA ALA D 152 4.47 -15.20 -12.10
C ALA D 152 4.66 -16.26 -13.17
N ALA D 153 5.15 -15.82 -14.34
CA ALA D 153 5.38 -16.67 -15.48
C ALA D 153 6.56 -17.61 -15.26
N VAL D 154 6.28 -18.91 -15.19
CA VAL D 154 7.31 -19.95 -15.11
C VAL D 154 7.14 -20.93 -16.28
N PRO D 155 7.40 -20.44 -17.52
CA PRO D 155 7.16 -21.22 -18.75
C PRO D 155 7.99 -22.51 -18.86
N ARG D 156 9.23 -22.48 -18.39
CA ARG D 156 10.08 -23.66 -18.41
C ARG D 156 11.17 -23.60 -17.36
N GLY D 157 11.84 -24.72 -17.14
CA GLY D 157 12.94 -24.80 -16.19
C GLY D 157 12.56 -25.44 -14.86
N VAL D 158 11.32 -25.93 -14.75
CA VAL D 158 10.90 -26.70 -13.58
C VAL D 158 11.04 -28.20 -13.77
N PHE D 159 10.49 -28.71 -14.86
CA PHE D 159 10.44 -30.15 -15.04
C PHE D 159 11.72 -30.71 -15.64
N GLU D 160 12.59 -31.25 -14.79
CA GLU D 160 13.78 -31.94 -15.29
C GLU D 160 13.35 -33.38 -15.62
N ALA D 161 13.58 -33.79 -16.86
CA ALA D 161 12.94 -35.00 -17.38
C ALA D 161 13.87 -35.96 -18.09
N ASP D 162 13.50 -37.23 -18.11
CA ASP D 162 14.25 -38.23 -18.87
C ASP D 162 13.50 -38.53 -20.18
N ILE D 163 14.23 -38.51 -21.29
CA ILE D 163 13.64 -38.73 -22.61
C ILE D 163 13.50 -40.23 -22.94
N VAL D 164 12.58 -40.91 -22.23
CA VAL D 164 12.38 -42.34 -22.47
C VAL D 164 11.17 -42.61 -23.36
N ASP D 165 11.46 -42.73 -24.67
CA ASP D 165 10.48 -43.11 -25.69
C ASP D 165 11.17 -43.33 -27.04
N ALA D 166 12.31 -42.66 -27.22
CA ALA D 166 13.13 -42.74 -28.43
C ALA D 166 12.38 -42.30 -29.70
N ASP D 167 12.10 -43.26 -30.57
CA ASP D 167 11.46 -42.98 -31.86
C ASP D 167 9.96 -43.27 -31.86
N LYS D 168 9.51 -44.03 -30.86
CA LYS D 168 8.11 -44.47 -30.78
C LYS D 168 7.16 -43.31 -30.42
N LEU D 169 7.64 -42.32 -29.68
CA LEU D 169 6.80 -41.19 -29.27
C LEU D 169 7.38 -39.85 -29.72
N GLY D 170 8.70 -39.72 -29.65
CA GLY D 170 9.35 -38.50 -30.05
C GLY D 170 10.03 -37.77 -28.91
N ARG D 171 9.69 -36.49 -28.77
CA ARG D 171 10.40 -35.62 -27.85
C ARG D 171 9.57 -35.41 -26.58
N VAL D 172 9.20 -36.53 -25.94
CA VAL D 172 8.41 -36.50 -24.72
C VAL D 172 9.20 -37.04 -23.52
N GLY D 173 9.13 -36.33 -22.39
CA GLY D 173 9.94 -36.70 -21.24
C GLY D 173 9.12 -37.07 -20.03
N GLU D 174 9.78 -37.74 -19.09
CA GLU D 174 9.17 -38.19 -17.84
C GLU D 174 10.02 -37.67 -16.67
N PRO D 175 9.43 -36.76 -15.86
CA PRO D 175 10.13 -36.06 -14.77
C PRO D 175 10.85 -36.97 -13.77
N ARG D 176 12.17 -37.00 -13.84
CA ARG D 176 12.96 -37.75 -12.88
C ARG D 176 13.17 -36.87 -11.66
N HIS D 177 13.32 -35.57 -11.91
CA HIS D 177 13.51 -34.63 -10.81
C HIS D 177 12.77 -33.31 -11.05
N ILE D 178 12.29 -32.71 -9.96
CA ILE D 178 11.52 -31.46 -10.06
C ILE D 178 12.24 -30.27 -9.43
N HIS D 179 12.67 -29.34 -10.27
CA HIS D 179 13.31 -28.13 -9.81
C HIS D 179 12.28 -27.11 -9.37
N LEU D 180 12.07 -26.98 -8.06
CA LEU D 180 11.07 -26.07 -7.52
C LEU D 180 11.65 -24.70 -7.18
N ASP D 181 12.80 -24.38 -7.77
CA ASP D 181 13.46 -23.10 -7.54
C ASP D 181 12.53 -21.94 -7.90
N LEU D 182 12.07 -21.92 -9.16
CA LEU D 182 11.30 -20.79 -9.68
C LEU D 182 9.94 -20.68 -8.98
N VAL D 183 9.32 -21.83 -8.67
CA VAL D 183 8.08 -21.93 -7.92
C VAL D 183 8.17 -21.26 -6.54
N GLY D 184 9.24 -21.58 -5.79
CA GLY D 184 9.50 -21.00 -4.48
C GLY D 184 9.56 -19.49 -4.46
N SER D 185 10.26 -18.92 -5.44
CA SER D 185 10.50 -17.48 -5.51
C SER D 185 9.20 -16.72 -5.72
N ALA D 186 8.30 -17.34 -6.47
CA ALA D 186 6.97 -16.79 -6.74
C ALA D 186 6.22 -16.63 -5.44
N ALA D 187 6.03 -17.75 -4.75
CA ALA D 187 5.37 -17.82 -3.45
C ALA D 187 5.80 -16.75 -2.44
N ARG D 188 7.11 -16.59 -2.26
CA ARG D 188 7.61 -15.68 -1.23
C ARG D 188 7.10 -14.26 -1.49
N ALA D 189 6.90 -13.91 -2.75
CA ALA D 189 6.44 -12.57 -3.08
C ALA D 189 4.91 -12.62 -3.13
N GLY D 190 4.37 -13.77 -2.79
CA GLY D 190 2.93 -13.91 -2.78
C GLY D 190 2.38 -14.02 -4.18
N GLN D 191 3.06 -14.78 -5.04
CA GLN D 191 2.59 -14.90 -6.42
C GLN D 191 2.15 -16.32 -6.73
N ALA D 192 1.15 -16.42 -7.59
CA ALA D 192 0.74 -17.69 -8.17
C ALA D 192 1.75 -18.06 -9.25
N ALA D 193 2.38 -19.23 -9.08
CA ALA D 193 3.32 -19.74 -10.07
C ALA D 193 2.59 -20.40 -11.26
N ILE D 194 2.62 -19.75 -12.43
CA ILE D 194 1.92 -20.31 -13.58
C ILE D 194 2.88 -21.13 -14.42
N LEU D 195 2.88 -22.44 -14.19
CA LEU D 195 3.83 -23.33 -14.86
C LEU D 195 3.28 -23.78 -16.19
N ALA D 196 4.18 -24.18 -17.08
CA ALA D 196 3.74 -24.72 -18.37
C ALA D 196 4.32 -26.13 -18.47
N CYS D 197 3.78 -26.94 -19.38
CA CYS D 197 4.21 -28.34 -19.46
C CYS D 197 5.41 -28.58 -20.40
N LEU D 198 6.48 -27.79 -20.21
CA LEU D 198 7.72 -27.92 -20.97
C LEU D 198 8.87 -28.33 -20.05
N GLY D 199 9.76 -29.20 -20.54
CA GLY D 199 10.82 -29.73 -19.69
C GLY D 199 12.23 -29.84 -20.25
N GLU D 200 13.17 -30.05 -19.34
CA GLU D 200 14.55 -30.28 -19.73
C GLU D 200 14.89 -31.76 -19.81
N THR D 201 16.17 -32.05 -19.99
CA THR D 201 16.73 -33.40 -19.93
C THR D 201 18.03 -33.38 -19.11
N PRO D 202 18.67 -34.55 -18.90
CA PRO D 202 20.02 -34.52 -18.32
C PRO D 202 20.98 -33.60 -19.07
N ASP D 203 20.87 -33.56 -20.39
CA ASP D 203 21.80 -32.78 -21.22
C ASP D 203 21.18 -31.61 -22.01
N GLY D 204 20.11 -31.01 -21.49
CA GLY D 204 19.59 -29.77 -22.05
C GLY D 204 18.31 -29.84 -22.88
N THR D 205 18.25 -30.78 -23.83
CA THR D 205 17.18 -30.87 -24.84
C THR D 205 15.75 -30.52 -24.39
N LEU D 206 15.17 -29.50 -25.03
CA LEU D 206 13.78 -29.11 -24.76
C LEU D 206 12.87 -30.25 -25.11
N VAL D 207 11.96 -30.58 -24.21
CA VAL D 207 11.13 -31.76 -24.36
C VAL D 207 9.69 -31.50 -23.94
N ASN D 208 8.73 -32.16 -24.57
CA ASN D 208 7.33 -31.99 -24.19
C ASN D 208 6.86 -32.96 -23.09
N ILE D 209 6.14 -32.44 -22.11
CA ILE D 209 5.62 -33.27 -21.02
C ILE D 209 4.12 -33.12 -20.96
N ASN D 210 3.38 -34.24 -21.01
CA ASN D 210 1.92 -34.17 -21.01
C ASN D 210 1.40 -33.83 -19.64
N ALA D 211 0.28 -33.11 -19.59
CA ALA D 211 -0.17 -32.45 -18.37
C ALA D 211 -0.28 -33.34 -17.14
N ASP D 212 -0.92 -34.50 -17.29
CA ASP D 212 -1.24 -35.35 -16.15
C ASP D 212 -0.01 -35.92 -15.45
N VAL D 213 0.94 -36.45 -16.21
CA VAL D 213 2.19 -36.94 -15.60
C VAL D 213 2.98 -35.80 -14.97
N ALA D 214 2.83 -34.60 -15.53
CA ALA D 214 3.47 -33.41 -14.97
C ALA D 214 2.89 -33.15 -13.59
N VAL D 215 1.57 -33.15 -13.52
CA VAL D 215 0.85 -32.89 -12.28
C VAL D 215 1.12 -33.98 -11.24
N ARG D 216 1.32 -35.22 -11.69
CA ARG D 216 1.59 -36.32 -10.77
C ARG D 216 2.92 -36.14 -10.05
N ALA D 217 4.00 -35.91 -10.81
CA ALA D 217 5.33 -35.72 -10.23
C ALA D 217 5.46 -34.40 -9.46
N LEU D 218 4.59 -33.46 -9.80
CA LEU D 218 4.59 -32.14 -9.18
C LEU D 218 3.84 -32.22 -7.88
N VAL D 219 2.71 -32.93 -7.90
CA VAL D 219 1.96 -33.13 -6.68
C VAL D 219 2.81 -33.96 -5.71
N HIS D 220 3.56 -34.91 -6.25
CA HIS D 220 4.44 -35.74 -5.43
C HIS D 220 5.57 -34.90 -4.82
N ALA D 221 6.01 -33.90 -5.56
CA ALA D 221 7.11 -33.05 -5.10
C ALA D 221 6.66 -32.09 -4.01
N LEU D 222 5.53 -31.42 -4.25
CA LEU D 222 5.01 -30.41 -3.34
C LEU D 222 4.21 -30.90 -2.13
N GLN D 223 3.68 -32.13 -2.21
CA GLN D 223 2.76 -32.69 -1.21
C GLN D 223 1.71 -31.69 -0.78
N PRO D 224 0.92 -31.17 -1.73
CA PRO D 224 -0.02 -30.10 -1.39
C PRO D 224 -1.21 -30.62 -0.60
N TYR D 225 -1.77 -29.69 0.17
CA TYR D 225 -2.93 -29.90 0.98
C TYR D 225 -4.18 -30.06 0.13
N LYS D 226 -4.07 -29.57 -1.09
CA LYS D 226 -5.22 -29.41 -1.93
C LYS D 226 -4.80 -29.56 -3.39
N VAL D 227 -5.36 -30.54 -4.10
CA VAL D 227 -5.15 -30.62 -5.55
C VAL D 227 -6.47 -30.17 -6.18
N VAL D 228 -6.42 -29.25 -7.15
CA VAL D 228 -7.68 -28.74 -7.73
C VAL D 228 -7.74 -28.88 -9.24
N PHE D 229 -8.81 -29.49 -9.75
CA PHE D 229 -8.96 -29.53 -11.21
C PHE D 229 -9.94 -28.47 -11.66
N LEU D 230 -9.49 -27.57 -12.50
CA LEU D 230 -10.43 -26.64 -13.08
C LEU D 230 -10.84 -27.10 -14.48
N THR D 231 -12.13 -27.42 -14.60
CA THR D 231 -12.72 -27.80 -15.86
C THR D 231 -13.96 -26.97 -16.03
N GLY D 232 -14.49 -26.92 -17.26
CA GLY D 232 -15.72 -26.23 -17.57
C GLY D 232 -16.91 -27.04 -17.12
N THR D 233 -16.71 -28.36 -17.11
CA THR D 233 -17.73 -29.31 -16.68
C THR D 233 -18.22 -29.03 -15.26
N GLY D 234 -17.33 -28.50 -14.40
CA GLY D 234 -17.74 -27.99 -13.11
C GLY D 234 -17.77 -28.98 -11.97
N GLY D 235 -17.30 -30.19 -12.22
CA GLY D 235 -17.38 -31.20 -11.20
C GLY D 235 -17.41 -32.57 -11.82
N LEU D 236 -17.85 -33.55 -11.04
CA LEU D 236 -18.10 -34.89 -11.53
C LEU D 236 -19.61 -35.11 -11.46
N LEU D 237 -20.15 -35.93 -12.36
CA LEU D 237 -21.59 -36.13 -12.49
C LEU D 237 -22.02 -37.49 -11.93
N ASP D 238 -23.17 -37.53 -11.26
CA ASP D 238 -23.70 -38.82 -10.76
C ASP D 238 -24.70 -39.50 -11.71
N GLU D 239 -25.27 -40.61 -11.25
CA GLU D 239 -26.20 -41.42 -12.04
C GLU D 239 -27.26 -40.61 -12.78
N ASP D 240 -27.92 -39.69 -12.07
CA ASP D 240 -28.99 -38.88 -12.64
C ASP D 240 -28.52 -37.51 -13.14
N GLY D 241 -27.23 -37.37 -13.44
CA GLY D 241 -26.74 -36.15 -14.06
C GLY D 241 -26.42 -35.04 -13.09
N ASP D 242 -26.76 -35.22 -11.81
CA ASP D 242 -26.41 -34.28 -10.76
C ASP D 242 -24.89 -34.21 -10.57
N ILE D 243 -24.40 -33.18 -9.88
CA ILE D 243 -22.98 -33.12 -9.54
C ILE D 243 -22.71 -34.00 -8.34
N LEU D 244 -21.78 -34.94 -8.49
CA LEU D 244 -21.41 -35.83 -7.41
C LEU D 244 -20.66 -35.02 -6.37
N SER D 245 -21.31 -34.71 -5.25
CA SER D 245 -20.69 -33.78 -4.29
C SER D 245 -19.39 -34.29 -3.70
N SER D 246 -19.38 -35.53 -3.23
CA SER D 246 -18.20 -36.10 -2.58
C SER D 246 -17.97 -37.58 -2.93
N ILE D 247 -16.72 -38.03 -2.90
CA ILE D 247 -16.40 -39.45 -3.00
C ILE D 247 -15.36 -39.82 -1.90
N ASN D 248 -15.64 -40.87 -1.14
CA ASN D 248 -14.77 -41.37 -0.08
C ASN D 248 -14.16 -42.71 -0.51
N LEU D 249 -12.97 -42.66 -1.10
CA LEU D 249 -12.35 -43.81 -1.76
C LEU D 249 -12.32 -45.07 -0.88
N ALA D 250 -12.21 -44.88 0.43
CA ALA D 250 -12.25 -46.00 1.38
C ALA D 250 -13.49 -46.85 1.16
N THR D 251 -14.64 -46.18 1.08
CA THR D 251 -15.91 -46.86 0.90
C THR D 251 -16.41 -46.87 -0.55
N ASP D 252 -16.17 -45.76 -1.26
CA ASP D 252 -16.80 -45.52 -2.55
C ASP D 252 -16.02 -46.02 -3.78
N PHE D 253 -14.73 -46.30 -3.63
CA PHE D 253 -13.94 -46.61 -4.82
C PHE D 253 -14.40 -47.89 -5.55
N GLY D 254 -14.49 -49.00 -4.84
CA GLY D 254 -14.97 -50.23 -5.43
C GLY D 254 -16.33 -50.08 -6.08
N ASP D 255 -17.26 -49.44 -5.36
CA ASP D 255 -18.59 -49.17 -5.90
C ASP D 255 -18.56 -48.40 -7.21
N LEU D 256 -17.68 -47.40 -7.31
CA LEU D 256 -17.71 -46.52 -8.47
C LEU D 256 -17.06 -47.19 -9.67
N MET D 257 -16.13 -48.10 -9.44
CA MET D 257 -15.45 -48.77 -10.54
C MET D 257 -16.32 -49.86 -11.20
N GLN D 258 -17.18 -50.51 -10.42
CA GLN D 258 -18.02 -51.57 -10.95
C GLN D 258 -19.47 -51.22 -11.30
N ALA D 259 -19.81 -49.93 -11.26
CA ALA D 259 -21.11 -49.47 -11.70
C ALA D 259 -21.08 -49.21 -13.20
N ASP D 260 -22.10 -49.68 -13.92
CA ASP D 260 -22.11 -49.54 -15.37
C ASP D 260 -22.43 -48.11 -15.83
N TRP D 261 -23.14 -47.35 -14.99
CA TRP D 261 -23.49 -45.98 -15.35
C TRP D 261 -22.28 -45.08 -15.34
N VAL D 262 -21.25 -45.48 -14.60
CA VAL D 262 -19.99 -44.76 -14.56
C VAL D 262 -19.18 -45.09 -15.79
N ASN D 263 -19.07 -44.14 -16.71
CA ASN D 263 -18.43 -44.40 -18.00
C ASN D 263 -16.90 -44.65 -17.92
N GLY D 264 -16.37 -45.25 -18.98
CA GLY D 264 -14.97 -45.65 -19.01
C GLY D 264 -13.97 -44.53 -18.78
N GLY D 265 -14.39 -43.29 -19.05
CA GLY D 265 -13.52 -42.14 -18.91
C GLY D 265 -13.49 -41.65 -17.47
N MET D 266 -14.62 -41.78 -16.79
CA MET D 266 -14.70 -41.45 -15.36
C MET D 266 -13.98 -42.51 -14.52
N ARG D 267 -13.88 -43.73 -15.05
CA ARG D 267 -13.18 -44.81 -14.35
C ARG D 267 -11.68 -44.59 -14.45
N LEU D 268 -11.30 -43.66 -15.32
CA LEU D 268 -9.90 -43.26 -15.51
C LEU D 268 -9.47 -42.11 -14.64
N LYS D 269 -10.26 -41.03 -14.64
CA LYS D 269 -9.99 -39.89 -13.76
C LYS D 269 -9.91 -40.38 -12.32
N LEU D 270 -10.86 -41.24 -11.93
CA LEU D 270 -10.91 -41.77 -10.57
C LEU D 270 -9.65 -42.57 -10.17
N GLU D 271 -9.23 -43.51 -11.02
CA GLU D 271 -7.99 -44.29 -10.78
C GLU D 271 -6.77 -43.38 -10.59
N GLU D 272 -6.59 -42.47 -11.55
CA GLU D 272 -5.45 -41.56 -11.52
C GLU D 272 -5.54 -40.70 -10.25
N ILE D 273 -6.76 -40.27 -9.91
CA ILE D 273 -6.97 -39.43 -8.74
C ILE D 273 -6.61 -40.16 -7.47
N LYS D 274 -6.88 -41.47 -7.47
CA LYS D 274 -6.48 -42.33 -6.38
C LYS D 274 -4.95 -42.34 -6.26
N ARG D 275 -4.24 -42.49 -7.38
CA ARG D 275 -2.78 -42.57 -7.36
C ARG D 275 -2.12 -41.34 -6.71
N LEU D 276 -2.71 -40.17 -6.96
CA LEU D 276 -2.25 -38.94 -6.34
C LEU D 276 -2.50 -38.97 -4.84
N LEU D 277 -3.72 -39.31 -4.43
CA LEU D 277 -4.12 -39.19 -3.04
C LEU D 277 -3.47 -40.25 -2.17
N ASP D 278 -3.02 -41.33 -2.80
CA ASP D 278 -2.33 -42.39 -2.07
C ASP D 278 -0.91 -41.92 -1.78
N ASP D 279 -0.52 -40.82 -2.44
CA ASP D 279 0.84 -40.27 -2.31
C ASP D 279 0.82 -39.01 -1.45
N LEU D 280 -0.33 -38.68 -0.87
CA LEU D 280 -0.46 -37.51 -0.02
C LEU D 280 -0.85 -37.91 1.39
N PRO D 281 -0.77 -36.98 2.36
CA PRO D 281 -1.34 -37.25 3.69
C PRO D 281 -2.84 -37.43 3.61
N LEU D 282 -3.46 -37.93 4.69
CA LEU D 282 -4.92 -38.07 4.74
C LEU D 282 -5.63 -36.72 4.83
N SER D 283 -4.89 -35.66 5.12
CA SER D 283 -5.49 -34.35 5.32
C SER D 283 -5.68 -33.67 3.99
N SER D 284 -5.07 -34.24 2.96
CA SER D 284 -5.09 -33.65 1.62
C SER D 284 -6.28 -34.12 0.81
N SER D 285 -7.11 -33.18 0.38
CA SER D 285 -8.23 -33.50 -0.53
C SER D 285 -8.03 -33.02 -1.99
N VAL D 286 -8.76 -33.63 -2.93
CA VAL D 286 -8.78 -33.19 -4.33
C VAL D 286 -10.15 -32.63 -4.59
N SER D 287 -10.24 -31.46 -5.25
CA SER D 287 -11.54 -30.92 -5.64
C SER D 287 -11.59 -30.72 -7.14
N ILE D 288 -12.79 -30.88 -7.72
CA ILE D 288 -13.01 -30.58 -9.14
C ILE D 288 -14.12 -29.53 -9.29
N THR D 289 -13.82 -28.43 -9.96
CA THR D 289 -14.78 -27.34 -10.12
C THR D 289 -14.54 -26.58 -11.41
N ARG D 290 -15.32 -25.52 -11.56
CA ARG D 290 -15.11 -24.50 -12.55
C ARG D 290 -14.72 -23.24 -11.78
N PRO D 291 -14.00 -22.31 -12.45
CA PRO D 291 -13.49 -21.10 -11.83
C PRO D 291 -14.47 -20.32 -10.93
N SER D 292 -15.70 -20.08 -11.41
CA SER D 292 -16.68 -19.29 -10.65
C SER D 292 -17.13 -19.92 -9.31
N GLU D 293 -16.84 -21.20 -9.10
CA GLU D 293 -17.32 -21.88 -7.92
C GLU D 293 -16.19 -22.20 -6.96
N LEU D 294 -14.97 -21.82 -7.32
CA LEU D 294 -13.80 -22.17 -6.55
C LEU D 294 -13.83 -21.71 -5.10
N ALA D 295 -14.27 -20.47 -4.87
CA ALA D 295 -14.31 -19.93 -3.51
C ALA D 295 -15.26 -20.70 -2.60
N ARG D 296 -16.52 -20.81 -3.03
CA ARG D 296 -17.53 -21.63 -2.35
C ARG D 296 -16.98 -23.04 -2.13
N GLU D 297 -16.32 -23.57 -3.14
CA GLU D 297 -15.71 -24.90 -3.04
C GLU D 297 -14.61 -24.98 -2.00
N LEU D 298 -13.73 -23.98 -1.91
CA LEU D 298 -12.64 -24.02 -0.91
C LEU D 298 -13.06 -23.58 0.48
N PHE D 299 -13.91 -22.54 0.57
CA PHE D 299 -14.16 -21.90 1.87
C PHE D 299 -15.47 -22.30 2.58
N THR D 300 -16.12 -23.36 2.09
CA THR D 300 -17.32 -23.88 2.74
C THR D 300 -17.23 -25.39 2.95
N HIS D 301 -17.95 -25.90 3.96
CA HIS D 301 -18.02 -27.34 4.20
C HIS D 301 -18.87 -27.92 3.06
N ALA D 302 -20.00 -27.24 2.82
CA ALA D 302 -20.95 -27.60 1.78
C ALA D 302 -20.26 -27.87 0.46
N GLY D 303 -19.24 -27.09 0.15
CA GLY D 303 -18.50 -27.20 -1.10
C GLY D 303 -19.27 -26.64 -2.30
N SER D 304 -18.77 -26.95 -3.50
CA SER D 304 -19.45 -26.57 -4.73
C SER D 304 -18.78 -27.29 -5.93
N GLY D 305 -18.69 -28.61 -5.87
CA GLY D 305 -18.06 -29.39 -6.91
C GLY D 305 -17.94 -30.83 -6.45
N THR D 306 -16.83 -31.46 -6.79
CA THR D 306 -16.60 -32.84 -6.39
C THR D 306 -15.34 -33.04 -5.56
N LEU D 307 -15.52 -33.16 -4.25
CA LEU D 307 -14.45 -33.46 -3.31
C LEU D 307 -14.16 -34.94 -3.35
N ILE D 308 -12.88 -35.31 -3.36
CA ILE D 308 -12.48 -36.72 -3.41
C ILE D 308 -11.33 -36.92 -2.41
N ARG D 309 -11.57 -37.67 -1.35
CA ARG D 309 -10.56 -37.93 -0.34
C ARG D 309 -10.31 -39.41 -0.27
N ARG D 310 -9.26 -39.80 0.44
CA ARG D 310 -9.00 -41.20 0.71
C ARG D 310 -9.98 -41.68 1.77
N GLY D 311 -10.29 -40.76 2.69
CA GLY D 311 -11.33 -40.93 3.69
C GLY D 311 -11.08 -42.06 4.68
N GLU D 312 -12.16 -42.73 5.04
CA GLU D 312 -12.08 -43.78 6.06
C GLU D 312 -13.21 -44.80 5.99
N ARG D 313 -12.93 -46.00 6.52
CA ARG D 313 -13.88 -47.10 6.46
C ARG D 313 -15.11 -46.80 7.30
N MET D 314 -16.15 -47.60 7.11
CA MET D 314 -17.36 -47.43 7.89
C MET D 314 -17.92 -48.80 8.33
N VAL D 315 -18.36 -48.93 9.58
CA VAL D 315 -19.07 -50.14 10.01
C VAL D 315 -20.60 -49.97 9.98
N ALA D 316 -21.30 -51.04 9.63
CA ALA D 316 -22.75 -51.01 9.74
C ALA D 316 -23.14 -52.13 10.67
N THR D 317 -23.70 -51.78 11.81
CA THR D 317 -23.95 -52.84 12.78
C THR D 317 -25.35 -52.80 13.41
N ASP D 318 -25.83 -53.97 13.83
CA ASP D 318 -27.10 -54.06 14.55
C ASP D 318 -26.84 -54.42 16.02
N ASP D 319 -25.68 -55.00 16.30
CA ASP D 319 -25.28 -55.31 17.67
C ASP D 319 -24.68 -54.10 18.37
N LYS D 320 -25.37 -53.61 19.39
CA LYS D 320 -24.93 -52.42 20.11
C LYS D 320 -23.63 -52.68 20.91
N SER D 321 -23.47 -53.91 21.40
CA SER D 321 -22.30 -54.23 22.22
C SER D 321 -21.02 -54.07 21.40
N SER D 322 -21.17 -54.10 20.07
CA SER D 322 -20.04 -53.97 19.15
C SER D 322 -19.67 -52.52 18.81
N LEU D 323 -20.24 -51.57 19.54
CA LEU D 323 -19.98 -50.16 19.33
C LEU D 323 -19.28 -49.61 20.53
N ASP D 324 -18.82 -48.37 20.40
CA ASP D 324 -18.08 -47.68 21.47
C ASP D 324 -18.92 -46.52 21.98
N LEU D 325 -19.77 -46.79 22.96
CA LEU D 325 -20.74 -45.81 23.41
C LEU D 325 -20.06 -44.57 24.03
N GLY D 326 -18.82 -44.74 24.49
CA GLY D 326 -18.07 -43.64 25.05
C GLY D 326 -17.79 -42.58 24.03
N ARG D 327 -17.25 -43.02 22.88
CA ARG D 327 -16.90 -42.13 21.79
C ARG D 327 -18.14 -41.54 21.14
N LEU D 328 -19.22 -42.32 21.11
CA LEU D 328 -20.48 -41.84 20.55
C LEU D 328 -21.07 -40.71 21.38
N ASP D 329 -20.98 -40.85 22.69
CA ASP D 329 -21.52 -39.82 23.55
C ASP D 329 -20.73 -38.52 23.37
N ASN D 330 -19.42 -38.66 23.14
CA ASN D 330 -18.54 -37.52 22.91
C ASN D 330 -19.00 -36.84 21.66
N LEU D 331 -19.17 -37.67 20.63
CA LEU D 331 -19.66 -37.24 19.34
C LEU D 331 -21.00 -36.48 19.46
N VAL D 332 -22.03 -37.12 20.04
CA VAL D 332 -23.33 -36.46 20.24
C VAL D 332 -23.18 -35.11 20.94
N LYS D 333 -22.43 -35.11 22.05
CA LYS D 333 -22.16 -33.90 22.83
C LYS D 333 -21.56 -32.78 21.99
N ALA D 334 -20.55 -33.15 21.20
CA ALA D 334 -19.76 -32.18 20.44
C ALA D 334 -20.55 -31.66 19.27
N ALA D 335 -21.43 -32.51 18.76
CA ALA D 335 -22.15 -32.22 17.53
C ALA D 335 -23.40 -31.39 17.78
N PHE D 336 -24.11 -31.69 18.86
CA PHE D 336 -25.36 -31.00 19.14
C PHE D 336 -25.18 -29.84 20.09
N GLY D 337 -24.06 -29.84 20.82
CA GLY D 337 -23.77 -28.81 21.82
C GLY D 337 -24.43 -29.09 23.15
N ARG D 338 -25.28 -30.11 23.18
CA ARG D 338 -25.98 -30.53 24.40
C ARG D 338 -25.75 -32.04 24.50
N PRO D 339 -25.80 -32.59 25.73
CA PRO D 339 -25.58 -34.04 25.96
C PRO D 339 -26.87 -34.92 25.99
N ALA D 340 -26.72 -36.22 25.74
CA ALA D 340 -27.85 -37.15 25.81
C ALA D 340 -28.38 -37.26 27.25
N VAL D 341 -29.70 -37.39 27.42
CA VAL D 341 -30.31 -37.52 28.74
C VAL D 341 -29.88 -38.84 29.39
N GLU D 342 -30.05 -38.92 30.71
CA GLU D 342 -29.59 -40.06 31.52
C GLU D 342 -30.10 -41.42 31.07
N GLY D 343 -29.17 -42.37 30.96
CA GLY D 343 -29.53 -43.73 30.61
C GLY D 343 -29.95 -43.91 29.16
N TYR D 344 -29.77 -42.87 28.34
CA TYR D 344 -30.20 -42.94 26.94
C TYR D 344 -29.55 -44.13 26.24
N TRP D 345 -28.27 -44.35 26.53
CA TRP D 345 -27.49 -45.37 25.84
C TRP D 345 -27.80 -46.81 26.24
N ASP D 346 -27.82 -47.08 27.56
CA ASP D 346 -28.16 -48.40 28.05
C ASP D 346 -29.57 -48.75 27.58
N ARG D 347 -30.39 -47.71 27.43
CA ARG D 347 -31.80 -47.86 27.10
C ARG D 347 -32.03 -47.86 25.60
N LEU D 348 -31.05 -47.38 24.85
CA LEU D 348 -31.17 -47.25 23.41
C LEU D 348 -31.45 -48.58 22.73
N ARG D 349 -32.41 -48.56 21.82
CA ARG D 349 -32.75 -49.76 21.09
C ARG D 349 -31.67 -50.20 20.13
N VAL D 350 -31.64 -49.54 18.97
CA VAL D 350 -30.71 -49.80 17.87
C VAL D 350 -31.27 -50.85 16.95
N ASP D 351 -31.80 -50.38 15.84
CA ASP D 351 -32.14 -51.21 14.72
C ASP D 351 -30.87 -51.38 13.93
N ARG D 352 -30.27 -50.25 13.59
CA ARG D 352 -29.01 -50.28 12.87
C ARG D 352 -28.22 -49.01 13.15
N ALA D 353 -26.94 -49.17 13.47
CA ALA D 353 -26.08 -48.02 13.64
C ALA D 353 -25.06 -47.97 12.53
N PHE D 354 -24.83 -46.77 12.01
CA PHE D 354 -23.82 -46.53 10.97
C PHE D 354 -22.80 -45.53 11.49
N VAL D 355 -21.61 -46.00 11.85
CA VAL D 355 -20.61 -45.14 12.44
C VAL D 355 -19.35 -45.24 11.60
N THR D 356 -18.71 -44.09 11.42
CA THR D 356 -17.51 -44.09 10.61
C THR D 356 -16.28 -44.36 11.46
N GLU D 357 -15.28 -44.99 10.87
CA GLU D 357 -14.11 -45.52 11.60
C GLU D 357 -13.55 -44.62 12.70
N SER D 358 -13.82 -43.31 12.64
CA SER D 358 -13.24 -42.37 13.60
C SER D 358 -14.28 -41.75 14.55
N TYR D 359 -15.51 -42.25 14.49
CA TYR D 359 -16.57 -41.75 15.36
C TYR D 359 -16.76 -40.24 15.27
N ARG D 360 -16.58 -39.66 14.07
CA ARG D 360 -16.76 -38.22 13.86
C ARG D 360 -18.05 -37.91 13.14
N ALA D 361 -18.70 -38.98 12.70
CA ALA D 361 -19.99 -38.91 12.05
C ALA D 361 -20.71 -40.23 12.32
N ALA D 362 -21.92 -40.16 12.85
CA ALA D 362 -22.64 -41.40 13.06
C ALA D 362 -24.13 -41.22 12.82
N ALA D 363 -24.77 -42.27 12.30
CA ALA D 363 -26.22 -42.34 12.27
C ALA D 363 -26.71 -43.60 12.97
N ILE D 364 -27.68 -43.44 13.85
CA ILE D 364 -28.27 -44.57 14.57
C ILE D 364 -29.77 -44.63 14.37
N THR D 365 -30.23 -45.75 13.81
CA THR D 365 -31.67 -45.97 13.60
C THR D 365 -32.34 -46.83 14.68
N THR D 366 -33.57 -46.46 15.03
CA THR D 366 -34.45 -47.28 15.87
C THR D 366 -35.69 -47.69 15.07
N ARG D 367 -36.73 -48.11 15.79
CA ARG D 367 -38.01 -48.51 15.17
C ARG D 367 -39.15 -47.71 15.78
N LEU D 368 -40.16 -47.41 14.97
CA LEU D 368 -41.28 -46.62 15.47
C LEU D 368 -42.58 -47.02 14.76
N ASP D 369 -43.45 -47.75 15.48
CA ASP D 369 -44.70 -48.29 14.94
C ASP D 369 -44.37 -49.12 13.70
N GLY D 370 -43.23 -49.81 13.78
CA GLY D 370 -42.76 -50.62 12.68
C GLY D 370 -41.86 -49.83 11.73
N TRP D 371 -42.10 -48.53 11.59
CA TRP D 371 -41.30 -47.72 10.68
C TRP D 371 -39.89 -47.49 11.20
N VAL D 372 -38.91 -47.43 10.30
CA VAL D 372 -37.54 -47.07 10.65
C VAL D 372 -37.41 -45.57 10.91
N TYR D 373 -36.80 -45.25 12.04
CA TYR D 373 -36.69 -43.88 12.54
C TYR D 373 -35.23 -43.53 12.79
N LEU D 374 -34.85 -42.27 12.56
CA LEU D 374 -33.46 -41.85 12.79
C LEU D 374 -33.35 -41.15 14.14
N ASP D 375 -32.76 -41.81 15.13
CA ASP D 375 -32.75 -41.24 16.47
C ASP D 375 -31.64 -40.22 16.56
N LYS D 376 -30.49 -40.56 15.96
CA LYS D 376 -29.31 -39.71 16.00
C LYS D 376 -28.61 -39.57 14.65
N PHE D 377 -28.40 -38.34 14.25
CA PHE D 377 -27.50 -38.04 13.13
C PHE D 377 -26.54 -37.02 13.67
N ALA D 378 -25.29 -37.47 13.87
CA ALA D 378 -24.28 -36.64 14.51
C ALA D 378 -23.05 -36.47 13.64
N VAL D 379 -22.81 -35.23 13.22
CA VAL D 379 -21.58 -34.93 12.49
C VAL D 379 -20.80 -33.71 13.01
N LEU D 380 -19.51 -33.86 13.25
CA LEU D 380 -18.70 -32.72 13.69
C LEU D 380 -18.49 -31.80 12.51
N ASP D 381 -18.32 -30.51 12.77
CA ASP D 381 -18.17 -29.55 11.68
C ASP D 381 -17.16 -30.04 10.65
N ASP D 382 -15.93 -30.25 11.11
CA ASP D 382 -14.86 -30.72 10.24
C ASP D 382 -15.24 -32.01 9.47
N ALA D 383 -15.94 -32.93 10.11
CA ALA D 383 -16.31 -34.18 9.45
C ALA D 383 -17.30 -33.96 8.31
N ARG D 384 -18.22 -33.01 8.51
CA ARG D 384 -19.20 -32.62 7.50
C ARG D 384 -18.48 -32.19 6.22
N GLY D 385 -17.35 -31.48 6.39
CA GLY D 385 -16.60 -30.96 5.26
C GLY D 385 -15.73 -31.96 4.51
N GLU D 386 -15.44 -33.09 5.12
CA GLU D 386 -14.70 -34.17 4.45
C GLU D 386 -15.68 -35.11 3.76
N GLY D 387 -16.98 -34.78 3.84
CA GLY D 387 -18.01 -35.53 3.16
C GLY D 387 -18.39 -36.80 3.90
N LEU D 388 -18.02 -36.86 5.17
CA LEU D 388 -18.27 -38.03 6.00
C LEU D 388 -19.69 -37.99 6.52
N GLY D 389 -20.19 -36.80 6.83
CA GLY D 389 -21.60 -36.66 7.15
C GLY D 389 -22.41 -37.26 6.02
N ARG D 390 -22.00 -36.98 4.79
CA ARG D 390 -22.72 -37.47 3.63
C ARG D 390 -22.59 -38.97 3.49
N THR D 391 -21.36 -39.48 3.52
CA THR D 391 -21.10 -40.91 3.40
C THR D 391 -22.01 -41.76 4.28
N VAL D 392 -22.04 -41.42 5.57
CA VAL D 392 -22.86 -42.11 6.54
C VAL D 392 -24.34 -41.98 6.13
N TRP D 393 -24.77 -40.75 5.83
CA TRP D 393 -26.16 -40.52 5.39
C TRP D 393 -26.54 -41.39 4.19
N ASN D 394 -25.68 -41.40 3.18
CA ASN D 394 -25.96 -42.18 1.97
C ASN D 394 -26.08 -43.68 2.28
N ARG D 395 -25.31 -44.20 3.23
CA ARG D 395 -25.39 -45.62 3.51
C ARG D 395 -26.65 -45.94 4.29
N MET D 396 -27.06 -44.99 5.12
CA MET D 396 -28.25 -45.19 5.94
C MET D 396 -29.53 -45.23 5.11
N VAL D 397 -29.75 -44.23 4.25
CA VAL D 397 -30.95 -44.21 3.39
C VAL D 397 -30.94 -45.26 2.28
N ASP D 398 -29.83 -45.95 2.11
CA ASP D 398 -29.80 -47.08 1.21
C ASP D 398 -30.33 -48.30 1.94
N TYR D 399 -30.30 -48.25 3.27
CA TYR D 399 -30.83 -49.31 4.13
C TYR D 399 -32.26 -48.99 4.53
N ALA D 400 -32.54 -47.70 4.60
CA ALA D 400 -33.85 -47.25 5.05
C ALA D 400 -34.51 -46.37 4.01
N PRO D 401 -35.06 -47.00 2.94
CA PRO D 401 -35.82 -46.33 1.89
C PRO D 401 -37.01 -45.58 2.47
N GLN D 402 -37.62 -46.14 3.49
CA GLN D 402 -38.71 -45.46 4.17
C GLN D 402 -38.24 -45.12 5.55
N LEU D 403 -38.09 -43.81 5.77
CA LEU D 403 -37.43 -43.32 6.94
C LEU D 403 -38.20 -42.15 7.53
N ILE D 404 -38.26 -42.09 8.87
CA ILE D 404 -38.85 -40.94 9.55
C ILE D 404 -37.77 -40.38 10.50
N TRP D 405 -37.76 -39.07 10.71
CA TRP D 405 -36.82 -38.45 11.63
C TRP D 405 -37.28 -37.04 11.97
N ARG D 406 -36.66 -36.41 12.97
CA ARG D 406 -37.09 -35.09 13.38
C ARG D 406 -35.92 -34.19 13.72
N SER D 407 -36.20 -32.92 13.94
CA SER D 407 -35.13 -31.97 14.07
C SER D 407 -35.72 -30.69 14.59
N ARG D 408 -35.04 -30.11 15.59
CA ARG D 408 -35.51 -28.90 16.22
C ARG D 408 -35.55 -27.88 15.13
N THR D 409 -36.41 -26.87 15.23
CA THR D 409 -36.55 -26.02 14.05
C THR D 409 -35.35 -25.10 13.81
N ASN D 410 -34.42 -25.05 14.76
CA ASN D 410 -33.23 -24.21 14.61
C ASN D 410 -31.94 -25.00 14.36
N ASN D 411 -32.08 -26.31 14.15
CA ASN D 411 -30.98 -27.14 13.72
C ASN D 411 -30.55 -26.56 12.36
N PRO D 412 -29.28 -26.14 12.24
CA PRO D 412 -28.91 -25.60 10.93
C PRO D 412 -28.81 -26.70 9.88
N VAL D 413 -28.82 -27.94 10.37
CA VAL D 413 -28.83 -29.09 9.48
C VAL D 413 -30.17 -29.18 8.70
N ASN D 414 -31.20 -28.47 9.18
CA ASN D 414 -32.54 -28.43 8.52
C ASN D 414 -32.52 -28.29 7.00
N GLY D 415 -31.70 -27.37 6.49
CA GLY D 415 -31.62 -27.19 5.05
C GLY D 415 -31.29 -28.47 4.30
N PHE D 416 -30.33 -29.24 4.82
CA PHE D 416 -29.90 -30.49 4.19
C PHE D 416 -30.98 -31.56 4.33
N TYR D 417 -31.63 -31.57 5.49
CA TYR D 417 -32.69 -32.52 5.71
C TYR D 417 -33.77 -32.23 4.71
N PHE D 418 -34.13 -30.94 4.61
CA PHE D 418 -35.18 -30.54 3.68
C PHE D 418 -34.90 -30.98 2.26
N GLU D 419 -33.64 -30.82 1.83
CA GLU D 419 -33.21 -31.24 0.50
C GLU D 419 -33.20 -32.76 0.36
N GLU D 420 -33.31 -33.46 1.48
CA GLU D 420 -33.27 -34.91 1.43
C GLU D 420 -34.63 -35.52 1.70
N CYS D 421 -35.58 -34.72 2.19
CA CYS D 421 -36.91 -35.25 2.53
C CYS D 421 -37.83 -35.42 1.32
N ASP D 422 -38.90 -36.19 1.51
CA ASP D 422 -39.94 -36.31 0.48
C ASP D 422 -41.18 -35.65 1.05
N GLY D 423 -41.08 -35.27 2.32
CA GLY D 423 -42.15 -34.59 3.03
C GLY D 423 -41.73 -34.03 4.38
N ALA D 424 -42.60 -33.19 4.96
CA ALA D 424 -42.33 -32.51 6.20
C ALA D 424 -43.63 -32.01 6.82
N VAL D 425 -43.71 -31.98 8.14
CA VAL D 425 -44.80 -31.30 8.83
C VAL D 425 -44.07 -30.37 9.80
N ARG D 426 -44.57 -29.16 10.00
CA ARG D 426 -43.87 -28.21 10.87
C ARG D 426 -44.74 -27.69 12.00
N ARG D 427 -44.29 -27.94 13.23
CA ARG D 427 -44.80 -27.23 14.40
C ARG D 427 -43.68 -26.32 14.89
N ASP D 428 -43.96 -25.55 15.93
CA ASP D 428 -43.03 -24.55 16.45
C ASP D 428 -41.65 -25.07 16.88
N GLU D 429 -41.64 -26.09 17.73
CA GLU D 429 -40.40 -26.57 18.31
C GLU D 429 -39.72 -27.68 17.48
N TRP D 430 -40.49 -28.66 17.01
CA TRP D 430 -39.91 -29.72 16.18
C TRP D 430 -40.49 -29.69 14.75
N THR D 431 -39.88 -30.47 13.88
CA THR D 431 -40.35 -30.62 12.51
C THR D 431 -40.06 -32.06 12.20
N VAL D 432 -41.04 -32.76 11.63
CA VAL D 432 -40.83 -34.16 11.33
C VAL D 432 -40.63 -34.30 9.84
N PHE D 433 -39.62 -35.06 9.48
CA PHE D 433 -39.37 -35.29 8.07
C PHE D 433 -39.68 -36.73 7.83
N TRP D 434 -39.93 -37.09 6.58
CA TRP D 434 -40.04 -38.49 6.27
C TRP D 434 -39.52 -38.64 4.86
N ARG D 435 -39.37 -39.89 4.43
CA ARG D 435 -38.71 -40.14 3.18
C ARG D 435 -39.09 -41.49 2.58
N GLY D 436 -39.24 -41.50 1.27
CA GLY D 436 -39.55 -42.71 0.55
C GLY D 436 -41.01 -42.88 0.31
N GLU D 437 -41.58 -41.87 -0.36
CA GLU D 437 -42.91 -41.88 -0.94
C GLU D 437 -43.83 -42.98 -0.35
N MET D 438 -44.68 -42.62 0.61
CA MET D 438 -45.57 -43.61 1.23
C MET D 438 -46.96 -43.05 1.58
N GLY D 439 -47.65 -42.54 0.58
CA GLY D 439 -49.04 -42.11 0.70
C GLY D 439 -49.39 -41.36 1.97
N PRO D 440 -49.11 -40.04 2.01
CA PRO D 440 -49.30 -39.15 3.16
C PRO D 440 -50.62 -39.29 4.00
N VAL D 441 -51.28 -40.45 4.01
CA VAL D 441 -52.40 -40.69 4.94
C VAL D 441 -51.99 -41.58 6.12
N GLU D 442 -50.96 -42.38 5.88
CA GLU D 442 -50.46 -43.39 6.78
C GLU D 442 -49.25 -42.78 7.46
N VAL D 443 -48.78 -41.65 6.91
CA VAL D 443 -47.66 -40.91 7.49
C VAL D 443 -48.16 -39.92 8.52
N ALA D 444 -49.45 -39.60 8.46
CA ALA D 444 -50.08 -38.74 9.45
C ALA D 444 -50.02 -39.45 10.79
N ASP D 445 -50.04 -40.78 10.72
CA ASP D 445 -50.02 -41.63 11.88
C ASP D 445 -48.62 -41.61 12.46
N VAL D 446 -47.60 -41.85 11.63
CA VAL D 446 -46.23 -41.94 12.13
C VAL D 446 -45.61 -40.58 12.45
N VAL D 447 -46.13 -39.53 11.84
CA VAL D 447 -45.64 -38.18 12.13
C VAL D 447 -46.01 -37.77 13.57
N GLU D 448 -47.27 -37.99 13.94
CA GLU D 448 -47.77 -37.74 15.30
C GLU D 448 -47.00 -38.49 16.40
N LYS D 449 -46.76 -39.78 16.16
CA LYS D 449 -46.00 -40.62 17.08
C LYS D 449 -44.58 -40.09 17.26
N ALA D 450 -44.09 -39.41 16.22
CA ALA D 450 -42.73 -38.89 16.23
C ALA D 450 -42.67 -37.60 17.01
N PHE D 451 -43.69 -36.77 16.87
CA PHE D 451 -43.74 -35.54 17.65
C PHE D 451 -43.85 -35.85 19.14
N ALA D 452 -44.53 -36.95 19.46
CA ALA D 452 -44.82 -37.32 20.86
C ALA D 452 -43.56 -37.72 21.64
N LEU D 453 -42.65 -38.43 20.98
CA LEU D 453 -41.46 -39.02 21.59
C LEU D 453 -40.76 -38.10 22.57
N PRO D 454 -40.32 -38.67 23.71
CA PRO D 454 -39.55 -37.95 24.70
C PRO D 454 -38.28 -37.47 24.06
N PRO D 455 -37.78 -36.33 24.52
CA PRO D 455 -36.45 -35.91 24.08
C PRO D 455 -35.44 -36.97 24.51
N THR D 456 -34.26 -36.95 23.89
CA THR D 456 -33.21 -37.89 24.23
C THR D 456 -31.96 -37.08 24.52
N LEU D 457 -32.11 -35.76 24.40
CA LEU D 457 -31.07 -34.75 24.63
C LEU D 457 -31.73 -33.69 25.50
N GLU D 458 -30.95 -32.80 26.13
CA GLU D 458 -31.58 -31.79 26.99
C GLU D 458 -31.85 -30.45 26.24
N ALA D 459 -31.32 -29.35 26.78
CA ALA D 459 -31.52 -27.97 26.29
C ALA D 459 -32.22 -27.74 24.95
#